data_7ZGR
#
_entry.id   7ZGR
#
_cell.length_a   1.00
_cell.length_b   1.00
_cell.length_c   1.00
_cell.angle_alpha   90.00
_cell.angle_beta   90.00
_cell.angle_gamma   90.00
#
_symmetry.space_group_name_H-M   'P 1'
#
loop_
_entity.id
_entity.type
_entity.pdbx_description
1 polymer 'Protein CFT1'
2 polymer "mRNA 3'-end-processing protein YTH1"
3 polymer 'Cleavage factor two protein 2'
4 polymer 'Polyadenylation factor subunit 2'
5 polymer 'pre-cleaved CYC1'
6 polymer 'MPE1 isoform 1'
7 non-polymer 'ZINC ION'
#
loop_
_entity_poly.entity_id
_entity_poly.type
_entity_poly.pdbx_seq_one_letter_code
_entity_poly.pdbx_strand_id
1 'polypeptide(L)'
;MNVYDDVLDATVVSHSLATHFTTSDYEELLVVRTNILSVYRPTRDGKLYLTDEFKFHGLITDIGLIPQKDSPLSCLLLCT
GVAKISILKFNTLTNSIDTLSLHYYEGKFKGKSLVELAKISTLRMDPGSSCALLFNNDIIAFLPFHVNKNDDDEEEEDED
ENIDDSELIHSMNQKSQGTNTFNKRKRTKLGDKFTAPSVVLVASELYEGAKNIIDIQFLKNFTKPTIALLYQPKLVWAGN
TTISKLPTQYVILTLNIQPAESATKIESTTIAFVKELPWDLHTIVPVSNGAIIVGTNELAFLDNTGVLQSTVLLNSFADK
ELQKTKIINNSSLEIMFREKNTTSIWIPSSKSKNGGSNNDETLLLMDLKSNIYYIQMEAEGRLLIKFDIFKLPIVNDLLK
ENSNPKCITRLNATNSNKNMDLFIGFGSGNALVLRLNNLKSTIETREAHNPSSGTNSLMDINDDDDEEMDDLYADEAPEN
GLTTNDSKGTVETVQPFDIELLSSLRNVGPITSLTVGKVSSIDDVVKGLPNPNKNEYSLVATSGNGSGSHLTVIQTSVQP
EIELALKFISITQIWNLKIKGRDRYLITTDSTKSRSDIYESDNNFKLHKGGRLRRDATTVYISMFGEEKRIIQVTTNHLY
LYDTHFRRLTTIKFDYEVIHVSVMDPYILVTVSRGDIKIFELEEKNKRKLLKVDLPEILNEMVITSGLILKSNMCNEFLI
GLSKSQEEQLLFTFVTADNQIIFFTKDHNDRIFQLNGVDQLNESLYISTYQLGDEIVPDPSIKQVMINKLGHDNKEEYLT
ILTFGGEIYQYRKLPQRRSRFYRNVTRNDLAITGAPDNAYAKGVSSIERIMHYFPDYNGYSVIFVTGSVPYILIKEDDST
PKIFKFGNIPLVSVTPWSERSVMCVDDIKNARVYTLTTDNMYYGNKLPLKQIKISNVLDDYKTLQKLVYHERAQLFLVSY
CKRVPYEALGEDGEKVIGYDENVPHAEGFQSGILLINPKSWKVIDKIDFPKNSVVNEMRSSMIQINSKTKRKREYIIAGV
ANATTEDTPPTGAFHIYDVIEVVPEPGKPDTNYKLKEIFQEEVSGTVSTVCEVSGRFMISQSQKVLVRDIQEDNSVIPVA
FLDIPVFVTDSKSFGNLLIIGDAMQGFQFIGFDAEPYRMISLGRSMSKFQTMSLEFLVNGGDMYFAATDADRNVHVLKYA
PDEPNSLSGQRLVHCSSFTLHSTNSCMMLLPRNEEFGSPQVPSFQNVGGQVDGSVFKIVPLSEEKYRRLYVIQQQIIDRE
LQLGGLNPRMERLANDFYQMGHSMRPMLDFNVIRRFCGLAIDRRKSIAQKAGRHAHFEAWRDIINIEFSMRSLCQGK
;
A
2 'polypeptide(L)'
;MSLIHPDTAKYPFKFEPFLRQEYSFSLDPDRPICEFYNSREGPKSCPRGPLCPKKHVLPIFQNKIVCRHWLRGLCKKNDQ
CEYLHEYNLRKMPECVFFSKNGYCTQSPDCQYLHIDPASKIPKCENYEMGFCPLGSSCPRRHIKKVFCQRYMTGFCPLGK
DECDMEHPQFIIPDEGSKLRIKRDDEINTRKMDEEKERRLNAIINGEV
;
B
3 'polypeptide(L)'
;MTYKYNCCDDGSGTTVGSVVRFDNVTLLIDPGWNPSKVSYEQCIKYWEKVIPEIDVIILSQPTIECLGAHSLLYYNFTSH
FISRIQVYATLPVINLGRVSTIDSYASAGVIGPYDTNKLDLEDIEISFDHIVPLKYSQLVDLRSRYDGLTLLAYNAGVCP
GGSIWCISTYSEKLVYAKRWNHTRDNILNAASILDATGKPLSTLMRPSAIITTLDRFGSSQPFKKRSKIFKDTLKKGLSS
DGSVIIPVDMSGKFLDLFTQVHELLFESTKINAHTQVPVLILSYARGRTLTYAKSMLEWLSPSLLKTWENRNNTSPFEIG
SRIKIIAPNELSKYPGSKICFVSEVGALINEVIIKVGNSEKTTLILTKPSFECASSLDKILEIVEQDERNWKTFPEDGKS
FLCDNYISIDTIKEEPLSKEETEAFKVQLKEKKRDRNKKILLVKRESKKLANGNAIIDDTNGERAMRNQDILVENVNGVP
PIDHIMGGDEDDDEEEENDNLLNLLKDNSEKSAAKKNTEVPVDIIIQPSAASKHKMFPFNPAKIKKDDYGTVVDFTMFLP
DDSDNVNQNSRKRPLKDGAKTTSPVNEEDNKNEEEDGYNMSDPISKRSKHRASRYSGFSGTGEAENFDNLDYLKIDKTLS
KRTISTVNVQLKCSVVILNLQSLVDQRSASIIWPSLKSRKIVLSAPKQIQNEEITAKLIKKNIEVVNMPLNKIVEFSTTI
;
C
4 'polypeptide(L)'
;MDGHNQNQYQNQNQIQQSQQPPLKKYVTQRRSVDVSSPYINLYYNRRHGLPNLVVEPETSYTIDIMPPNAYRGRDRVINL
PSKFTHLSSNKVKHVIPAIQWTPEGRRLVVATYSGEFSLWNASSFTFETLMQAHDSAVTTMKYSHDSDWMISGDADGMIK
IWQPNFSMVKEIDAAHTESIRDMAFSSNDSKFVTCSDDNILKIWNFSNGKQERVLSGHHWDVKSCDWHPEMGLIASASKD
NLVKLWDPRSGNCISSILKFKHTVLKTRFQPTKGNLLMAISKDKSCRVFDIRYSMKELMCVRDETDYMTLEWHPINESMF
TLACYDGSLKHFDLLQNLNEPILTIPYAHDKCITSLSYNPVGHIFATAAKDRTIRFWTRARPIDPNAYDDPTYNNKKING
WFFGINNDINAVREKSEFGAAPPPPATLEPHALPNMNGFINKKPRQEIPGIDSNIKSSTLPGLSI
;
D
5 'polyribonucleotide' UUUAUAGUUAUGUUAGUAUUAAGAACGUUAUUUAUAUUUCAA E
6 'polypeptide(L)'
;MSSTIFYRFKSQRNTSRILFDGTGLTVFDLKREIIQENKLGDGTDFQLKIYNPDTEEEYDDDAFVIPRSTSVIVKRSPAI
KSFSVHSRLKGNVGAAALGNATRYVTGRPRVLQKRQHTATTTANVSGTTEEERIASMFATQENQWEQTQEEMSAATPVFF
KSQTNKNSAQENEGPPPPGYMCYRCGGRDHWIKNCPTNSDPNFEGKRIRRTTGIPKKFLKSIEIDPETMTPEEMAQRKIM
ITDEGKFVVQVEDKQSWEDYQRKRENRQIDGDETIWRKGHFKDLPDDLKCPLTGGLLRQPVKTSKCCNIDFSKEALENAL
VESDFVCPNCETRDILLDSLVPDQDKEKEVETFLKKQEELHGSSKDGNQPETKKMKLMDPTGTAGLNNNTSLPTSVNNGG
TPVPPVPLPFGIPPFPMFPMPFMPPTATITNPHQADASPKK
;
F
#
loop_
_chem_comp.id
_chem_comp.type
_chem_comp.name
_chem_comp.formula
A RNA linking ADENOSINE-5'-MONOPHOSPHATE 'C10 H14 N5 O7 P'
C RNA linking CYTIDINE-5'-MONOPHOSPHATE 'C9 H14 N3 O8 P'
G RNA linking GUANOSINE-5'-MONOPHOSPHATE 'C10 H14 N5 O8 P'
U RNA linking URIDINE-5'-MONOPHOSPHATE 'C9 H13 N2 O9 P'
ZN non-polymer 'ZINC ION' 'Zn 2'
#
# COMPACT_ATOMS: atom_id res chain seq x y z
N MET A 1 17.01 3.23 10.96
CA MET A 1 17.02 2.09 11.88
C MET A 1 15.60 1.66 12.23
N ASN A 2 15.00 0.87 11.35
CA ASN A 2 13.62 0.42 11.50
C ASN A 2 13.49 -1.00 10.99
N VAL A 3 12.47 -1.70 11.47
CA VAL A 3 12.15 -3.05 11.03
C VAL A 3 10.69 -3.11 10.64
N TYR A 4 10.41 -3.82 9.56
CA TYR A 4 9.06 -3.93 9.01
C TYR A 4 8.53 -5.32 9.29
N ASP A 5 7.29 -5.40 9.81
CA ASP A 5 6.66 -6.68 10.09
C ASP A 5 5.21 -6.63 9.62
N ASP A 6 4.66 -7.80 9.33
CA ASP A 6 3.28 -7.95 8.89
C ASP A 6 2.43 -8.36 10.08
N VAL A 7 1.59 -7.44 10.55
CA VAL A 7 0.65 -7.76 11.63
C VAL A 7 -0.41 -8.74 11.14
N LEU A 8 -0.97 -8.47 9.97
CA LEU A 8 -1.94 -9.36 9.34
C LEU A 8 -1.43 -9.79 7.98
N ASP A 9 -1.80 -10.98 7.56
CA ASP A 9 -1.50 -11.46 6.22
C ASP A 9 -2.61 -11.03 5.26
N ALA A 10 -2.27 -10.98 3.98
CA ALA A 10 -3.23 -10.53 2.98
C ALA A 10 -4.41 -11.49 2.89
N THR A 11 -5.58 -10.92 2.59
CA THR A 11 -6.80 -11.70 2.46
C THR A 11 -7.47 -11.58 1.10
N VAL A 12 -7.16 -10.55 0.31
CA VAL A 12 -7.78 -10.39 -0.99
C VAL A 12 -7.17 -11.41 -1.95
N VAL A 13 -8.02 -12.27 -2.51
CA VAL A 13 -7.55 -13.28 -3.46
C VAL A 13 -7.42 -12.62 -4.83
N SER A 14 -6.21 -12.69 -5.40
CA SER A 14 -5.93 -12.07 -6.68
C SER A 14 -5.79 -13.07 -7.83
N HIS A 15 -5.46 -14.32 -7.54
CA HIS A 15 -5.30 -15.34 -8.57
C HIS A 15 -5.77 -16.67 -8.02
N SER A 16 -6.15 -17.56 -8.94
CA SER A 16 -6.57 -18.90 -8.57
C SER A 16 -6.40 -19.82 -9.75
N LEU A 17 -5.96 -21.05 -9.47
CA LEU A 17 -5.78 -22.07 -10.50
C LEU A 17 -6.17 -23.42 -9.94
N ALA A 18 -6.61 -24.30 -10.84
CA ALA A 18 -6.90 -25.69 -10.51
C ALA A 18 -5.94 -26.58 -11.29
N THR A 19 -5.21 -27.43 -10.58
CA THR A 19 -4.16 -28.23 -11.19
C THR A 19 -3.78 -29.36 -10.24
N HIS A 20 -2.73 -30.09 -10.61
CA HIS A 20 -2.18 -31.15 -9.73
C HIS A 20 -0.73 -30.75 -9.42
N PHE A 21 -0.54 -29.82 -8.49
CA PHE A 21 0.83 -29.30 -8.21
C PHE A 21 1.51 -30.15 -7.12
N THR A 22 0.83 -30.36 -5.99
CA THR A 22 1.46 -31.09 -4.86
C THR A 22 1.02 -32.56 -4.86
N THR A 23 -0.01 -32.90 -5.63
CA THR A 23 -0.53 -34.29 -5.64
C THR A 23 -1.37 -34.54 -6.90
N SER A 24 -1.51 -35.81 -7.29
CA SER A 24 -2.34 -36.15 -8.44
C SER A 24 -3.57 -36.95 -8.05
N ASP A 25 -3.75 -37.28 -6.77
CA ASP A 25 -4.93 -38.02 -6.34
C ASP A 25 -6.20 -37.18 -6.46
N TYR A 26 -6.07 -35.86 -6.49
CA TYR A 26 -7.22 -34.97 -6.65
C TYR A 26 -6.74 -33.67 -7.26
N GLU A 27 -7.68 -32.89 -7.77
CA GLU A 27 -7.38 -31.61 -8.37
C GLU A 27 -7.35 -30.53 -7.30
N GLU A 28 -6.17 -29.96 -7.11
CA GLU A 28 -5.99 -28.94 -6.04
C GLU A 28 -6.36 -27.55 -6.57
N LEU A 29 -6.61 -26.64 -5.65
CA LEU A 29 -6.94 -25.25 -5.98
C LEU A 29 -5.83 -24.36 -5.42
N LEU A 30 -5.02 -23.80 -6.30
CA LEU A 30 -3.98 -22.85 -5.89
C LEU A 30 -4.59 -21.47 -5.74
N VAL A 31 -4.34 -20.83 -4.61
CA VAL A 31 -4.87 -19.50 -4.32
C VAL A 31 -3.71 -18.58 -3.97
N VAL A 32 -3.64 -17.44 -4.65
CA VAL A 32 -2.62 -16.43 -4.41
C VAL A 32 -3.31 -15.19 -3.86
N ARG A 33 -3.03 -14.83 -2.63
CA ARG A 33 -3.67 -13.65 -2.02
C ARG A 33 -2.91 -12.38 -2.39
N THR A 34 -1.70 -12.21 -1.85
CA THR A 34 -0.80 -11.18 -2.37
C THR A 34 0.61 -11.72 -2.55
N ASN A 35 1.06 -12.49 -1.55
CA ASN A 35 2.37 -13.12 -1.60
C ASN A 35 2.31 -14.51 -0.99
N ILE A 36 1.13 -15.00 -0.65
CA ILE A 36 0.95 -16.30 -0.01
C ILE A 36 0.27 -17.21 -1.00
N LEU A 37 0.93 -18.31 -1.36
CA LEU A 37 0.38 -19.32 -2.25
C LEU A 37 -0.15 -20.46 -1.40
N SER A 38 -1.47 -20.58 -1.33
CA SER A 38 -2.13 -21.60 -0.53
C SER A 38 -2.72 -22.66 -1.43
N VAL A 39 -2.41 -23.92 -1.11
CA VAL A 39 -2.93 -25.08 -1.90
C VAL A 39 -4.13 -25.64 -1.14
N TYR A 40 -5.28 -25.73 -1.80
CA TYR A 40 -6.52 -26.19 -1.19
C TYR A 40 -6.99 -27.47 -1.88
N ARG A 41 -7.63 -28.34 -1.11
CA ARG A 41 -8.30 -29.50 -1.66
C ARG A 41 -9.81 -29.26 -1.58
N PRO A 42 -10.47 -28.97 -2.70
CA PRO A 42 -11.92 -28.72 -2.65
C PRO A 42 -12.68 -30.02 -2.44
N THR A 43 -13.55 -30.02 -1.44
CA THR A 43 -14.37 -31.19 -1.15
C THR A 43 -15.56 -31.25 -2.11
N ARG A 44 -16.33 -32.32 -2.00
CA ARG A 44 -17.50 -32.47 -2.86
C ARG A 44 -18.54 -31.41 -2.57
N ASP A 45 -18.68 -31.01 -1.31
CA ASP A 45 -19.66 -30.02 -0.90
C ASP A 45 -19.12 -28.59 -0.94
N GLY A 46 -18.02 -28.37 -1.65
CA GLY A 46 -17.49 -27.03 -1.86
C GLY A 46 -16.60 -26.50 -0.76
N LYS A 47 -16.34 -27.29 0.29
CA LYS A 47 -15.44 -26.83 1.33
C LYS A 47 -13.99 -26.84 0.85
N LEU A 48 -13.21 -25.90 1.35
CA LEU A 48 -11.80 -25.76 0.99
C LEU A 48 -10.95 -26.17 2.19
N TYR A 49 -10.19 -27.26 2.03
CA TYR A 49 -9.30 -27.76 3.07
C TYR A 49 -7.87 -27.45 2.66
N LEU A 50 -7.16 -26.69 3.50
CA LEU A 50 -5.79 -26.32 3.19
C LEU A 50 -4.86 -27.51 3.37
N THR A 51 -3.99 -27.74 2.39
CA THR A 51 -3.00 -28.81 2.46
C THR A 51 -1.63 -28.28 2.84
N ASP A 52 -1.19 -27.24 2.12
CA ASP A 52 0.14 -26.62 2.38
C ASP A 52 0.09 -25.14 1.98
N GLU A 53 0.81 -24.28 2.70
CA GLU A 53 0.81 -22.86 2.41
C GLU A 53 2.26 -22.37 2.29
N PHE A 54 2.47 -21.41 1.41
CA PHE A 54 3.80 -20.87 1.16
C PHE A 54 3.73 -19.35 1.11
N LYS A 55 4.73 -18.70 1.72
CA LYS A 55 4.82 -17.25 1.75
C LYS A 55 6.07 -16.82 0.98
N PHE A 56 5.89 -15.91 0.03
CA PHE A 56 6.98 -15.43 -0.80
C PHE A 56 7.38 -14.02 -0.38
N HIS A 57 8.61 -13.65 -0.73
CA HIS A 57 9.17 -12.36 -0.34
C HIS A 57 8.71 -11.23 -1.25
N GLY A 58 8.02 -11.52 -2.35
CA GLY A 58 7.60 -10.49 -3.28
C GLY A 58 6.13 -10.62 -3.62
N LEU A 59 5.61 -9.57 -4.24
CA LEU A 59 4.23 -9.56 -4.69
C LEU A 59 4.06 -10.49 -5.88
N ILE A 60 3.24 -11.52 -5.73
CA ILE A 60 2.99 -12.47 -6.81
C ILE A 60 2.07 -11.78 -7.82
N THR A 61 2.65 -11.37 -8.95
CA THR A 61 1.88 -10.66 -9.96
C THR A 61 0.93 -11.59 -10.69
N ASP A 62 1.42 -12.77 -11.08
CA ASP A 62 0.60 -13.72 -11.83
C ASP A 62 1.16 -15.12 -11.63
N ILE A 63 0.31 -16.12 -11.89
CA ILE A 63 0.71 -17.51 -11.79
C ILE A 63 0.36 -18.21 -13.10
N GLY A 64 1.21 -19.15 -13.50
CA GLY A 64 1.00 -19.88 -14.73
C GLY A 64 1.16 -21.37 -14.50
N LEU A 65 0.59 -22.14 -15.42
CA LEU A 65 0.55 -23.59 -15.33
C LEU A 65 1.35 -24.18 -16.48
N ILE A 66 2.27 -25.07 -16.17
CA ILE A 66 3.00 -25.79 -17.22
C ILE A 66 3.31 -27.22 -16.76
N PRO A 67 3.03 -28.22 -17.59
CA PRO A 67 3.36 -29.60 -17.22
C PRO A 67 4.78 -29.97 -17.63
N GLN A 68 5.23 -31.09 -17.09
CA GLN A 68 6.54 -31.64 -17.42
C GLN A 68 6.39 -33.12 -17.74
N LYS A 69 7.26 -33.60 -18.62
CA LYS A 69 7.22 -35.00 -19.02
C LYS A 69 7.67 -35.90 -17.89
N ASP A 70 7.19 -37.15 -17.92
CA ASP A 70 7.55 -38.16 -16.92
C ASP A 70 7.17 -37.73 -15.51
N SER A 71 6.06 -37.00 -15.38
CA SER A 71 5.56 -36.58 -14.07
C SER A 71 4.11 -36.12 -14.19
N PRO A 72 3.21 -36.62 -13.34
CA PRO A 72 1.82 -36.16 -13.40
C PRO A 72 1.63 -34.76 -12.85
N LEU A 73 2.58 -34.30 -12.03
CA LEU A 73 2.48 -32.96 -11.43
C LEU A 73 2.85 -31.89 -12.46
N SER A 74 2.37 -30.67 -12.28
CA SER A 74 2.63 -29.56 -13.19
C SER A 74 3.48 -28.51 -12.50
N CYS A 75 4.52 -28.05 -13.19
CA CYS A 75 5.35 -26.98 -12.66
C CYS A 75 4.57 -25.67 -12.63
N LEU A 76 4.88 -24.84 -11.64
CA LEU A 76 4.19 -23.58 -11.44
C LEU A 76 5.03 -22.42 -11.96
N LEU A 77 4.44 -21.59 -12.79
CA LEU A 77 5.09 -20.40 -13.34
C LEU A 77 4.70 -19.20 -12.51
N LEU A 78 5.63 -18.69 -11.71
CA LEU A 78 5.37 -17.62 -10.77
C LEU A 78 5.92 -16.31 -11.30
N CYS A 79 5.08 -15.29 -11.38
CA CYS A 79 5.48 -13.96 -11.82
C CYS A 79 5.42 -13.00 -10.65
N THR A 80 6.52 -12.30 -10.40
CA THR A 80 6.63 -11.40 -9.26
C THR A 80 7.26 -10.09 -9.69
N GLY A 81 6.98 -9.04 -8.92
CA GLY A 81 7.61 -7.76 -9.16
C GLY A 81 7.32 -7.22 -10.54
N VAL A 82 8.36 -6.76 -11.22
CA VAL A 82 8.27 -6.23 -12.57
C VAL A 82 9.12 -7.12 -13.46
N ALA A 83 8.45 -7.83 -14.38
CA ALA A 83 9.12 -8.63 -15.41
C ALA A 83 10.09 -9.65 -14.80
N LYS A 84 9.54 -10.50 -13.93
CA LYS A 84 10.28 -11.58 -13.32
C LYS A 84 9.47 -12.86 -13.39
N ILE A 85 10.13 -13.95 -13.77
CA ILE A 85 9.49 -15.26 -13.85
C ILE A 85 10.39 -16.26 -13.13
N SER A 86 9.80 -17.02 -12.20
CA SER A 86 10.49 -18.10 -11.51
C SER A 86 9.68 -19.37 -11.69
N ILE A 87 10.30 -20.40 -12.26
CA ILE A 87 9.63 -21.68 -12.48
C ILE A 87 9.71 -22.48 -11.18
N LEU A 88 8.56 -22.86 -10.65
CA LEU A 88 8.47 -23.54 -9.36
C LEU A 88 7.97 -24.96 -9.58
N LYS A 89 8.62 -25.91 -8.90
CA LYS A 89 8.21 -27.30 -8.89
C LYS A 89 8.04 -27.75 -7.45
N PHE A 90 7.15 -28.73 -7.25
CA PHE A 90 6.90 -29.25 -5.90
C PHE A 90 7.71 -30.53 -5.67
N ASN A 91 8.61 -30.50 -4.70
CA ASN A 91 9.44 -31.66 -4.36
C ASN A 91 8.66 -32.52 -3.37
N THR A 92 8.14 -33.65 -3.85
CA THR A 92 7.37 -34.53 -2.99
C THR A 92 8.23 -35.22 -1.94
N LEU A 93 9.54 -35.34 -2.19
CA LEU A 93 10.43 -35.96 -1.20
C LEU A 93 10.58 -35.06 0.02
N THR A 94 10.86 -33.78 -0.19
CA THR A 94 11.06 -32.84 0.90
C THR A 94 9.79 -32.07 1.26
N ASN A 95 8.69 -32.31 0.55
CA ASN A 95 7.42 -31.63 0.81
C ASN A 95 7.58 -30.11 0.76
N SER A 96 8.35 -29.63 -0.22
CA SER A 96 8.62 -28.22 -0.34
C SER A 96 8.76 -27.85 -1.81
N ILE A 97 8.67 -26.55 -2.09
CA ILE A 97 8.82 -26.03 -3.44
C ILE A 97 10.28 -25.69 -3.68
N ASP A 98 10.84 -26.19 -4.78
CA ASP A 98 12.19 -25.88 -5.17
C ASP A 98 12.18 -25.19 -6.53
N THR A 99 12.99 -24.13 -6.65
CA THR A 99 13.02 -23.33 -7.87
C THR A 99 13.73 -24.09 -8.98
N LEU A 100 13.08 -24.18 -10.14
CA LEU A 100 13.70 -24.84 -11.29
C LEU A 100 14.61 -23.90 -12.05
N SER A 101 14.13 -22.71 -12.37
CA SER A 101 14.92 -21.72 -13.08
C SER A 101 14.40 -20.33 -12.77
N LEU A 102 15.24 -19.33 -12.99
CA LEU A 102 14.90 -17.93 -12.77
C LEU A 102 15.08 -17.17 -14.08
N HIS A 103 14.12 -16.31 -14.40
CA HIS A 103 14.15 -15.52 -15.62
C HIS A 103 13.90 -14.06 -15.28
N TYR A 104 14.87 -13.21 -15.59
CA TYR A 104 14.80 -11.79 -15.30
C TYR A 104 14.64 -11.02 -16.60
N TYR A 105 13.60 -10.19 -16.68
CA TYR A 105 13.32 -9.44 -17.89
C TYR A 105 13.25 -7.93 -17.68
N GLU A 106 13.38 -7.45 -16.44
CA GLU A 106 13.24 -6.02 -16.18
C GLU A 106 14.33 -5.23 -16.88
N GLY A 107 15.56 -5.74 -16.89
CA GLY A 107 16.65 -5.04 -17.55
C GLY A 107 16.43 -4.90 -19.05
N LYS A 108 16.06 -6.00 -19.70
CA LYS A 108 15.79 -5.95 -21.13
C LYS A 108 14.57 -5.08 -21.43
N PHE A 109 13.54 -5.16 -20.60
CA PHE A 109 12.37 -4.31 -20.79
C PHE A 109 12.73 -2.84 -20.69
N LYS A 110 13.55 -2.47 -19.70
CA LYS A 110 14.00 -1.08 -19.57
C LYS A 110 14.84 -0.68 -20.77
N GLY A 111 15.72 -1.56 -21.24
CA GLY A 111 16.56 -1.24 -22.37
C GLY A 111 15.78 -1.07 -23.67
N LYS A 112 14.64 -1.76 -23.79
CA LYS A 112 13.83 -1.68 -25.00
C LYS A 112 12.63 -0.76 -24.87
N SER A 113 12.55 0.02 -23.79
CA SER A 113 11.41 0.89 -23.54
C SER A 113 11.84 2.35 -23.63
N LEU A 114 11.05 3.15 -24.34
CA LEU A 114 11.28 4.58 -24.38
C LEU A 114 10.83 5.28 -23.11
N VAL A 115 9.73 4.80 -22.51
CA VAL A 115 9.18 5.39 -21.30
C VAL A 115 9.30 4.39 -20.16
N GLU A 116 8.89 4.79 -18.96
CA GLU A 116 8.97 3.90 -17.81
C GLU A 116 8.00 2.74 -17.97
N LEU A 117 8.39 1.59 -17.44
CA LEU A 117 7.58 0.38 -17.57
C LEU A 117 6.33 0.46 -16.70
N ALA A 118 5.32 -0.31 -17.08
CA ALA A 118 4.15 -0.45 -16.23
C ALA A 118 4.53 -1.21 -14.96
N LYS A 119 3.84 -0.91 -13.87
CA LYS A 119 4.17 -1.51 -12.59
C LYS A 119 3.95 -3.02 -12.57
N ILE A 120 2.96 -3.51 -13.32
CA ILE A 120 2.61 -4.92 -13.35
C ILE A 120 2.77 -5.44 -14.76
N SER A 121 3.51 -6.53 -14.92
CA SER A 121 3.60 -7.23 -16.19
C SER A 121 2.49 -8.26 -16.28
N THR A 122 2.08 -8.57 -17.51
CA THR A 122 0.98 -9.48 -17.75
C THR A 122 1.50 -10.78 -18.34
N LEU A 123 1.04 -11.91 -17.81
CA LEU A 123 1.50 -13.23 -18.21
C LEU A 123 0.40 -13.92 -19.02
N ARG A 124 0.79 -14.51 -20.15
CA ARG A 124 -0.12 -15.30 -20.97
C ARG A 124 0.54 -16.64 -21.28
N MET A 125 -0.28 -17.70 -21.23
CA MET A 125 0.22 -19.06 -21.44
C MET A 125 -0.46 -19.67 -22.65
N ASP A 126 0.35 -20.28 -23.52
CA ASP A 126 -0.17 -20.97 -24.68
C ASP A 126 -0.94 -22.22 -24.24
N PRO A 127 -2.14 -22.46 -24.77
CA PRO A 127 -2.88 -23.69 -24.47
C PRO A 127 -2.36 -24.91 -25.23
N GLY A 128 -1.03 -25.01 -25.32
CA GLY A 128 -0.37 -26.14 -25.93
C GLY A 128 0.87 -26.50 -25.13
N SER A 129 1.08 -25.78 -24.03
CA SER A 129 2.20 -26.00 -23.12
C SER A 129 3.54 -25.93 -23.85
N SER A 130 3.64 -25.02 -24.81
CA SER A 130 4.86 -24.86 -25.61
C SER A 130 5.56 -23.53 -25.41
N CYS A 131 4.82 -22.48 -25.05
CA CYS A 131 5.42 -21.17 -24.87
C CYS A 131 4.61 -20.37 -23.87
N ALA A 132 5.24 -19.34 -23.31
CA ALA A 132 4.59 -18.39 -22.44
C ALA A 132 5.18 -17.02 -22.70
N LEU A 133 4.32 -16.00 -22.78
CA LEU A 133 4.78 -14.64 -23.03
C LEU A 133 4.41 -13.76 -21.83
N LEU A 134 5.31 -12.82 -21.53
CA LEU A 134 5.11 -11.83 -20.48
C LEU A 134 5.35 -10.47 -21.09
N PHE A 135 4.30 -9.65 -21.16
CA PHE A 135 4.39 -8.33 -21.78
C PHE A 135 4.06 -7.25 -20.77
N ASN A 136 4.86 -6.18 -20.79
CA ASN A 136 4.61 -5.02 -19.94
C ASN A 136 3.80 -3.96 -20.67
N ASN A 137 4.37 -3.40 -21.74
CA ASN A 137 3.61 -2.58 -22.69
C ASN A 137 4.43 -2.48 -23.97
N ASP A 138 3.89 -3.04 -25.06
CA ASP A 138 4.54 -3.05 -26.37
C ASP A 138 5.79 -3.90 -26.40
N ILE A 139 6.20 -4.44 -25.26
CA ILE A 139 7.39 -5.27 -25.15
C ILE A 139 6.98 -6.63 -24.64
N ILE A 140 7.30 -7.67 -25.40
CA ILE A 140 6.88 -9.03 -25.10
C ILE A 140 8.12 -9.88 -24.84
N ALA A 141 8.12 -10.59 -23.73
CA ALA A 141 9.18 -11.55 -23.40
C ALA A 141 8.63 -12.95 -23.57
N PHE A 142 9.23 -13.71 -24.46
CA PHE A 142 8.78 -15.06 -24.75
C PHE A 142 9.64 -16.08 -24.00
N LEU A 143 8.98 -17.09 -23.44
CA LEU A 143 9.65 -18.14 -22.67
C LEU A 143 9.30 -19.48 -23.32
N PRO A 144 10.06 -19.92 -24.32
CA PRO A 144 9.78 -21.21 -24.95
C PRO A 144 10.03 -22.36 -24.01
N PHE A 145 9.25 -23.43 -24.19
CA PHE A 145 9.34 -24.63 -23.38
C PHE A 145 9.67 -25.82 -24.27
N HIS A 146 10.72 -26.55 -23.90
CA HIS A 146 11.11 -27.73 -24.67
C HIS A 146 10.08 -28.84 -24.50
N VAL A 147 9.80 -29.54 -25.59
CA VAL A 147 8.84 -30.63 -25.57
C VAL A 147 9.52 -31.94 -25.91
N LYS A 193 17.59 -26.76 -19.65
CA LYS A 193 17.10 -27.93 -20.36
C LYS A 193 15.57 -27.93 -20.42
N PHE A 194 14.94 -27.60 -19.29
CA PHE A 194 13.49 -27.57 -19.24
C PHE A 194 12.93 -26.37 -20.00
N THR A 195 13.67 -25.27 -20.04
CA THR A 195 13.24 -24.06 -20.72
C THR A 195 14.27 -23.66 -21.77
N ALA A 196 13.79 -23.32 -22.96
CA ALA A 196 14.65 -22.76 -23.98
C ALA A 196 15.03 -21.33 -23.61
N PRO A 197 16.14 -20.82 -24.17
CA PRO A 197 16.50 -19.43 -23.89
C PRO A 197 15.40 -18.47 -24.32
N SER A 198 15.22 -17.42 -23.52
CA SER A 198 14.13 -16.47 -23.73
C SER A 198 14.57 -15.35 -24.66
N VAL A 199 13.59 -14.79 -25.36
CA VAL A 199 13.81 -13.67 -26.28
C VAL A 199 12.84 -12.56 -25.95
N VAL A 200 13.34 -11.32 -25.90
CA VAL A 200 12.54 -10.14 -25.61
C VAL A 200 12.52 -9.27 -26.86
N LEU A 201 11.33 -8.88 -27.29
CA LEU A 201 11.20 -8.06 -28.49
C LEU A 201 10.03 -7.12 -28.35
N VAL A 202 10.10 -5.98 -29.05
CA VAL A 202 9.01 -5.04 -29.08
C VAL A 202 7.88 -5.60 -29.95
N ALA A 203 6.65 -5.14 -29.71
CA ALA A 203 5.53 -5.58 -30.52
C ALA A 203 5.65 -5.10 -31.95
N SER A 204 6.44 -4.06 -32.22
CA SER A 204 6.56 -3.53 -33.57
C SER A 204 7.28 -4.49 -34.51
N GLU A 205 8.21 -5.29 -33.99
CA GLU A 205 8.94 -6.24 -34.82
C GLU A 205 8.23 -7.59 -34.92
N LEU A 206 7.08 -7.76 -34.27
CA LEU A 206 6.21 -8.89 -34.52
C LEU A 206 5.22 -8.55 -35.64
N TYR A 207 4.47 -7.47 -35.46
CA TYR A 207 3.64 -6.89 -36.51
C TYR A 207 4.02 -5.42 -36.65
N GLU A 208 4.08 -4.96 -37.90
CA GLU A 208 4.61 -3.62 -38.18
C GLU A 208 3.77 -2.54 -37.52
N GLY A 209 2.45 -2.68 -37.55
CA GLY A 209 1.58 -1.63 -37.07
C GLY A 209 1.35 -1.57 -35.57
N ALA A 210 1.78 -2.60 -34.83
CA ALA A 210 1.54 -2.65 -33.39
C ALA A 210 2.24 -1.51 -32.68
N LYS A 211 1.47 -0.58 -32.11
CA LYS A 211 2.03 0.65 -31.56
C LYS A 211 1.58 0.95 -30.14
N ASN A 212 0.43 0.45 -29.70
CA ASN A 212 -0.03 0.62 -28.32
C ASN A 212 -0.82 -0.63 -27.94
N ILE A 213 -0.15 -1.60 -27.33
CA ILE A 213 -0.78 -2.89 -27.05
C ILE A 213 -1.80 -2.74 -25.95
N ILE A 214 -3.02 -3.19 -26.20
CA ILE A 214 -4.08 -3.22 -25.21
C ILE A 214 -4.16 -4.57 -24.51
N ASP A 215 -4.14 -5.65 -25.28
CA ASP A 215 -4.17 -7.00 -24.72
C ASP A 215 -3.54 -7.97 -25.70
N ILE A 216 -2.90 -8.99 -25.16
CA ILE A 216 -2.33 -10.09 -25.95
C ILE A 216 -2.86 -11.40 -25.38
N GLN A 217 -3.32 -12.29 -26.26
CA GLN A 217 -3.85 -13.57 -25.83
C GLN A 217 -3.42 -14.65 -26.81
N PHE A 218 -3.28 -15.87 -26.31
CA PHE A 218 -3.02 -17.03 -27.13
C PHE A 218 -4.35 -17.58 -27.66
N LEU A 219 -4.43 -17.81 -28.95
CA LEU A 219 -5.64 -18.33 -29.57
C LEU A 219 -5.63 -19.86 -29.55
N LYS A 220 -6.82 -20.44 -29.57
CA LYS A 220 -6.99 -21.87 -29.42
C LYS A 220 -7.18 -22.55 -30.77
N ASN A 221 -7.03 -23.88 -30.76
CA ASN A 221 -7.22 -24.72 -31.95
C ASN A 221 -6.28 -24.31 -33.08
N PHE A 222 -5.02 -24.13 -32.74
CA PHE A 222 -3.97 -23.85 -33.72
C PHE A 222 -2.83 -24.85 -33.53
N THR A 223 -2.32 -25.37 -34.64
CA THR A 223 -1.21 -26.32 -34.56
C THR A 223 0.03 -25.67 -33.97
N LYS A 224 0.33 -24.47 -34.40
CA LYS A 224 1.48 -23.71 -33.92
C LYS A 224 1.04 -22.65 -32.91
N PRO A 225 1.92 -22.27 -32.00
CA PRO A 225 1.57 -21.21 -31.04
C PRO A 225 1.29 -19.90 -31.75
N THR A 226 0.06 -19.42 -31.64
CA THR A 226 -0.36 -18.18 -32.26
C THR A 226 -0.90 -17.23 -31.21
N ILE A 227 -0.76 -15.93 -31.47
CA ILE A 227 -1.18 -14.90 -30.53
C ILE A 227 -2.06 -13.90 -31.26
N ALA A 228 -2.91 -13.22 -30.48
CA ALA A 228 -3.77 -12.17 -30.98
C ALA A 228 -3.41 -10.87 -30.27
N LEU A 229 -3.19 -9.81 -31.04
CA LEU A 229 -2.79 -8.53 -30.50
C LEU A 229 -3.92 -7.52 -30.73
N LEU A 230 -4.39 -6.92 -29.64
CA LEU A 230 -5.33 -5.82 -29.69
C LEU A 230 -4.58 -4.54 -29.37
N TYR A 231 -4.60 -3.59 -30.30
CA TYR A 231 -3.77 -2.40 -30.15
C TYR A 231 -4.44 -1.22 -30.83
N GLN A 232 -4.08 -0.02 -30.38
CA GLN A 232 -4.56 1.24 -30.93
C GLN A 232 -3.37 2.06 -31.42
N PRO A 233 -3.11 2.07 -32.73
CA PRO A 233 -2.00 2.91 -33.22
C PRO A 233 -2.15 4.37 -32.86
N LYS A 234 -3.38 4.89 -32.84
CA LYS A 234 -3.66 6.23 -32.37
C LYS A 234 -4.55 6.12 -31.13
N LEU A 235 -4.08 6.65 -30.02
CA LEU A 235 -4.80 6.53 -28.76
C LEU A 235 -6.07 7.36 -28.79
N VAL A 236 -7.18 6.78 -28.34
CA VAL A 236 -8.48 7.44 -28.36
C VAL A 236 -9.18 7.17 -27.04
N TRP A 237 -9.74 8.22 -26.44
CA TRP A 237 -10.56 8.08 -25.24
C TRP A 237 -11.90 8.77 -25.48
N ALA A 238 -12.69 8.97 -24.42
CA ALA A 238 -14.03 9.52 -24.57
C ALA A 238 -13.97 10.91 -25.22
N GLY A 239 -13.04 11.74 -24.80
CA GLY A 239 -12.90 13.08 -25.37
C GLY A 239 -12.20 13.14 -26.70
N ASN A 240 -11.89 11.99 -27.29
CA ASN A 240 -11.18 11.93 -28.56
C ASN A 240 -11.95 11.19 -29.65
N THR A 241 -13.16 10.72 -29.36
CA THR A 241 -13.87 9.85 -30.30
C THR A 241 -14.43 10.62 -31.48
N THR A 242 -14.76 11.90 -31.29
CA THR A 242 -15.41 12.66 -32.36
C THR A 242 -14.49 12.86 -33.55
N ILE A 243 -13.18 12.91 -33.33
CA ILE A 243 -12.22 13.18 -34.40
C ILE A 243 -11.38 11.95 -34.73
N SER A 244 -11.83 10.77 -34.31
CA SER A 244 -11.09 9.54 -34.58
C SER A 244 -12.06 8.37 -34.49
N LYS A 245 -12.33 7.72 -35.61
CA LYS A 245 -13.32 6.67 -35.70
C LYS A 245 -12.65 5.32 -35.84
N LEU A 246 -13.05 4.37 -34.99
CA LEU A 246 -12.59 2.98 -35.01
C LEU A 246 -11.08 2.89 -35.02
N PRO A 247 -10.41 3.23 -33.91
CA PRO A 247 -8.94 3.23 -33.89
C PRO A 247 -8.35 1.87 -33.55
N THR A 248 -9.12 1.02 -32.87
CA THR A 248 -8.59 -0.25 -32.40
C THR A 248 -8.35 -1.20 -33.57
N GLN A 249 -7.23 -1.92 -33.51
CA GLN A 249 -6.85 -2.88 -34.54
C GLN A 249 -6.56 -4.22 -33.89
N TYR A 250 -6.79 -5.29 -34.66
CA TYR A 250 -6.66 -6.65 -34.16
C TYR A 250 -5.91 -7.46 -35.21
N VAL A 251 -4.85 -8.14 -34.78
CA VAL A 251 -4.01 -8.93 -35.68
C VAL A 251 -3.77 -10.30 -35.05
N ILE A 252 -3.72 -11.33 -35.89
CA ILE A 252 -3.44 -12.69 -35.46
C ILE A 252 -2.12 -13.11 -36.09
N LEU A 253 -1.16 -13.48 -35.26
CA LEU A 253 0.17 -13.87 -35.71
C LEU A 253 0.48 -15.28 -35.22
N THR A 254 0.94 -16.13 -36.12
CA THR A 254 1.41 -17.46 -35.77
C THR A 254 2.91 -17.39 -35.51
N LEU A 255 3.33 -17.79 -34.32
CA LEU A 255 4.72 -17.68 -33.91
C LEU A 255 5.46 -18.97 -34.24
N ASN A 256 6.52 -18.85 -35.03
CA ASN A 256 7.41 -19.96 -35.35
C ASN A 256 8.68 -19.77 -34.55
N ILE A 257 8.87 -20.61 -33.53
CA ILE A 257 9.95 -20.44 -32.56
C ILE A 257 11.09 -21.36 -32.92
N GLN A 258 12.30 -20.79 -33.02
CA GLN A 258 13.52 -21.55 -33.30
C GLN A 258 14.43 -21.50 -32.08
N PRO A 259 14.31 -22.46 -31.17
CA PRO A 259 15.17 -22.48 -29.98
C PRO A 259 16.54 -23.05 -30.31
N ALA A 260 17.56 -22.19 -30.31
CA ALA A 260 18.92 -22.62 -30.55
C ALA A 260 19.62 -22.85 -29.21
N GLU A 261 20.91 -23.20 -29.28
CA GLU A 261 21.66 -23.47 -28.07
C GLU A 261 21.92 -22.20 -27.27
N SER A 262 22.27 -21.11 -27.96
CA SER A 262 22.65 -19.87 -27.30
C SER A 262 21.54 -18.83 -27.27
N ALA A 263 20.64 -18.84 -28.24
CA ALA A 263 19.58 -17.84 -28.31
C ALA A 263 18.33 -18.49 -28.88
N THR A 264 17.28 -17.69 -29.04
CA THR A 264 16.01 -18.14 -29.60
C THR A 264 15.55 -17.13 -30.64
N LYS A 265 15.16 -17.62 -31.81
CA LYS A 265 14.66 -16.80 -32.89
C LYS A 265 13.19 -17.10 -33.12
N ILE A 266 12.36 -16.06 -33.15
CA ILE A 266 10.93 -16.20 -33.37
C ILE A 266 10.56 -15.49 -34.65
N GLU A 267 9.92 -16.22 -35.57
CA GLU A 267 9.42 -15.68 -36.82
C GLU A 267 7.91 -15.76 -36.82
N SER A 268 7.26 -14.63 -37.12
CA SER A 268 5.81 -14.54 -37.07
C SER A 268 5.24 -14.35 -38.47
N THR A 269 4.18 -15.09 -38.77
CA THR A 269 3.44 -14.95 -40.02
C THR A 269 2.05 -14.43 -39.72
N THR A 270 1.61 -13.43 -40.50
CA THR A 270 0.33 -12.79 -40.25
C THR A 270 -0.79 -13.68 -40.75
N ILE A 271 -1.67 -14.10 -39.84
CA ILE A 271 -2.82 -14.92 -40.20
C ILE A 271 -3.99 -14.05 -40.64
N ALA A 272 -4.27 -12.98 -39.90
CA ALA A 272 -5.37 -12.08 -40.24
C ALA A 272 -5.09 -10.72 -39.62
N PHE A 273 -5.83 -9.73 -40.11
CA PHE A 273 -5.68 -8.36 -39.62
C PHE A 273 -7.02 -7.64 -39.77
N VAL A 274 -7.50 -7.08 -38.67
CA VAL A 274 -8.73 -6.29 -38.65
C VAL A 274 -8.38 -4.89 -38.16
N LYS A 275 -8.80 -3.88 -38.91
CA LYS A 275 -8.35 -2.52 -38.67
C LYS A 275 -9.42 -1.62 -38.06
N GLU A 276 -10.70 -1.88 -38.32
CA GLU A 276 -11.79 -1.03 -37.82
C GLU A 276 -12.46 -1.73 -36.64
N LEU A 277 -12.18 -1.24 -35.43
CA LEU A 277 -12.78 -1.78 -34.21
C LEU A 277 -13.08 -0.64 -33.25
N PRO A 278 -14.09 -0.79 -32.40
CA PRO A 278 -14.44 0.28 -31.47
C PRO A 278 -13.30 0.62 -30.51
N TRP A 279 -13.26 1.88 -30.09
CA TRP A 279 -12.16 2.39 -29.29
C TRP A 279 -12.10 1.78 -27.89
N ASP A 280 -13.23 1.28 -27.37
CA ASP A 280 -13.30 0.88 -25.98
C ASP A 280 -12.99 -0.61 -25.75
N LEU A 281 -12.60 -1.34 -26.79
CA LEU A 281 -12.22 -2.73 -26.60
C LEU A 281 -10.95 -2.83 -25.77
N HIS A 282 -10.98 -3.67 -24.74
CA HIS A 282 -9.83 -3.75 -23.85
C HIS A 282 -9.39 -5.18 -23.54
N THR A 283 -10.30 -6.14 -23.63
CA THR A 283 -10.02 -7.51 -23.20
C THR A 283 -10.29 -8.49 -24.34
N ILE A 284 -9.34 -9.41 -24.55
CA ILE A 284 -9.51 -10.51 -25.49
C ILE A 284 -9.79 -11.77 -24.69
N VAL A 285 -10.88 -12.44 -25.02
CA VAL A 285 -11.26 -13.71 -24.41
C VAL A 285 -11.31 -14.77 -25.50
N PRO A 286 -10.23 -15.52 -25.71
CA PRO A 286 -10.23 -16.54 -26.75
C PRO A 286 -11.22 -17.65 -26.45
N VAL A 287 -11.82 -18.17 -27.52
CA VAL A 287 -12.73 -19.30 -27.46
C VAL A 287 -12.27 -20.35 -28.47
N SER A 288 -13.07 -21.42 -28.59
CA SER A 288 -12.66 -22.54 -29.43
C SER A 288 -12.52 -22.13 -30.89
N ASN A 289 -13.50 -21.41 -31.42
CA ASN A 289 -13.53 -21.06 -32.83
C ASN A 289 -13.05 -19.65 -33.12
N GLY A 290 -12.72 -18.87 -32.09
CA GLY A 290 -12.27 -17.51 -32.29
C GLY A 290 -11.90 -16.82 -31.00
N ALA A 291 -12.30 -15.55 -30.86
CA ALA A 291 -12.01 -14.79 -29.66
C ALA A 291 -13.11 -13.78 -29.43
N ILE A 292 -13.49 -13.60 -28.17
CA ILE A 292 -14.48 -12.60 -27.78
C ILE A 292 -13.73 -11.38 -27.26
N ILE A 293 -13.90 -10.26 -27.94
CA ILE A 293 -13.26 -9.01 -27.54
C ILE A 293 -14.25 -8.24 -26.67
N VAL A 294 -13.88 -8.03 -25.40
CA VAL A 294 -14.75 -7.38 -24.44
C VAL A 294 -14.35 -5.90 -24.37
N GLY A 295 -15.33 -5.02 -24.58
CA GLY A 295 -15.15 -3.61 -24.46
C GLY A 295 -16.06 -3.02 -23.40
N THR A 296 -15.88 -1.72 -23.16
CA THR A 296 -16.75 -1.04 -22.21
C THR A 296 -18.19 -1.01 -22.70
N ASN A 297 -18.39 -0.86 -24.01
CA ASN A 297 -19.72 -0.73 -24.58
C ASN A 297 -20.07 -1.80 -25.59
N GLU A 298 -19.13 -2.64 -26.01
CA GLU A 298 -19.39 -3.60 -27.07
C GLU A 298 -18.79 -4.96 -26.71
N LEU A 299 -19.32 -6.00 -27.35
CA LEU A 299 -18.83 -7.36 -27.20
C LEU A 299 -18.56 -7.89 -28.60
N ALA A 300 -17.31 -7.82 -29.05
CA ALA A 300 -16.94 -8.18 -30.41
C ALA A 300 -16.48 -9.63 -30.47
N PHE A 301 -17.02 -10.38 -31.41
CA PHE A 301 -16.57 -11.74 -31.69
C PHE A 301 -15.79 -11.76 -32.99
N LEU A 302 -14.56 -12.25 -32.93
CA LEU A 302 -13.70 -12.38 -34.11
C LEU A 302 -13.23 -13.82 -34.19
N ASP A 303 -13.49 -14.46 -35.32
CA ASP A 303 -13.10 -15.85 -35.50
C ASP A 303 -11.59 -15.95 -35.73
N ASN A 304 -11.09 -17.19 -35.69
CA ASN A 304 -9.67 -17.42 -35.89
C ASN A 304 -9.21 -17.04 -37.29
N THR A 305 -10.13 -17.01 -38.26
CA THR A 305 -9.80 -16.51 -39.59
C THR A 305 -9.71 -14.99 -39.63
N GLY A 306 -10.17 -14.30 -38.60
CA GLY A 306 -9.99 -12.87 -38.47
C GLY A 306 -11.02 -12.01 -39.18
N VAL A 307 -12.29 -12.34 -39.02
CA VAL A 307 -13.37 -11.52 -39.54
C VAL A 307 -14.33 -11.20 -38.39
N LEU A 308 -14.79 -9.95 -38.35
CA LEU A 308 -15.74 -9.51 -37.32
C LEU A 308 -17.11 -10.09 -37.68
N GLN A 309 -17.45 -11.20 -37.02
CA GLN A 309 -18.72 -11.85 -37.31
C GLN A 309 -19.90 -11.06 -36.75
N SER A 310 -19.79 -10.61 -35.50
CA SER A 310 -20.89 -9.90 -34.87
C SER A 310 -20.39 -9.16 -33.63
N THR A 311 -21.17 -8.18 -33.20
CA THR A 311 -20.95 -7.49 -31.94
C THR A 311 -22.28 -7.31 -31.22
N VAL A 312 -22.20 -7.05 -29.92
CA VAL A 312 -23.36 -6.78 -29.09
C VAL A 312 -23.19 -5.39 -28.48
N LEU A 313 -24.19 -4.53 -28.67
CA LEU A 313 -24.18 -3.19 -28.10
C LEU A 313 -24.67 -3.28 -26.67
N LEU A 314 -23.73 -3.21 -25.71
CA LEU A 314 -24.06 -3.49 -24.32
C LEU A 314 -24.83 -2.36 -23.65
N ASN A 315 -24.62 -1.12 -24.09
CA ASN A 315 -25.30 0.02 -23.47
C ASN A 315 -25.47 1.11 -24.51
N SER A 316 -25.97 2.27 -24.05
CA SER A 316 -26.27 3.38 -24.94
C SER A 316 -25.03 4.11 -25.43
N PHE A 317 -23.87 3.85 -24.86
CA PHE A 317 -22.62 4.47 -25.28
C PHE A 317 -21.94 3.71 -26.41
N ALA A 318 -22.55 2.64 -26.90
CA ALA A 318 -21.93 1.84 -27.94
C ALA A 318 -21.85 2.62 -29.25
N ASP A 319 -20.92 2.20 -30.10
CA ASP A 319 -20.72 2.84 -31.39
C ASP A 319 -21.86 2.49 -32.35
N LYS A 320 -23.06 3.00 -32.04
CA LYS A 320 -24.23 2.68 -32.83
C LYS A 320 -24.10 3.23 -34.24
N GLU A 321 -24.20 2.33 -35.23
CA GLU A 321 -24.16 2.67 -36.65
C GLU A 321 -22.80 3.22 -37.06
N LEU A 322 -21.87 3.34 -36.12
CA LEU A 322 -20.53 3.82 -36.44
C LEU A 322 -19.72 2.74 -37.12
N GLN A 323 -19.88 1.49 -36.69
CA GLN A 323 -19.16 0.38 -37.32
C GLN A 323 -19.88 -0.06 -38.59
N LYS A 324 -21.12 -0.54 -38.46
CA LYS A 324 -21.98 -0.86 -39.59
C LYS A 324 -21.26 -1.71 -40.64
N THR A 325 -20.65 -2.80 -40.18
CA THR A 325 -19.87 -3.67 -41.06
C THR A 325 -20.44 -5.09 -41.07
N LYS A 326 -21.11 -5.50 -40.00
CA LYS A 326 -21.52 -6.88 -39.81
C LYS A 326 -22.76 -6.96 -38.94
N ILE A 327 -23.08 -8.17 -38.45
CA ILE A 327 -24.27 -8.36 -37.61
C ILE A 327 -24.17 -7.51 -36.36
N ILE A 328 -25.27 -6.86 -36.01
CA ILE A 328 -25.35 -6.00 -34.83
C ILE A 328 -26.47 -6.53 -33.95
N ASN A 329 -26.17 -6.73 -32.67
CA ASN A 329 -27.14 -7.18 -31.68
C ASN A 329 -27.31 -6.07 -30.65
N ASN A 330 -28.25 -5.17 -30.88
CA ASN A 330 -28.49 -4.08 -29.96
C ASN A 330 -29.08 -4.60 -28.66
N SER A 331 -28.59 -4.06 -27.54
CA SER A 331 -29.08 -4.44 -26.22
C SER A 331 -29.19 -3.20 -25.35
N SER A 332 -30.29 -3.11 -24.61
CA SER A 332 -30.54 -2.01 -23.67
C SER A 332 -30.32 -2.43 -22.23
N LEU A 333 -29.55 -3.50 -22.01
CA LEU A 333 -29.28 -3.97 -20.66
C LEU A 333 -28.38 -3.04 -19.87
N GLU A 334 -27.74 -2.07 -20.52
CA GLU A 334 -26.86 -1.11 -19.87
C GLU A 334 -25.74 -1.80 -19.12
N ILE A 335 -25.02 -2.68 -19.81
CA ILE A 335 -23.88 -3.38 -19.26
C ILE A 335 -22.62 -2.58 -19.59
N MET A 336 -21.87 -2.21 -18.56
CA MET A 336 -20.66 -1.41 -18.72
C MET A 336 -19.48 -2.18 -18.15
N PHE A 337 -18.52 -2.53 -19.00
CA PHE A 337 -17.27 -3.13 -18.56
C PHE A 337 -16.21 -2.05 -18.46
N ARG A 338 -16.42 -1.14 -17.50
CA ARG A 338 -15.55 0.02 -17.34
C ARG A 338 -14.19 -0.33 -16.75
N GLU A 339 -13.99 -1.55 -16.28
CA GLU A 339 -12.69 -1.96 -15.77
C GLU A 339 -11.69 -2.13 -16.91
N LYS A 340 -10.41 -2.03 -16.56
CA LYS A 340 -9.36 -2.18 -17.57
C LYS A 340 -9.34 -3.59 -18.13
N ASN A 341 -9.48 -4.60 -17.27
CA ASN A 341 -9.47 -6.00 -17.67
C ASN A 341 -10.66 -6.70 -17.05
N THR A 342 -11.42 -7.41 -17.89
CA THR A 342 -12.64 -8.07 -17.45
C THR A 342 -12.34 -9.52 -17.08
N THR A 343 -12.65 -9.89 -15.84
CA THR A 343 -12.48 -11.26 -15.38
C THR A 343 -13.53 -12.17 -16.02
N SER A 344 -13.10 -13.36 -16.42
CA SER A 344 -13.99 -14.28 -17.10
C SER A 344 -13.47 -15.70 -16.93
N ILE A 345 -14.34 -16.67 -17.19
CA ILE A 345 -13.98 -18.07 -17.21
C ILE A 345 -14.53 -18.69 -18.49
N TRP A 346 -13.68 -19.43 -19.20
CA TRP A 346 -14.07 -20.15 -20.40
C TRP A 346 -13.95 -21.63 -20.13
N ILE A 347 -15.06 -22.35 -20.27
CA ILE A 347 -15.13 -23.78 -20.00
C ILE A 347 -15.26 -24.51 -21.34
N PRO A 348 -14.29 -25.34 -21.73
CA PRO A 348 -14.41 -26.07 -22.99
C PRO A 348 -15.56 -27.05 -22.96
N SER A 349 -16.07 -27.34 -24.16
CA SER A 349 -17.20 -28.26 -24.29
C SER A 349 -16.79 -29.65 -23.81
N SER A 350 -17.68 -30.28 -23.04
CA SER A 350 -17.41 -31.60 -22.49
C SER A 350 -17.60 -32.66 -23.57
N LYS A 351 -16.72 -33.67 -23.54
CA LYS A 351 -16.80 -34.75 -24.50
C LYS A 351 -18.05 -35.60 -24.28
N SER A 352 -18.56 -36.16 -25.36
CA SER A 352 -19.75 -37.01 -25.30
C SER A 352 -19.33 -38.45 -25.02
N LYS A 353 -20.30 -39.37 -25.08
CA LYS A 353 -19.99 -40.78 -24.83
C LYS A 353 -19.05 -41.33 -25.90
N ASN A 354 -19.28 -40.99 -27.16
CA ASN A 354 -18.44 -41.45 -28.26
C ASN A 354 -17.29 -40.50 -28.56
N GLY A 355 -17.21 -39.38 -27.86
CA GLY A 355 -16.17 -38.40 -28.08
C GLY A 355 -16.61 -37.10 -28.73
N GLY A 356 -17.89 -36.75 -28.65
CA GLY A 356 -18.39 -35.52 -29.25
C GLY A 356 -18.03 -34.29 -28.44
N SER A 357 -18.93 -33.30 -28.47
CA SER A 357 -18.72 -32.05 -27.76
C SER A 357 -19.91 -31.58 -26.95
N ASN A 358 -21.12 -32.10 -27.20
CA ASN A 358 -22.33 -31.73 -26.48
C ASN A 358 -22.72 -30.27 -26.70
N ASN A 359 -21.90 -29.53 -27.44
CA ASN A 359 -22.15 -28.13 -27.76
C ASN A 359 -22.45 -27.31 -26.51
N ASP A 360 -21.71 -27.59 -25.44
CA ASP A 360 -21.91 -26.91 -24.17
C ASP A 360 -20.73 -26.03 -23.78
N GLU A 361 -19.91 -25.61 -24.75
CA GLU A 361 -18.83 -24.68 -24.48
C GLU A 361 -19.39 -23.36 -23.98
N THR A 362 -19.14 -23.04 -22.72
CA THR A 362 -19.73 -21.87 -22.09
C THR A 362 -18.65 -20.85 -21.72
N LEU A 363 -19.01 -19.59 -21.82
CA LEU A 363 -18.16 -18.48 -21.42
C LEU A 363 -18.96 -17.55 -20.52
N LEU A 364 -18.40 -17.19 -19.38
CA LEU A 364 -19.06 -16.32 -18.42
C LEU A 364 -18.22 -15.07 -18.20
N LEU A 365 -18.83 -13.91 -18.39
CA LEU A 365 -18.21 -12.65 -18.06
C LEU A 365 -18.62 -12.24 -16.65
N MET A 366 -18.03 -11.14 -16.18
CA MET A 366 -18.29 -10.71 -14.80
C MET A 366 -18.03 -9.21 -14.69
N ASP A 367 -19.03 -8.46 -14.25
CA ASP A 367 -18.85 -7.04 -14.01
C ASP A 367 -18.06 -6.79 -12.73
N LEU A 368 -17.72 -5.52 -12.51
CA LEU A 368 -17.14 -5.14 -11.23
C LEU A 368 -18.16 -5.26 -10.10
N LYS A 369 -19.44 -5.13 -10.41
CA LYS A 369 -20.51 -5.27 -9.43
C LYS A 369 -20.91 -6.72 -9.20
N SER A 370 -20.06 -7.67 -9.61
CA SER A 370 -20.29 -9.10 -9.40
C SER A 370 -21.57 -9.56 -10.08
N ASN A 371 -21.77 -9.11 -11.32
CA ASN A 371 -22.85 -9.58 -12.17
C ASN A 371 -22.27 -10.57 -13.16
N ILE A 372 -22.79 -11.79 -13.16
CA ILE A 372 -22.30 -12.86 -14.04
C ILE A 372 -23.16 -12.86 -15.30
N TYR A 373 -22.49 -12.88 -16.45
CA TYR A 373 -23.16 -12.84 -17.74
C TYR A 373 -22.83 -14.09 -18.54
N TYR A 374 -23.86 -14.70 -19.11
CA TYR A 374 -23.71 -15.88 -19.94
C TYR A 374 -23.65 -15.44 -21.40
N ILE A 375 -22.57 -15.82 -22.07
CA ILE A 375 -22.39 -15.55 -23.50
C ILE A 375 -22.38 -16.88 -24.22
N GLN A 376 -23.33 -17.06 -25.14
CA GLN A 376 -23.45 -18.31 -25.87
C GLN A 376 -22.96 -18.14 -27.30
N MET A 377 -22.35 -19.21 -27.83
CA MET A 377 -21.86 -19.25 -29.20
C MET A 377 -22.41 -20.51 -29.84
N GLU A 378 -23.45 -20.36 -30.65
CA GLU A 378 -24.12 -21.49 -31.31
C GLU A 378 -23.53 -21.79 -32.67
N ALA A 379 -22.25 -21.50 -32.89
CA ALA A 379 -21.63 -21.69 -34.20
C ALA A 379 -21.71 -23.15 -34.63
N GLU A 380 -22.14 -23.36 -35.87
CA GLU A 380 -22.16 -24.69 -36.47
C GLU A 380 -20.84 -25.05 -37.14
N GLY A 381 -19.87 -24.13 -37.16
CA GLY A 381 -18.60 -24.34 -37.82
C GLY A 381 -17.77 -23.07 -37.82
N ARG A 382 -17.23 -22.72 -38.99
CA ARG A 382 -16.54 -21.44 -39.11
C ARG A 382 -17.50 -20.28 -38.88
N LEU A 383 -18.70 -20.38 -39.46
CA LEU A 383 -19.72 -19.35 -39.27
C LEU A 383 -20.35 -19.48 -37.88
N LEU A 384 -20.73 -18.34 -37.32
CA LEU A 384 -21.33 -18.29 -35.99
C LEU A 384 -22.66 -17.55 -36.06
N ILE A 385 -23.67 -18.12 -35.41
CA ILE A 385 -25.00 -17.51 -35.34
C ILE A 385 -25.48 -17.53 -33.91
N LYS A 386 -26.43 -16.65 -33.60
CA LYS A 386 -27.01 -16.50 -32.26
C LYS A 386 -25.92 -16.18 -31.24
N PHE A 387 -25.32 -15.02 -31.43
CA PHE A 387 -24.33 -14.47 -30.50
C PHE A 387 -25.01 -13.43 -29.63
N ASP A 388 -25.06 -13.68 -28.32
CA ASP A 388 -25.79 -12.81 -27.42
C ASP A 388 -25.22 -12.96 -26.01
N ILE A 389 -25.57 -12.01 -25.15
CA ILE A 389 -25.13 -11.99 -23.75
C ILE A 389 -26.37 -11.99 -22.87
N PHE A 390 -26.40 -12.88 -21.88
CA PHE A 390 -27.51 -12.98 -20.94
C PHE A 390 -26.99 -12.84 -19.53
N LYS A 391 -27.70 -12.08 -18.71
CA LYS A 391 -27.35 -11.88 -17.32
C LYS A 391 -27.94 -13.00 -16.47
N LEU A 392 -27.11 -13.64 -15.67
CA LEU A 392 -27.59 -14.70 -14.80
C LEU A 392 -28.38 -14.10 -13.64
N PRO A 393 -29.62 -14.56 -13.40
CA PRO A 393 -30.42 -13.98 -12.32
C PRO A 393 -30.00 -14.51 -10.97
N ILE A 394 -29.73 -13.60 -10.03
CA ILE A 394 -29.40 -13.97 -8.67
C ILE A 394 -30.58 -13.57 -7.77
N VAL A 395 -31.50 -14.50 -7.55
CA VAL A 395 -32.70 -14.20 -6.78
C VAL A 395 -32.34 -13.89 -5.32
N ASN A 396 -31.45 -14.67 -4.74
CA ASN A 396 -31.06 -14.52 -3.34
C ASN A 396 -29.90 -13.55 -3.15
N ASP A 397 -29.52 -12.82 -4.19
CA ASP A 397 -28.48 -11.77 -4.18
C ASP A 397 -27.32 -12.14 -3.26
N LEU A 398 -26.81 -13.36 -3.42
CA LEU A 398 -25.68 -13.81 -2.63
C LEU A 398 -24.36 -13.17 -3.03
N LEU A 399 -24.34 -12.43 -4.15
CA LEU A 399 -23.17 -11.66 -4.56
C LEU A 399 -23.30 -10.19 -4.19
N LYS A 400 -24.25 -9.85 -3.32
CA LYS A 400 -24.48 -8.45 -2.96
C LYS A 400 -23.27 -7.84 -2.27
N GLU A 401 -22.61 -8.61 -1.41
CA GLU A 401 -21.51 -8.10 -0.59
C GLU A 401 -20.16 -8.26 -1.27
N ASN A 402 -20.12 -8.73 -2.52
CA ASN A 402 -18.88 -8.95 -3.23
C ASN A 402 -18.80 -8.01 -4.43
N SER A 403 -17.60 -7.49 -4.68
CA SER A 403 -17.36 -6.60 -5.81
C SER A 403 -15.92 -6.72 -6.25
N ASN A 404 -15.65 -6.27 -7.47
CA ASN A 404 -14.33 -6.32 -8.09
C ASN A 404 -13.79 -7.74 -8.10
N PRO A 405 -14.37 -8.65 -8.88
CA PRO A 405 -13.83 -10.00 -8.96
C PRO A 405 -12.45 -10.01 -9.60
N LYS A 406 -11.62 -10.94 -9.13
CA LYS A 406 -10.23 -11.03 -9.58
C LYS A 406 -9.95 -12.27 -10.42
N CYS A 407 -10.58 -13.40 -10.09
CA CYS A 407 -10.33 -14.64 -10.81
C CYS A 407 -11.53 -15.55 -10.65
N ILE A 408 -11.72 -16.43 -11.64
CA ILE A 408 -12.76 -17.46 -11.60
C ILE A 408 -12.11 -18.78 -11.97
N THR A 409 -12.36 -19.81 -11.15
CA THR A 409 -11.81 -21.13 -11.40
C THR A 409 -12.88 -22.18 -11.16
N ARG A 410 -12.97 -23.15 -12.05
CA ARG A 410 -13.91 -24.26 -11.88
C ARG A 410 -13.26 -25.33 -11.02
N LEU A 411 -13.99 -25.79 -10.00
CA LEU A 411 -13.44 -26.72 -9.02
C LEU A 411 -13.62 -28.17 -9.43
N ASN A 412 -14.86 -28.60 -9.64
CA ASN A 412 -15.17 -29.97 -10.00
C ASN A 412 -15.81 -29.99 -11.39
N ALA A 413 -15.27 -30.85 -12.26
CA ALA A 413 -15.71 -30.86 -13.66
C ALA A 413 -16.93 -31.76 -13.86
N THR A 414 -16.83 -33.02 -13.45
CA THR A 414 -17.88 -34.03 -13.59
C THR A 414 -18.25 -34.30 -15.04
N ASN A 415 -17.48 -33.79 -16.00
CA ASN A 415 -17.69 -34.01 -17.43
C ASN A 415 -19.13 -33.61 -17.79
N SER A 416 -19.45 -32.35 -17.47
CA SER A 416 -20.74 -31.78 -17.79
C SER A 416 -20.71 -30.27 -17.54
N ASN A 417 -21.14 -29.48 -18.52
CA ASN A 417 -21.18 -28.04 -18.36
C ASN A 417 -22.51 -27.53 -17.83
N LYS A 418 -23.44 -28.43 -17.50
CA LYS A 418 -24.68 -28.02 -16.85
C LYS A 418 -24.40 -27.54 -15.43
N ASN A 419 -23.87 -28.43 -14.59
CA ASN A 419 -23.48 -28.07 -13.24
C ASN A 419 -22.07 -27.48 -13.22
N MET A 420 -21.85 -26.51 -12.33
CA MET A 420 -20.55 -25.87 -12.23
C MET A 420 -20.30 -25.44 -10.79
N ASP A 421 -19.17 -25.85 -10.23
CA ASP A 421 -18.67 -25.30 -8.97
C ASP A 421 -17.57 -24.31 -9.30
N LEU A 422 -17.76 -23.06 -8.91
CA LEU A 422 -16.86 -21.98 -9.28
C LEU A 422 -16.30 -21.30 -8.03
N PHE A 423 -14.99 -21.12 -8.00
CA PHE A 423 -14.32 -20.33 -6.97
C PHE A 423 -13.97 -18.99 -7.56
N ILE A 424 -14.47 -17.91 -6.94
CA ILE A 424 -14.25 -16.55 -7.42
C ILE A 424 -13.61 -15.74 -6.31
N GLY A 425 -12.47 -15.13 -6.62
CA GLY A 425 -11.82 -14.22 -5.70
C GLY A 425 -12.29 -12.79 -5.94
N PHE A 426 -12.56 -12.08 -4.85
CA PHE A 426 -13.11 -10.74 -4.92
C PHE A 426 -12.19 -9.75 -4.22
N GLY A 427 -12.19 -8.51 -4.72
CA GLY A 427 -11.35 -7.49 -4.12
C GLY A 427 -11.92 -6.90 -2.84
N SER A 428 -13.24 -6.93 -2.68
CA SER A 428 -13.90 -6.35 -1.52
C SER A 428 -14.54 -7.40 -0.63
N GLY A 429 -15.41 -8.24 -1.17
CA GLY A 429 -16.02 -9.29 -0.40
C GLY A 429 -15.11 -10.48 -0.22
N ASN A 430 -15.58 -11.44 0.59
CA ASN A 430 -14.83 -12.67 0.79
C ASN A 430 -14.92 -13.55 -0.46
N ALA A 431 -13.83 -14.23 -0.76
CA ALA A 431 -13.81 -15.13 -1.91
C ALA A 431 -14.82 -16.25 -1.70
N LEU A 432 -15.60 -16.54 -2.74
CA LEU A 432 -16.73 -17.45 -2.63
C LEU A 432 -16.55 -18.66 -3.53
N VAL A 433 -17.06 -19.79 -3.05
CA VAL A 433 -17.20 -21.01 -3.85
C VAL A 433 -18.68 -21.16 -4.13
N LEU A 434 -19.07 -21.01 -5.39
CA LEU A 434 -20.46 -21.01 -5.79
C LEU A 434 -20.78 -22.23 -6.65
N ARG A 435 -22.03 -22.68 -6.58
CA ARG A 435 -22.51 -23.79 -7.37
C ARG A 435 -23.55 -23.28 -8.36
N LEU A 436 -23.30 -23.52 -9.65
CA LEU A 436 -24.23 -23.15 -10.71
C LEU A 436 -24.79 -24.43 -11.30
N ASN A 437 -26.11 -24.54 -11.33
CA ASN A 437 -26.77 -25.81 -11.62
C ASN A 437 -27.27 -25.94 -13.05
N ASN A 438 -28.02 -24.96 -13.54
CA ASN A 438 -28.63 -25.03 -14.87
C ASN A 438 -28.33 -23.74 -15.64
N LEU A 439 -27.34 -23.79 -16.52
CA LEU A 439 -26.98 -22.66 -17.35
C LEU A 439 -27.84 -22.68 -18.60
N LYS A 440 -28.93 -21.92 -18.60
CA LYS A 440 -29.87 -21.86 -19.71
C LYS A 440 -30.08 -20.42 -20.12
N SER A 441 -30.26 -20.21 -21.43
CA SER A 441 -30.45 -18.87 -21.97
C SER A 441 -31.81 -18.29 -21.58
N PRO A 496 -34.33 -24.69 -14.66
CA PRO A 496 -34.33 -23.40 -13.94
C PRO A 496 -32.98 -23.09 -13.30
N PHE A 497 -32.42 -21.94 -13.64
CA PHE A 497 -31.12 -21.55 -13.10
C PHE A 497 -31.22 -21.17 -11.64
N ASP A 498 -30.28 -21.66 -10.84
CA ASP A 498 -30.16 -21.25 -9.45
C ASP A 498 -28.70 -21.34 -9.05
N ILE A 499 -28.31 -20.49 -8.10
CA ILE A 499 -26.94 -20.42 -7.62
C ILE A 499 -26.95 -20.46 -6.09
N GLU A 500 -26.05 -21.25 -5.52
CA GLU A 500 -25.96 -21.40 -4.07
C GLU A 500 -24.53 -21.24 -3.63
N LEU A 501 -24.35 -20.76 -2.40
CA LEU A 501 -23.03 -20.54 -1.82
C LEU A 501 -22.59 -21.80 -1.08
N LEU A 502 -21.43 -22.34 -1.45
CA LEU A 502 -20.91 -23.54 -0.82
C LEU A 502 -19.98 -23.22 0.33
N SER A 503 -18.99 -22.37 0.11
CA SER A 503 -18.06 -21.97 1.15
C SER A 503 -17.44 -20.64 0.77
N SER A 504 -16.82 -19.98 1.75
CA SER A 504 -16.21 -18.69 1.54
C SER A 504 -14.85 -18.63 2.22
N LEU A 505 -13.94 -17.89 1.60
CA LEU A 505 -12.63 -17.61 2.19
C LEU A 505 -12.67 -16.20 2.76
N ARG A 506 -12.47 -16.09 4.08
CA ARG A 506 -12.60 -14.82 4.76
C ARG A 506 -11.66 -13.77 4.16
N ASN A 507 -12.20 -12.59 3.87
CA ASN A 507 -11.43 -11.50 3.30
C ASN A 507 -11.83 -10.21 4.02
N VAL A 508 -10.84 -9.58 4.67
CA VAL A 508 -11.10 -8.29 5.36
C VAL A 508 -11.10 -7.21 4.28
N GLY A 509 -11.21 -7.62 3.01
CA GLY A 509 -11.30 -6.67 1.89
C GLY A 509 -10.25 -5.59 1.96
N PRO A 510 -10.51 -4.38 1.45
CA PRO A 510 -9.56 -3.28 1.56
C PRO A 510 -9.64 -2.66 2.96
N ILE A 511 -8.55 -2.72 3.73
CA ILE A 511 -8.54 -2.03 5.05
C ILE A 511 -8.40 -0.54 4.76
N THR A 512 -9.50 0.21 4.80
CA THR A 512 -9.44 1.65 4.38
C THR A 512 -9.20 2.55 5.60
N SER A 513 -9.26 2.01 6.81
CA SER A 513 -9.08 2.83 8.04
C SER A 513 -8.56 1.97 9.18
N LEU A 514 -7.93 2.59 10.17
CA LEU A 514 -7.41 1.83 11.35
C LEU A 514 -7.50 2.71 12.60
N THR A 515 -7.98 2.15 13.71
CA THR A 515 -8.10 2.86 14.96
C THR A 515 -7.97 1.87 16.11
N VAL A 516 -7.71 2.41 17.30
CA VAL A 516 -7.60 1.62 18.52
C VAL A 516 -8.79 1.96 19.40
N GLY A 517 -9.48 0.92 19.87
CA GLY A 517 -10.64 1.12 20.71
C GLY A 517 -10.88 -0.01 21.68
N LYS A 518 -12.02 0.00 22.35
CA LYS A 518 -12.38 -1.00 23.35
C LYS A 518 -13.50 -1.87 22.78
N VAL A 519 -13.11 -2.92 22.05
CA VAL A 519 -14.10 -3.90 21.58
C VAL A 519 -14.43 -4.88 22.68
N SER A 520 -13.46 -5.24 23.50
CA SER A 520 -13.68 -5.98 24.73
C SER A 520 -13.28 -5.11 25.91
N SER A 521 -13.60 -5.58 27.10
CA SER A 521 -13.29 -4.87 28.35
C SER A 521 -13.98 -3.52 28.44
N ILE A 522 -15.14 -3.37 27.79
CA ILE A 522 -15.96 -2.18 28.02
C ILE A 522 -16.44 -2.15 29.46
N ASP A 523 -16.91 -3.29 29.96
CA ASP A 523 -17.33 -3.44 31.35
C ASP A 523 -16.28 -4.21 32.13
N ASP A 524 -15.91 -3.68 33.30
CA ASP A 524 -14.86 -4.29 34.09
C ASP A 524 -15.27 -5.65 34.63
N VAL A 525 -16.54 -5.83 34.97
CA VAL A 525 -17.03 -7.05 35.61
C VAL A 525 -17.99 -7.73 34.66
N VAL A 526 -17.73 -9.00 34.36
CA VAL A 526 -18.61 -9.84 33.55
C VAL A 526 -18.97 -11.07 34.36
N LYS A 527 -20.28 -11.31 34.53
CA LYS A 527 -20.80 -12.44 35.29
C LYS A 527 -20.26 -12.45 36.72
N GLY A 528 -20.15 -11.27 37.31
CA GLY A 528 -19.74 -11.14 38.70
C GLY A 528 -18.25 -11.26 38.95
N LEU A 529 -17.44 -11.39 37.91
CA LEU A 529 -16.00 -11.53 38.02
C LEU A 529 -15.32 -10.54 37.09
N PRO A 530 -14.06 -10.21 37.37
CA PRO A 530 -13.35 -9.29 36.47
C PRO A 530 -13.25 -9.83 35.06
N ASN A 531 -13.20 -8.91 34.10
CA ASN A 531 -13.13 -9.29 32.70
C ASN A 531 -11.86 -10.09 32.44
N PRO A 532 -11.95 -11.26 31.81
CA PRO A 532 -10.74 -12.03 31.51
C PRO A 532 -9.79 -11.33 30.56
N ASN A 533 -10.27 -10.35 29.80
CA ASN A 533 -9.43 -9.51 28.95
C ASN A 533 -9.66 -8.04 29.27
N LYS A 534 -9.63 -7.72 30.56
CA LYS A 534 -9.85 -6.36 31.04
C LYS A 534 -8.74 -5.44 30.56
N ASN A 535 -9.08 -4.15 30.49
CA ASN A 535 -8.19 -3.05 30.12
C ASN A 535 -7.23 -3.43 28.99
N GLU A 536 -7.79 -4.05 27.95
CA GLU A 536 -7.05 -4.33 26.73
C GLU A 536 -7.74 -3.65 25.56
N TYR A 537 -6.94 -3.23 24.59
CA TYR A 537 -7.43 -2.54 23.40
C TYR A 537 -7.11 -3.38 22.17
N SER A 538 -7.83 -3.10 21.09
CA SER A 538 -7.63 -3.85 19.85
C SER A 538 -7.83 -2.93 18.66
N LEU A 539 -7.19 -3.30 17.55
CA LEU A 539 -7.37 -2.57 16.30
C LEU A 539 -8.73 -2.85 15.70
N VAL A 540 -9.40 -1.80 15.25
CA VAL A 540 -10.66 -1.91 14.52
C VAL A 540 -10.47 -1.24 13.17
N ALA A 541 -10.76 -1.97 12.09
CA ALA A 541 -10.51 -1.42 10.74
C ALA A 541 -11.80 -1.38 9.93
N THR A 542 -11.83 -0.57 8.87
CA THR A 542 -13.00 -0.54 7.96
C THR A 542 -12.70 -1.48 6.79
N SER A 543 -13.68 -2.30 6.39
CA SER A 543 -13.47 -3.27 5.33
C SER A 543 -14.58 -3.16 4.29
N GLY A 544 -14.26 -3.55 3.07
CA GLY A 544 -15.25 -3.62 2.01
C GLY A 544 -15.38 -2.34 1.22
N ASN A 545 -16.03 -2.45 0.06
CA ASN A 545 -16.23 -1.34 -0.87
C ASN A 545 -17.67 -1.31 -1.36
N GLY A 546 -18.64 -1.40 -0.45
CA GLY A 546 -20.02 -1.29 -0.85
C GLY A 546 -21.04 -1.76 0.16
N SER A 547 -22.01 -2.55 -0.31
CA SER A 547 -23.08 -3.00 0.57
C SER A 547 -22.56 -3.87 1.71
N GLY A 548 -21.62 -4.75 1.41
CA GLY A 548 -21.08 -5.65 2.40
C GLY A 548 -19.99 -5.07 3.27
N SER A 549 -19.76 -3.76 3.21
CA SER A 549 -18.73 -3.14 4.02
C SER A 549 -19.05 -3.28 5.51
N HIS A 550 -18.02 -3.52 6.30
CA HIS A 550 -18.19 -3.86 7.71
C HIS A 550 -17.01 -3.33 8.50
N LEU A 551 -17.02 -3.61 9.80
CA LEU A 551 -15.90 -3.32 10.69
C LEU A 551 -15.22 -4.62 11.05
N THR A 552 -13.89 -4.66 10.91
CA THR A 552 -13.09 -5.83 11.25
C THR A 552 -12.32 -5.53 12.52
N VAL A 553 -12.58 -6.29 13.57
CA VAL A 553 -11.89 -6.14 14.84
C VAL A 553 -10.67 -7.06 14.82
N ILE A 554 -9.48 -6.46 14.77
CA ILE A 554 -8.23 -7.21 14.78
C ILE A 554 -7.87 -7.42 16.24
N GLN A 555 -8.42 -8.49 16.83
CA GLN A 555 -8.27 -8.73 18.25
C GLN A 555 -6.82 -9.08 18.60
N THR A 556 -6.28 -8.40 19.61
CA THR A 556 -4.95 -8.73 20.10
C THR A 556 -4.92 -10.07 20.81
N SER A 557 -6.07 -10.54 21.30
CA SER A 557 -6.15 -11.82 21.99
C SER A 557 -7.53 -12.40 21.78
N VAL A 558 -7.64 -13.72 21.96
CA VAL A 558 -8.92 -14.39 21.81
C VAL A 558 -9.81 -14.02 22.99
N GLN A 559 -11.04 -13.59 22.69
CA GLN A 559 -11.99 -13.24 23.73
C GLN A 559 -12.95 -14.40 23.93
N PRO A 560 -12.89 -15.12 25.04
CA PRO A 560 -13.81 -16.23 25.26
C PRO A 560 -15.17 -15.74 25.77
N GLU A 561 -16.16 -16.60 25.62
CA GLU A 561 -17.51 -16.34 26.12
C GLU A 561 -17.66 -16.97 27.50
N ILE A 562 -18.00 -16.17 28.48
CA ILE A 562 -18.13 -16.61 29.87
C ILE A 562 -19.60 -16.93 30.13
N GLU A 563 -19.89 -18.17 30.51
CA GLU A 563 -21.23 -18.56 30.91
C GLU A 563 -21.34 -19.00 32.35
N LEU A 564 -20.23 -19.05 33.09
CA LEU A 564 -20.24 -19.51 34.47
C LEU A 564 -18.94 -19.05 35.13
N ALA A 565 -19.07 -18.47 36.32
CA ALA A 565 -17.93 -17.90 37.02
C ALA A 565 -17.97 -18.31 38.49
N LEU A 566 -16.85 -18.84 38.99
CA LEU A 566 -16.71 -19.24 40.38
C LEU A 566 -15.61 -18.43 41.03
N LYS A 567 -15.61 -18.45 42.36
CA LYS A 567 -14.60 -17.77 43.17
C LYS A 567 -13.98 -18.75 44.14
N PHE A 568 -12.65 -18.77 44.23
CA PHE A 568 -11.91 -19.52 45.23
C PHE A 568 -12.22 -21.02 45.17
N ILE A 569 -12.47 -21.55 43.97
CA ILE A 569 -12.74 -22.97 43.85
C ILE A 569 -11.47 -23.80 43.66
N SER A 570 -10.36 -23.16 43.31
CA SER A 570 -9.10 -23.86 43.07
C SER A 570 -7.97 -23.14 43.78
N ILE A 571 -6.85 -23.84 43.90
CA ILE A 571 -5.62 -23.23 44.44
C ILE A 571 -4.51 -23.39 43.43
N THR A 572 -4.25 -24.63 43.02
CA THR A 572 -3.16 -24.92 42.11
C THR A 572 -3.59 -25.66 40.84
N GLN A 573 -4.54 -26.58 40.94
CA GLN A 573 -4.95 -27.33 39.76
C GLN A 573 -6.38 -27.84 39.97
N ILE A 574 -7.04 -28.15 38.86
CA ILE A 574 -8.39 -28.69 38.87
C ILE A 574 -8.48 -29.85 37.89
N TRP A 575 -9.45 -30.72 38.13
CA TRP A 575 -9.79 -31.79 37.20
C TRP A 575 -11.30 -31.98 37.22
N ASN A 576 -11.87 -32.19 36.05
CA ASN A 576 -13.30 -32.43 35.90
C ASN A 576 -13.53 -33.85 35.40
N LEU A 577 -14.34 -34.60 36.12
CA LEU A 577 -14.65 -35.98 35.77
C LEU A 577 -16.00 -36.07 35.08
N LYS A 578 -16.13 -37.05 34.19
CA LYS A 578 -17.36 -37.26 33.43
C LYS A 578 -17.76 -38.73 33.60
N ILE A 579 -18.67 -39.00 34.53
CA ILE A 579 -19.16 -40.37 34.70
C ILE A 579 -19.89 -40.84 33.46
N LYS A 580 -20.83 -40.04 32.97
CA LYS A 580 -21.54 -40.29 31.73
C LYS A 580 -21.69 -39.00 30.94
N GLY A 581 -20.65 -38.19 30.92
CA GLY A 581 -20.73 -36.86 30.32
C GLY A 581 -21.66 -35.96 31.10
N ARG A 582 -21.54 -35.98 32.43
CA ARG A 582 -22.46 -35.25 33.30
C ARG A 582 -21.75 -34.23 34.20
N ASP A 583 -20.44 -34.06 34.06
CA ASP A 583 -19.68 -33.06 34.81
C ASP A 583 -19.82 -33.26 36.32
N ARG A 584 -19.28 -34.37 36.79
CA ARG A 584 -19.29 -34.70 38.21
C ARG A 584 -17.87 -34.66 38.77
N TYR A 585 -17.77 -34.36 40.07
CA TYR A 585 -16.53 -34.49 40.83
C TYR A 585 -15.42 -33.59 40.23
N LEU A 586 -15.61 -32.29 40.41
CA LEU A 586 -14.58 -31.32 40.06
C LEU A 586 -13.49 -31.35 41.13
N ILE A 587 -12.53 -32.25 40.96
CA ILE A 587 -11.46 -32.38 41.95
C ILE A 587 -10.48 -31.22 41.83
N THR A 588 -10.14 -30.62 42.97
CA THR A 588 -9.13 -29.58 43.05
C THR A 588 -8.04 -30.00 44.02
N THR A 589 -6.87 -29.40 43.86
CA THR A 589 -5.74 -29.71 44.73
C THR A 589 -5.07 -28.42 45.17
N ASP A 590 -4.40 -28.50 46.33
CA ASP A 590 -3.67 -27.38 46.90
C ASP A 590 -2.24 -27.86 47.17
N SER A 591 -1.32 -27.51 46.27
CA SER A 591 0.06 -27.96 46.41
C SER A 591 0.73 -27.31 47.62
N THR A 592 0.35 -26.08 47.96
CA THR A 592 1.03 -25.38 49.04
C THR A 592 0.81 -26.07 50.39
N LYS A 593 -0.42 -26.52 50.65
CA LYS A 593 -0.75 -27.14 51.92
C LYS A 593 -1.07 -28.62 51.80
N SER A 594 -0.79 -29.24 50.65
CA SER A 594 -1.00 -30.67 50.44
C SER A 594 -2.44 -31.07 50.73
N ARG A 595 -3.37 -30.34 50.13
CA ARG A 595 -4.80 -30.55 50.34
C ARG A 595 -5.50 -30.77 49.01
N SER A 596 -6.43 -31.71 48.99
CA SER A 596 -7.28 -31.97 47.83
C SER A 596 -8.73 -32.02 48.28
N ASP A 597 -9.64 -31.63 47.39
CA ASP A 597 -11.07 -31.61 47.70
C ASP A 597 -11.84 -32.13 46.49
N ILE A 598 -13.15 -32.25 46.66
CA ILE A 598 -14.00 -33.00 45.72
C ILE A 598 -14.97 -32.07 44.98
N TYR A 599 -15.72 -31.24 45.71
CA TYR A 599 -16.69 -30.32 45.10
C TYR A 599 -17.56 -30.95 44.03
N GLU A 600 -18.45 -31.85 44.42
CA GLU A 600 -19.41 -32.44 43.48
C GLU A 600 -20.08 -31.37 42.63
N SER A 601 -19.85 -31.42 41.32
CA SER A 601 -20.26 -30.34 40.42
C SER A 601 -21.61 -30.58 39.76
N ASP A 602 -22.35 -31.63 40.17
CA ASP A 602 -23.72 -31.77 39.71
C ASP A 602 -24.59 -30.60 40.16
N ASN A 603 -24.46 -30.21 41.43
CA ASN A 603 -25.34 -29.23 42.06
C ASN A 603 -24.50 -28.11 42.68
N ASN A 604 -24.21 -27.09 41.88
CA ASN A 604 -23.63 -25.83 42.35
C ASN A 604 -22.33 -26.06 43.12
N PHE A 605 -21.57 -27.06 42.69
CA PHE A 605 -20.22 -27.31 43.22
C PHE A 605 -20.24 -27.52 44.74
N LYS A 606 -21.20 -28.28 45.22
CA LYS A 606 -21.28 -28.62 46.63
C LYS A 606 -20.23 -29.68 46.97
N LEU A 607 -19.78 -29.66 48.22
CA LEU A 607 -18.80 -30.65 48.67
C LEU A 607 -19.43 -32.03 48.72
N HIS A 608 -18.89 -32.97 47.94
CA HIS A 608 -19.40 -34.32 47.94
C HIS A 608 -19.18 -35.00 49.29
N LYS A 609 -18.02 -34.76 49.90
CA LYS A 609 -17.72 -35.11 51.30
C LYS A 609 -17.67 -36.62 51.51
N GLY A 610 -18.01 -37.41 50.48
CA GLY A 610 -18.01 -38.85 50.58
C GLY A 610 -16.81 -39.48 49.90
N GLY A 611 -16.84 -40.81 49.84
CA GLY A 611 -15.78 -41.56 49.20
C GLY A 611 -14.53 -41.67 50.04
N ARG A 612 -13.50 -42.28 49.44
CA ARG A 612 -12.23 -42.51 50.10
C ARG A 612 -11.09 -41.77 49.40
N LEU A 613 -11.42 -40.66 48.74
CA LEU A 613 -10.39 -39.87 48.06
C LEU A 613 -9.43 -39.27 49.09
N ARG A 614 -8.15 -39.26 48.75
CA ARG A 614 -7.12 -38.74 49.65
C ARG A 614 -7.20 -37.23 49.69
N ARG A 615 -7.93 -36.70 50.67
CA ARG A 615 -8.06 -35.25 50.79
C ARG A 615 -6.80 -34.61 51.34
N ASP A 616 -6.00 -35.34 52.11
CA ASP A 616 -4.85 -34.79 52.80
C ASP A 616 -3.55 -34.99 52.03
N ALA A 617 -3.62 -34.98 50.70
CA ALA A 617 -2.42 -35.11 49.89
C ALA A 617 -2.58 -34.28 48.62
N THR A 618 -1.45 -33.84 48.08
CA THR A 618 -1.45 -33.10 46.82
C THR A 618 -1.75 -34.06 45.67
N THR A 619 -2.84 -33.79 44.94
CA THR A 619 -3.20 -34.60 43.80
C THR A 619 -2.37 -34.18 42.59
N VAL A 620 -1.64 -35.12 42.01
CA VAL A 620 -0.85 -34.81 40.82
C VAL A 620 -1.69 -34.96 39.56
N TYR A 621 -2.54 -35.97 39.51
CA TYR A 621 -3.41 -36.19 38.35
C TYR A 621 -4.52 -37.17 38.69
N ILE A 622 -5.76 -36.82 38.36
CA ILE A 622 -6.91 -37.69 38.57
C ILE A 622 -7.80 -37.63 37.33
N SER A 623 -8.25 -38.78 36.87
CA SER A 623 -9.07 -38.85 35.66
C SER A 623 -9.85 -40.16 35.66
N MET A 624 -10.82 -40.23 34.76
CA MET A 624 -11.55 -41.48 34.54
C MET A 624 -10.62 -42.53 33.97
N PHE A 625 -10.93 -43.80 34.28
CA PHE A 625 -10.06 -44.90 33.93
C PHE A 625 -10.89 -46.16 33.79
N GLY A 626 -10.42 -47.07 32.93
CA GLY A 626 -11.12 -48.32 32.72
C GLY A 626 -12.48 -48.18 32.09
N GLU A 627 -12.55 -47.44 30.98
CA GLU A 627 -13.79 -47.22 30.23
C GLU A 627 -14.85 -46.54 31.10
N GLU A 628 -14.43 -45.48 31.81
CA GLU A 628 -15.31 -44.68 32.65
C GLU A 628 -15.98 -45.50 33.74
N LYS A 629 -15.31 -46.56 34.19
CA LYS A 629 -15.81 -47.38 35.27
C LYS A 629 -14.94 -47.30 36.53
N ARG A 630 -13.75 -46.71 36.43
CA ARG A 630 -12.86 -46.56 37.58
C ARG A 630 -12.31 -45.14 37.60
N ILE A 631 -11.91 -44.69 38.78
CA ILE A 631 -11.28 -43.40 38.97
C ILE A 631 -9.90 -43.64 39.55
N ILE A 632 -8.88 -43.12 38.87
CA ILE A 632 -7.49 -43.27 39.29
C ILE A 632 -6.98 -41.91 39.73
N GLN A 633 -6.36 -41.87 40.92
CA GLN A 633 -5.80 -40.65 41.47
C GLN A 633 -4.35 -40.90 41.84
N VAL A 634 -3.45 -40.04 41.35
CA VAL A 634 -2.03 -40.14 41.64
C VAL A 634 -1.66 -38.96 42.52
N THR A 635 -1.30 -39.23 43.76
CA THR A 635 -0.85 -38.20 44.68
C THR A 635 0.67 -38.07 44.57
N THR A 636 1.28 -37.34 45.51
CA THR A 636 2.72 -37.11 45.45
C THR A 636 3.50 -38.42 45.57
N ASN A 637 3.10 -39.30 46.48
CA ASN A 637 3.83 -40.53 46.73
C ASN A 637 2.93 -41.76 46.70
N HIS A 638 1.76 -41.68 46.09
CA HIS A 638 0.85 -42.81 46.08
C HIS A 638 0.02 -42.81 44.81
N LEU A 639 -0.48 -44.00 44.46
CA LEU A 639 -1.41 -44.17 43.36
C LEU A 639 -2.62 -44.92 43.89
N TYR A 640 -3.81 -44.39 43.64
CA TYR A 640 -5.05 -44.98 44.13
C TYR A 640 -5.99 -45.27 42.98
N LEU A 641 -6.66 -46.42 43.05
CA LEU A 641 -7.68 -46.80 42.08
C LEU A 641 -9.01 -46.90 42.80
N TYR A 642 -9.99 -46.13 42.31
CA TYR A 642 -11.33 -46.12 42.89
C TYR A 642 -12.34 -46.61 41.86
N ASP A 643 -13.60 -46.61 42.27
CA ASP A 643 -14.73 -46.87 41.38
C ASP A 643 -15.48 -45.55 41.16
N THR A 644 -16.62 -45.65 40.49
CA THR A 644 -17.44 -44.46 40.26
C THR A 644 -17.84 -43.78 41.56
N HIS A 645 -18.08 -44.55 42.61
CA HIS A 645 -18.49 -44.03 43.90
C HIS A 645 -17.32 -43.80 44.85
N PHE A 646 -16.10 -43.71 44.33
CA PHE A 646 -14.91 -43.38 45.12
C PHE A 646 -14.67 -44.38 46.24
N ARG A 647 -14.87 -45.66 45.96
CA ARG A 647 -14.51 -46.73 46.89
C ARG A 647 -13.12 -47.25 46.51
N ARG A 648 -12.19 -47.16 47.44
CA ARG A 648 -10.81 -47.54 47.16
C ARG A 648 -10.72 -49.02 46.83
N LEU A 649 -9.98 -49.34 45.76
CA LEU A 649 -9.78 -50.70 45.32
C LEU A 649 -8.32 -51.13 45.38
N THR A 650 -7.42 -50.35 44.80
CA THR A 650 -5.99 -50.67 44.78
C THR A 650 -5.19 -49.45 45.18
N THR A 651 -4.12 -49.68 45.94
CA THR A 651 -3.21 -48.63 46.37
C THR A 651 -1.79 -49.03 46.02
N ILE A 652 -1.05 -48.14 45.36
CA ILE A 652 0.34 -48.36 44.99
C ILE A 652 1.17 -47.26 45.61
N LYS A 653 2.21 -47.64 46.35
CA LYS A 653 3.07 -46.70 47.04
C LYS A 653 4.35 -46.49 46.23
N PHE A 654 4.71 -45.23 46.03
CA PHE A 654 5.93 -44.87 45.30
C PHE A 654 6.98 -44.40 46.30
N ASP A 655 8.20 -44.93 46.15
CA ASP A 655 9.28 -44.56 47.07
C ASP A 655 9.63 -43.09 46.95
N TYR A 656 9.58 -42.55 45.73
CA TYR A 656 9.93 -41.16 45.47
C TYR A 656 8.76 -40.45 44.82
N GLU A 657 8.72 -39.14 44.98
CA GLU A 657 7.59 -38.35 44.52
C GLU A 657 7.47 -38.39 43.00
N VAL A 658 6.23 -38.43 42.52
CA VAL A 658 5.97 -38.51 41.08
C VAL A 658 6.04 -37.11 40.49
N ILE A 659 6.29 -37.06 39.18
CA ILE A 659 6.43 -35.79 38.48
C ILE A 659 5.41 -35.70 37.37
N HIS A 660 5.51 -36.61 36.40
CA HIS A 660 4.63 -36.63 35.24
C HIS A 660 3.80 -37.89 35.25
N VAL A 661 2.54 -37.78 34.82
CA VAL A 661 1.64 -38.93 34.76
C VAL A 661 0.60 -38.70 33.68
N SER A 662 0.43 -39.68 32.80
CA SER A 662 -0.54 -39.61 31.72
C SER A 662 -1.43 -40.84 31.75
N VAL A 663 -2.70 -40.64 31.40
CA VAL A 663 -3.70 -41.70 31.44
C VAL A 663 -4.19 -41.98 30.03
N MET A 664 -4.18 -43.25 29.64
CA MET A 664 -4.97 -43.73 28.52
C MET A 664 -5.98 -44.73 29.05
N ASP A 665 -6.91 -45.13 28.18
CA ASP A 665 -8.04 -45.94 28.65
C ASP A 665 -7.61 -47.23 29.35
N PRO A 666 -6.70 -48.03 28.80
CA PRO A 666 -6.25 -49.23 29.54
C PRO A 666 -4.94 -49.09 30.31
N TYR A 667 -4.20 -47.98 30.16
CA TYR A 667 -2.85 -47.88 30.70
C TYR A 667 -2.68 -46.62 31.52
N ILE A 668 -1.77 -46.69 32.50
CA ILE A 668 -1.34 -45.57 33.31
C ILE A 668 0.18 -45.48 33.23
N LEU A 669 0.68 -44.28 32.97
CA LEU A 669 2.11 -44.00 32.90
C LEU A 669 2.45 -43.04 34.04
N VAL A 670 3.45 -43.41 34.84
CA VAL A 670 3.85 -42.62 36.00
C VAL A 670 5.37 -42.47 35.98
N THR A 671 5.84 -41.24 36.16
CA THR A 671 7.26 -40.95 36.27
C THR A 671 7.53 -40.33 37.65
N VAL A 672 8.66 -40.67 38.24
CA VAL A 672 9.00 -40.18 39.56
C VAL A 672 10.27 -39.34 39.50
N SER A 673 10.71 -38.82 40.65
CA SER A 673 11.80 -37.85 40.67
C SER A 673 13.11 -38.43 40.16
N ARG A 674 13.33 -39.73 40.37
CA ARG A 674 14.57 -40.34 39.89
C ARG A 674 14.66 -40.34 38.37
N GLY A 675 13.52 -40.33 37.68
CA GLY A 675 13.50 -40.39 36.24
C GLY A 675 13.14 -41.74 35.66
N ASP A 676 13.13 -42.80 36.48
CA ASP A 676 12.72 -44.11 36.00
C ASP A 676 11.22 -44.11 35.70
N ILE A 677 10.83 -45.00 34.80
CA ILE A 677 9.48 -45.02 34.23
C ILE A 677 8.72 -46.21 34.80
N LYS A 678 7.48 -45.95 35.23
CA LYS A 678 6.59 -47.01 35.71
C LYS A 678 5.30 -46.94 34.91
N ILE A 679 4.95 -48.06 34.27
CA ILE A 679 3.72 -48.17 33.49
C ILE A 679 2.94 -49.37 34.02
N PHE A 680 1.65 -49.16 34.30
CA PHE A 680 0.78 -50.22 34.77
C PHE A 680 -0.40 -50.37 33.83
N GLU A 681 -0.89 -51.59 33.69
CA GLU A 681 -2.04 -51.90 32.84
C GLU A 681 -3.18 -52.39 33.70
N LEU A 682 -4.36 -51.80 33.52
CA LEU A 682 -5.53 -52.22 34.28
C LEU A 682 -5.99 -53.59 33.83
N GLU A 683 -6.42 -54.40 34.80
CA GLU A 683 -6.94 -55.74 34.50
C GLU A 683 -8.28 -55.63 33.80
N GLU A 684 -8.43 -56.37 32.70
CA GLU A 684 -9.66 -56.29 31.90
C GLU A 684 -10.83 -56.93 32.64
N LYS A 685 -10.63 -58.15 33.16
CA LYS A 685 -11.75 -58.94 33.66
C LYS A 685 -12.50 -58.24 34.78
N ASN A 686 -11.84 -57.99 35.90
CA ASN A 686 -12.52 -57.42 37.07
C ASN A 686 -11.77 -56.24 37.66
N LYS A 687 -10.80 -55.69 36.94
CA LYS A 687 -10.08 -54.47 37.36
C LYS A 687 -9.36 -54.76 38.68
N ARG A 688 -9.14 -53.73 39.50
CA ARG A 688 -8.59 -53.83 40.84
C ARG A 688 -7.20 -54.44 40.89
N LYS A 689 -6.49 -54.53 39.76
CA LYS A 689 -5.18 -55.16 39.74
C LYS A 689 -4.06 -54.21 39.37
N LEU A 690 -4.17 -53.52 38.22
CA LEU A 690 -3.12 -52.62 37.72
C LEU A 690 -1.80 -53.36 37.56
N LEU A 691 -1.81 -54.32 36.62
CA LEU A 691 -0.63 -55.12 36.35
C LEU A 691 0.49 -54.25 35.79
N LYS A 692 1.72 -54.53 36.22
CA LYS A 692 2.88 -53.81 35.72
C LYS A 692 3.13 -54.15 34.25
N VAL A 693 3.62 -53.16 33.51
CA VAL A 693 3.92 -53.31 32.09
C VAL A 693 5.43 -53.36 31.92
N ASP A 694 5.91 -54.41 31.25
CA ASP A 694 7.34 -54.55 31.03
C ASP A 694 7.86 -53.45 30.11
N LEU A 695 9.01 -52.88 30.48
CA LEU A 695 9.64 -51.84 29.70
C LEU A 695 10.98 -52.32 29.17
N PRO A 696 11.43 -51.79 28.03
CA PRO A 696 12.75 -52.18 27.52
C PRO A 696 13.85 -51.83 28.51
N GLU A 697 14.83 -52.73 28.62
CA GLU A 697 15.94 -52.49 29.54
C GLU A 697 16.88 -51.39 29.05
N ILE A 698 16.73 -50.94 27.81
CA ILE A 698 17.50 -49.79 27.34
C ILE A 698 16.93 -48.49 27.92
N LEU A 699 15.66 -48.49 28.31
CA LEU A 699 15.00 -47.27 28.78
C LEU A 699 15.54 -46.82 30.14
N ASN A 700 15.82 -47.75 31.05
CA ASN A 700 16.13 -47.36 32.42
C ASN A 700 17.53 -46.75 32.54
N GLU A 701 18.44 -47.08 31.63
CA GLU A 701 19.81 -46.59 31.73
C GLU A 701 20.00 -45.20 31.14
N MET A 702 18.95 -44.60 30.59
CA MET A 702 19.00 -43.25 30.05
C MET A 702 17.91 -42.40 30.68
N VAL A 703 18.20 -41.10 30.82
CA VAL A 703 17.37 -40.20 31.61
C VAL A 703 16.21 -39.69 30.76
N ILE A 704 15.02 -39.70 31.34
CA ILE A 704 13.80 -39.25 30.68
C ILE A 704 13.29 -38.01 31.40
N THR A 705 13.06 -36.93 30.64
CA THR A 705 12.57 -35.69 31.24
C THR A 705 11.05 -35.68 31.39
N SER A 706 10.33 -36.22 30.41
CA SER A 706 8.87 -36.27 30.47
C SER A 706 8.39 -37.36 29.53
N GLY A 707 7.13 -37.75 29.72
CA GLY A 707 6.55 -38.80 28.90
C GLY A 707 5.04 -38.73 28.90
N LEU A 708 4.46 -39.41 27.92
CA LEU A 708 3.00 -39.47 27.78
C LEU A 708 2.63 -40.68 26.95
N ILE A 709 1.38 -41.11 27.08
CA ILE A 709 0.83 -42.19 26.28
C ILE A 709 0.10 -41.57 25.09
N LEU A 710 0.33 -42.14 23.91
CA LEU A 710 -0.04 -41.49 22.67
C LEU A 710 -0.69 -42.49 21.72
N LYS A 711 -1.60 -41.99 20.90
CA LYS A 711 -2.25 -42.77 19.84
C LYS A 711 -1.92 -42.15 18.50
N SER A 712 -1.27 -42.91 17.63
CA SER A 712 -0.95 -42.43 16.30
C SER A 712 -0.61 -43.61 15.41
N ASN A 713 -0.72 -43.38 14.11
CA ASN A 713 -0.35 -44.37 13.09
C ASN A 713 0.98 -44.03 12.43
N MET A 714 1.74 -43.08 12.98
CA MET A 714 2.98 -42.65 12.35
C MET A 714 4.02 -43.76 12.32
N CYS A 715 3.95 -44.68 13.27
CA CYS A 715 4.92 -45.76 13.38
C CYS A 715 4.42 -47.07 12.80
N ASN A 716 3.30 -47.04 12.06
CA ASN A 716 2.70 -48.27 11.57
C ASN A 716 3.63 -49.02 10.62
N GLU A 717 4.29 -48.29 9.72
CA GLU A 717 5.12 -48.95 8.71
C GLU A 717 6.32 -49.68 9.31
N PHE A 718 6.69 -49.36 10.55
CA PHE A 718 7.79 -50.04 11.23
C PHE A 718 7.31 -51.16 12.15
N LEU A 719 6.01 -51.43 12.19
CA LEU A 719 5.45 -52.48 13.02
C LEU A 719 5.06 -53.69 12.16
N ILE A 720 5.12 -54.87 12.77
CA ILE A 720 4.84 -56.10 12.03
C ILE A 720 3.34 -56.18 11.73
N GLY A 721 3.02 -56.60 10.50
CA GLY A 721 1.65 -56.76 10.11
C GLY A 721 0.84 -55.49 10.06
N LEU A 722 1.49 -54.33 9.95
CA LEU A 722 0.81 -53.04 9.93
C LEU A 722 1.34 -52.23 8.76
N SER A 723 0.51 -52.04 7.74
CA SER A 723 0.82 -51.16 6.62
C SER A 723 -0.42 -50.41 6.17
N LYS A 724 -1.30 -50.09 7.12
CA LYS A 724 -2.59 -49.48 6.82
C LYS A 724 -2.67 -48.11 7.49
N SER A 725 -3.35 -47.18 6.81
CA SER A 725 -3.35 -45.79 7.26
C SER A 725 -4.02 -45.64 8.62
N GLN A 726 -5.20 -46.21 8.78
CA GLN A 726 -5.96 -46.06 10.02
C GLN A 726 -5.41 -47.05 11.07
N GLU A 727 -6.19 -47.26 12.13
CA GLU A 727 -5.82 -48.15 13.24
C GLU A 727 -4.54 -47.65 13.92
N GLU A 728 -4.66 -46.47 14.51
CA GLU A 728 -3.58 -45.89 15.29
C GLU A 728 -3.22 -46.81 16.45
N GLN A 729 -1.92 -46.95 16.70
CA GLN A 729 -1.44 -47.79 17.79
C GLN A 729 -1.23 -46.96 19.05
N LEU A 730 -1.09 -47.67 20.17
CA LEU A 730 -0.82 -47.04 21.45
C LEU A 730 0.68 -46.95 21.64
N LEU A 731 1.21 -45.72 21.70
CA LEU A 731 2.64 -45.47 21.77
C LEU A 731 2.97 -44.78 23.08
N PHE A 732 3.98 -45.30 23.79
CA PHE A 732 4.45 -44.71 25.03
C PHE A 732 5.57 -43.73 24.69
N THR A 733 5.21 -42.47 24.51
CA THR A 733 6.16 -41.45 24.08
C THR A 733 6.89 -40.85 25.28
N PHE A 734 8.19 -40.64 25.13
CA PHE A 734 9.01 -40.07 26.17
C PHE A 734 9.97 -39.04 25.58
N VAL A 735 10.38 -38.09 26.40
CA VAL A 735 11.35 -37.07 26.02
C VAL A 735 12.60 -37.25 26.86
N THR A 736 13.74 -37.39 26.19
CA THR A 736 15.00 -37.59 26.88
C THR A 736 15.70 -36.26 27.16
N ALA A 737 16.77 -36.32 27.94
CA ALA A 737 17.49 -35.10 28.33
C ALA A 737 18.19 -34.45 27.14
N ASP A 738 18.50 -35.21 26.09
CA ASP A 738 19.07 -34.64 24.87
C ASP A 738 18.02 -34.26 23.85
N ASN A 739 16.79 -33.96 24.31
CA ASN A 739 15.71 -33.47 23.45
C ASN A 739 15.39 -34.47 22.34
N GLN A 740 15.40 -35.75 22.66
CA GLN A 740 15.02 -36.80 21.74
C GLN A 740 13.64 -37.34 22.11
N ILE A 741 12.78 -37.50 21.10
CA ILE A 741 11.45 -38.04 21.29
C ILE A 741 11.48 -39.51 20.89
N ILE A 742 11.12 -40.39 21.83
CA ILE A 742 11.13 -41.83 21.61
C ILE A 742 9.75 -42.37 21.96
N PHE A 743 9.46 -43.55 21.41
CA PHE A 743 8.18 -44.20 21.69
C PHE A 743 8.31 -45.68 21.38
N PHE A 744 7.38 -46.46 21.94
CA PHE A 744 7.29 -47.88 21.68
C PHE A 744 5.88 -48.34 21.97
N THR A 745 5.53 -49.52 21.46
CA THR A 745 4.21 -50.09 21.64
C THR A 745 4.18 -50.97 22.89
N LYS A 746 3.01 -51.54 23.19
CA LYS A 746 2.90 -52.45 24.31
C LYS A 746 3.69 -53.73 24.04
N ASP A 747 3.48 -54.34 22.88
CA ASP A 747 4.27 -55.49 22.45
C ASP A 747 5.54 -55.04 21.72
N HIS A 748 6.32 -54.22 22.42
CA HIS A 748 7.48 -53.56 21.82
C HIS A 748 8.64 -54.50 21.55
N ASN A 749 8.57 -55.74 22.03
CA ASN A 749 9.75 -56.61 22.05
C ASN A 749 10.88 -55.88 22.76
N ASP A 750 11.86 -55.39 21.99
CA ASP A 750 12.93 -54.57 22.55
C ASP A 750 13.31 -53.42 21.65
N ARG A 751 12.49 -53.10 20.65
CA ARG A 751 12.80 -52.07 19.68
C ARG A 751 12.13 -50.76 20.10
N ILE A 752 12.90 -49.68 20.11
CA ILE A 752 12.42 -48.35 20.46
C ILE A 752 12.65 -47.45 19.26
N PHE A 753 11.61 -46.73 18.85
CA PHE A 753 11.69 -45.82 17.71
C PHE A 753 11.93 -44.40 18.20
N GLN A 754 12.25 -43.52 17.25
CA GLN A 754 12.66 -42.16 17.58
C GLN A 754 12.29 -41.23 16.44
N LEU A 755 11.81 -40.04 16.80
CA LEU A 755 11.57 -38.97 15.82
C LEU A 755 12.92 -38.35 15.51
N ASN A 756 13.54 -38.81 14.43
CA ASN A 756 14.90 -38.40 14.11
C ASN A 756 14.93 -36.95 13.65
N GLY A 757 15.84 -36.17 14.21
CA GLY A 757 16.00 -34.78 13.86
C GLY A 757 15.27 -33.80 14.75
N VAL A 758 14.58 -34.27 15.79
CA VAL A 758 13.83 -33.36 16.66
C VAL A 758 14.73 -32.70 17.69
N ASP A 759 15.91 -33.24 17.97
CA ASP A 759 16.81 -32.61 18.92
C ASP A 759 17.29 -31.25 18.41
N GLN A 760 17.60 -31.17 17.13
CA GLN A 760 18.00 -29.91 16.50
C GLN A 760 16.81 -29.10 16.00
N LEU A 761 15.60 -29.62 16.13
CA LEU A 761 14.39 -28.98 15.62
C LEU A 761 14.53 -28.69 14.13
N ASN A 762 14.88 -29.73 13.38
CA ASN A 762 15.04 -29.60 11.94
C ASN A 762 13.70 -29.34 11.27
N GLU A 763 13.76 -28.97 9.99
CA GLU A 763 12.53 -28.73 9.23
C GLU A 763 11.74 -30.01 9.04
N SER A 764 12.41 -31.15 8.93
CA SER A 764 11.76 -32.43 8.66
C SER A 764 12.16 -33.44 9.73
N LEU A 765 11.19 -34.22 10.17
CA LEU A 765 11.41 -35.32 11.10
C LEU A 765 10.87 -36.60 10.50
N TYR A 766 11.51 -37.72 10.85
CA TYR A 766 11.07 -39.02 10.37
C TYR A 766 11.29 -40.06 11.47
N ILE A 767 10.46 -41.10 11.44
CA ILE A 767 10.58 -42.17 12.43
C ILE A 767 11.74 -43.07 12.06
N SER A 768 12.55 -43.43 13.05
CA SER A 768 13.67 -44.34 12.84
C SER A 768 13.93 -45.09 14.13
N THR A 769 14.60 -46.23 13.99
CA THR A 769 14.99 -47.02 15.16
C THR A 769 15.99 -46.23 16.00
N TYR A 770 15.82 -46.30 17.32
CA TYR A 770 16.66 -45.55 18.25
C TYR A 770 17.77 -46.43 18.78
N GLN A 771 19.01 -45.92 18.73
CA GLN A 771 20.16 -46.58 19.31
C GLN A 771 20.84 -45.61 20.27
N LEU A 772 21.06 -46.06 21.50
CA LEU A 772 21.67 -45.22 22.52
C LEU A 772 23.16 -45.02 22.24
N VAL A 777 24.85 -35.84 26.22
CA VAL A 777 24.93 -34.46 26.68
C VAL A 777 23.58 -34.02 27.24
N PRO A 778 23.51 -33.88 28.57
CA PRO A 778 22.24 -33.47 29.23
C PRO A 778 22.01 -31.96 29.19
N ASP A 779 21.43 -31.49 28.09
CA ASP A 779 21.04 -30.10 27.92
C ASP A 779 19.55 -30.07 27.55
N PRO A 780 18.68 -30.30 28.52
CA PRO A 780 17.25 -30.41 28.22
C PRO A 780 16.65 -29.07 27.82
N SER A 781 15.93 -29.07 26.72
CA SER A 781 15.17 -27.90 26.28
C SER A 781 13.70 -28.24 26.04
N ILE A 782 13.40 -29.40 25.47
CA ILE A 782 12.02 -29.79 25.24
C ILE A 782 11.36 -30.11 26.56
N LYS A 783 10.27 -29.40 26.87
CA LYS A 783 9.56 -29.58 28.13
C LYS A 783 8.36 -30.49 28.02
N GLN A 784 7.59 -30.39 26.93
CA GLN A 784 6.39 -31.20 26.77
C GLN A 784 6.09 -31.34 25.28
N VAL A 785 5.74 -32.55 24.86
CA VAL A 785 5.30 -32.81 23.51
C VAL A 785 3.99 -33.60 23.57
N MET A 786 3.24 -33.52 22.48
CA MET A 786 2.03 -34.31 22.33
C MET A 786 1.60 -34.28 20.88
N ILE A 787 1.16 -35.43 20.38
CA ILE A 787 0.73 -35.60 19.00
C ILE A 787 -0.77 -35.84 19.02
N ASN A 788 -1.52 -34.98 18.32
CA ASN A 788 -2.97 -35.01 18.40
C ASN A 788 -3.54 -34.31 17.18
N LYS A 789 -4.84 -34.50 16.97
CA LYS A 789 -5.51 -33.94 15.81
C LYS A 789 -5.98 -32.51 16.10
N LEU A 790 -5.77 -31.63 15.12
CA LEU A 790 -6.21 -30.24 15.22
C LEU A 790 -7.01 -29.88 13.98
N GLY A 791 -7.93 -28.94 14.15
CA GLY A 791 -8.77 -28.48 13.07
C GLY A 791 -10.22 -28.37 13.50
N HIS A 792 -11.04 -27.88 12.57
CA HIS A 792 -12.47 -27.71 12.82
C HIS A 792 -13.27 -28.92 12.36
N ASP A 793 -13.24 -29.21 11.06
CA ASP A 793 -13.90 -30.38 10.51
C ASP A 793 -12.93 -31.34 9.83
N ASN A 794 -11.84 -30.84 9.27
CA ASN A 794 -10.77 -31.67 8.72
C ASN A 794 -9.65 -31.70 9.74
N LYS A 795 -9.65 -32.73 10.58
CA LYS A 795 -8.70 -32.84 11.69
C LYS A 795 -7.46 -33.59 11.22
N GLU A 796 -6.31 -32.92 11.32
CA GLU A 796 -5.04 -33.48 10.90
C GLU A 796 -4.12 -33.61 12.10
N GLU A 797 -3.28 -34.64 12.07
CA GLU A 797 -2.37 -34.89 13.19
C GLU A 797 -1.23 -33.88 13.19
N TYR A 798 -0.92 -33.36 14.36
CA TYR A 798 0.14 -32.37 14.53
C TYR A 798 1.00 -32.75 15.74
N LEU A 799 2.30 -32.55 15.61
CA LEU A 799 3.23 -32.72 16.72
C LEU A 799 3.55 -31.34 17.27
N THR A 800 3.12 -31.07 18.49
CA THR A 800 3.35 -29.79 19.16
C THR A 800 4.39 -29.99 20.25
N ILE A 801 5.43 -29.14 20.22
CA ILE A 801 6.54 -29.24 21.15
C ILE A 801 6.58 -27.97 21.99
N LEU A 802 6.60 -28.13 23.31
CA LEU A 802 6.74 -27.02 24.23
C LEU A 802 8.15 -27.06 24.81
N THR A 803 8.90 -26.00 24.58
CA THR A 803 10.29 -25.90 25.03
C THR A 803 10.33 -25.21 26.40
N PHE A 804 11.37 -25.54 27.18
CA PHE A 804 11.51 -24.96 28.51
C PHE A 804 11.58 -23.43 28.46
N GLY A 805 11.98 -22.87 27.31
CA GLY A 805 12.01 -21.43 27.15
C GLY A 805 10.66 -20.79 26.93
N GLY A 806 9.62 -21.58 26.72
CA GLY A 806 8.27 -21.08 26.55
C GLY A 806 7.78 -21.00 25.12
N GLU A 807 8.67 -21.07 24.14
CA GLU A 807 8.25 -21.03 22.75
C GLU A 807 7.73 -22.40 22.29
N ILE A 808 6.85 -22.37 21.31
CA ILE A 808 6.09 -23.53 20.86
C ILE A 808 6.45 -23.83 19.41
N TYR A 809 6.81 -25.08 19.14
CA TYR A 809 7.12 -25.54 17.80
C TYR A 809 6.12 -26.62 17.40
N GLN A 810 5.69 -26.57 16.14
CA GLN A 810 4.68 -27.50 15.63
C GLN A 810 5.16 -28.14 14.34
N TYR A 811 4.87 -29.43 14.21
CA TYR A 811 5.15 -30.20 13.00
C TYR A 811 3.86 -30.82 12.51
N ARG A 812 3.73 -30.94 11.19
CA ARG A 812 2.55 -31.52 10.57
C ARG A 812 2.87 -32.90 10.03
N LYS A 813 2.02 -33.87 10.33
CA LYS A 813 2.16 -35.20 9.76
C LYS A 813 1.43 -35.27 8.42
N LEU A 814 2.15 -35.65 7.38
CA LEU A 814 1.54 -35.75 6.06
C LEU A 814 0.55 -36.91 6.02
N PRO A 815 -0.61 -36.74 5.39
CA PRO A 815 -1.56 -37.86 5.31
C PRO A 815 -0.98 -39.09 4.62
N GLN A 816 -0.16 -38.89 3.59
CA GLN A 816 0.63 -39.96 2.99
C GLN A 816 2.02 -39.94 3.62
N ARG A 817 2.71 -41.08 3.54
CA ARG A 817 4.02 -41.28 4.17
C ARG A 817 4.02 -40.71 5.59
N ARG A 818 3.14 -41.32 6.40
CA ARG A 818 2.78 -40.82 7.72
C ARG A 818 3.93 -40.89 8.72
N SER A 819 5.02 -41.57 8.40
CA SER A 819 6.17 -41.64 9.30
C SER A 819 7.05 -40.40 9.24
N ARG A 820 6.58 -39.31 8.65
CA ARG A 820 7.37 -38.10 8.51
C ARG A 820 6.58 -36.88 8.96
N PHE A 821 7.26 -35.97 9.65
CA PHE A 821 6.68 -34.72 10.11
C PHE A 821 7.45 -33.56 9.49
N TYR A 822 6.71 -32.55 9.04
CA TYR A 822 7.31 -31.41 8.35
C TYR A 822 6.85 -30.11 8.97
N ARG A 823 7.74 -29.12 8.93
CA ARG A 823 7.49 -27.78 9.44
C ARG A 823 7.81 -26.77 8.35
N ASN A 824 6.86 -25.89 8.05
CA ASN A 824 7.04 -24.89 7.01
C ASN A 824 7.80 -23.70 7.58
N VAL A 825 9.04 -23.52 7.13
CA VAL A 825 9.88 -22.44 7.64
C VAL A 825 9.66 -21.14 6.87
N THR A 826 9.34 -21.23 5.56
CA THR A 826 9.07 -20.02 4.80
C THR A 826 7.80 -19.33 5.30
N ARG A 827 6.77 -20.10 5.61
CA ARG A 827 5.53 -19.53 6.13
C ARG A 827 5.76 -19.04 7.56
N ASN A 828 5.51 -17.75 7.78
CA ASN A 828 5.67 -17.17 9.10
C ASN A 828 4.31 -17.10 9.80
N ASP A 829 3.74 -18.29 10.00
CA ASP A 829 2.40 -18.43 10.57
C ASP A 829 2.39 -18.67 12.07
N LEU A 830 3.44 -19.26 12.61
CA LEU A 830 3.46 -19.60 14.03
C LEU A 830 4.05 -18.45 14.82
N ALA A 831 3.27 -17.93 15.77
CA ALA A 831 3.71 -16.81 16.58
C ALA A 831 4.81 -17.23 17.53
N ILE A 832 5.74 -16.30 17.77
CA ILE A 832 6.84 -16.54 18.70
C ILE A 832 6.35 -16.27 20.12
N THR A 833 6.54 -17.24 21.02
CA THR A 833 6.05 -17.14 22.38
C THR A 833 7.15 -17.28 23.43
N GLY A 834 8.39 -17.51 23.03
CA GLY A 834 9.46 -17.64 24.00
C GLY A 834 10.81 -17.70 23.30
N ALA A 835 11.85 -17.81 24.10
CA ALA A 835 13.22 -17.87 23.61
C ALA A 835 13.98 -19.02 24.27
N PRO A 836 14.85 -19.70 23.52
CA PRO A 836 15.47 -20.92 24.04
C PRO A 836 16.43 -20.72 25.22
N ASP A 837 17.45 -19.88 25.04
CA ASP A 837 18.58 -19.84 25.97
C ASP A 837 18.30 -18.91 27.14
N ASN A 838 17.20 -19.19 27.84
CA ASN A 838 16.76 -18.48 29.03
C ASN A 838 16.50 -17.00 28.77
N ALA A 839 16.52 -16.56 27.51
CA ALA A 839 16.05 -15.22 27.20
C ALA A 839 14.54 -15.15 27.35
N TYR A 840 14.07 -14.00 27.81
CA TYR A 840 12.65 -13.81 28.13
C TYR A 840 12.19 -14.86 29.15
N ALA A 841 12.93 -14.94 30.27
CA ALA A 841 12.58 -15.88 31.31
C ALA A 841 11.33 -15.47 32.08
N LYS A 842 10.92 -14.20 31.97
CA LYS A 842 9.73 -13.73 32.67
C LYS A 842 8.46 -14.34 32.10
N GLY A 843 8.50 -14.90 30.89
CA GLY A 843 7.34 -15.55 30.33
C GLY A 843 7.05 -16.93 30.87
N VAL A 844 7.97 -17.50 31.64
CA VAL A 844 7.79 -18.85 32.17
C VAL A 844 8.12 -18.86 33.67
N SER A 845 8.64 -17.75 34.17
CA SER A 845 9.09 -17.72 35.56
C SER A 845 7.93 -17.80 36.54
N SER A 846 6.85 -17.07 36.28
CA SER A 846 5.76 -16.97 37.25
C SER A 846 4.92 -18.24 37.29
N ILE A 847 4.31 -18.60 36.16
CA ILE A 847 3.41 -19.74 36.08
C ILE A 847 3.99 -20.72 35.07
N GLU A 848 4.07 -21.99 35.47
CA GLU A 848 4.61 -23.02 34.59
C GLU A 848 3.69 -23.21 33.38
N ARG A 849 4.32 -23.38 32.21
CA ARG A 849 3.59 -23.54 30.96
C ARG A 849 3.26 -25.01 30.74
N ILE A 850 1.97 -25.33 30.65
CA ILE A 850 1.51 -26.68 30.40
C ILE A 850 0.57 -26.65 29.20
N MET A 851 0.76 -27.57 28.27
CA MET A 851 -0.12 -27.69 27.12
C MET A 851 -1.24 -28.67 27.43
N HIS A 852 -2.47 -28.26 27.14
CA HIS A 852 -3.66 -29.09 27.34
C HIS A 852 -4.41 -29.21 26.03
N TYR A 853 -4.77 -30.44 25.67
CA TYR A 853 -5.46 -30.71 24.42
C TYR A 853 -6.95 -30.90 24.67
N PHE A 854 -7.77 -30.26 23.86
CA PHE A 854 -9.23 -30.38 23.94
C PHE A 854 -9.77 -30.70 22.56
N PRO A 855 -10.20 -31.94 22.32
CA PRO A 855 -10.68 -32.30 20.97
C PRO A 855 -11.93 -31.56 20.54
N ASP A 856 -12.71 -31.02 21.48
CA ASP A 856 -13.98 -30.36 21.16
C ASP A 856 -14.11 -29.12 22.05
N TYR A 857 -13.69 -27.97 21.53
CA TYR A 857 -13.88 -26.70 22.22
C TYR A 857 -15.19 -26.04 21.79
N ASN A 858 -15.35 -25.81 20.50
CA ASN A 858 -16.64 -25.47 19.92
C ASN A 858 -16.79 -26.16 18.57
N GLY A 859 -16.42 -27.43 18.52
CA GLY A 859 -16.18 -28.09 17.25
C GLY A 859 -14.76 -27.98 16.78
N TYR A 860 -13.92 -27.23 17.48
CA TYR A 860 -12.51 -27.06 17.14
C TYR A 860 -11.66 -27.88 18.10
N SER A 861 -10.71 -28.63 17.55
CA SER A 861 -9.70 -29.30 18.36
C SER A 861 -8.58 -28.31 18.61
N VAL A 862 -8.45 -27.86 19.86
CA VAL A 862 -7.55 -26.77 20.21
C VAL A 862 -6.54 -27.26 21.23
N ILE A 863 -5.50 -26.44 21.43
CA ILE A 863 -4.46 -26.70 22.42
C ILE A 863 -4.35 -25.46 23.29
N PHE A 864 -4.51 -25.65 24.60
CA PHE A 864 -4.39 -24.57 25.57
C PHE A 864 -3.02 -24.62 26.21
N VAL A 865 -2.36 -23.46 26.29
CA VAL A 865 -1.06 -23.33 26.95
C VAL A 865 -1.24 -22.39 28.13
N THR A 866 -0.94 -22.88 29.33
CA THR A 866 -1.09 -22.07 30.53
C THR A 866 0.15 -21.22 30.76
N GLY A 867 0.01 -20.25 31.65
CA GLY A 867 1.11 -19.38 32.00
C GLY A 867 0.59 -17.99 32.33
N SER A 868 1.55 -17.08 32.55
CA SER A 868 1.20 -15.69 32.78
C SER A 868 0.50 -15.10 31.57
N VAL A 869 0.98 -15.44 30.37
CA VAL A 869 0.30 -15.08 29.14
C VAL A 869 -0.18 -16.37 28.48
N PRO A 870 -1.45 -16.73 28.64
CA PRO A 870 -1.93 -17.99 28.06
C PRO A 870 -2.02 -17.91 26.55
N TYR A 871 -1.93 -19.08 25.92
CA TYR A 871 -2.02 -19.20 24.48
C TYR A 871 -2.98 -20.33 24.12
N ILE A 872 -3.68 -20.15 23.00
CA ILE A 872 -4.59 -21.16 22.47
C ILE A 872 -4.23 -21.40 21.01
N LEU A 873 -4.17 -22.67 20.62
CA LEU A 873 -3.83 -23.05 19.25
C LEU A 873 -5.11 -23.47 18.54
N ILE A 874 -5.55 -22.66 17.59
CA ILE A 874 -6.77 -22.91 16.82
C ILE A 874 -6.40 -23.06 15.36
N LYS A 875 -6.97 -24.07 14.71
CA LYS A 875 -6.75 -24.32 13.30
C LYS A 875 -8.08 -24.34 12.57
N GLU A 876 -8.27 -23.40 11.65
CA GLU A 876 -9.42 -23.46 10.75
C GLU A 876 -9.17 -24.47 9.65
N ASP A 877 -10.26 -24.91 9.01
CA ASP A 877 -10.13 -25.91 7.95
C ASP A 877 -9.36 -25.36 6.75
N ASP A 878 -9.43 -24.06 6.51
CA ASP A 878 -8.78 -23.44 5.37
C ASP A 878 -7.48 -22.73 5.73
N SER A 879 -6.96 -22.96 6.93
CA SER A 879 -5.75 -22.26 7.37
C SER A 879 -4.91 -23.19 8.23
N THR A 880 -3.64 -22.82 8.38
CA THR A 880 -2.74 -23.53 9.25
C THR A 880 -3.05 -23.21 10.71
N PRO A 881 -2.62 -24.08 11.64
CA PRO A 881 -2.81 -23.76 13.07
C PRO A 881 -2.10 -22.47 13.45
N LYS A 882 -2.73 -21.70 14.33
CA LYS A 882 -2.21 -20.42 14.77
C LYS A 882 -2.21 -20.35 16.28
N ILE A 883 -1.18 -19.75 16.84
CA ILE A 883 -1.10 -19.50 18.28
C ILE A 883 -1.65 -18.12 18.55
N PHE A 884 -2.70 -18.05 19.37
CA PHE A 884 -3.32 -16.79 19.74
C PHE A 884 -3.20 -16.57 21.23
N LYS A 885 -2.92 -15.33 21.62
CA LYS A 885 -3.02 -14.94 23.02
C LYS A 885 -4.45 -15.15 23.49
N PHE A 886 -4.60 -15.77 24.65
CA PHE A 886 -5.92 -16.12 25.19
C PHE A 886 -6.23 -15.20 26.37
N GLY A 887 -7.11 -14.24 26.14
CA GLY A 887 -7.49 -13.32 27.19
C GLY A 887 -6.34 -12.38 27.55
N ASN A 888 -6.52 -11.71 28.70
CA ASN A 888 -5.50 -10.80 29.22
C ASN A 888 -5.22 -11.07 30.69
N ILE A 889 -5.53 -12.27 31.18
CA ILE A 889 -5.25 -12.65 32.55
C ILE A 889 -4.48 -13.97 32.54
N PRO A 890 -3.67 -14.26 33.54
CA PRO A 890 -2.95 -15.53 33.56
C PRO A 890 -3.91 -16.71 33.70
N LEU A 891 -3.51 -17.84 33.14
CA LEU A 891 -4.27 -19.09 33.23
C LEU A 891 -3.40 -20.11 33.94
N VAL A 892 -3.91 -20.67 35.03
CA VAL A 892 -3.18 -21.64 35.84
C VAL A 892 -3.56 -23.07 35.47
N SER A 893 -4.85 -23.37 35.47
CA SER A 893 -5.32 -24.72 35.17
C SER A 893 -6.56 -24.63 34.29
N VAL A 894 -6.65 -25.54 33.32
CA VAL A 894 -7.78 -25.60 32.41
C VAL A 894 -8.22 -27.05 32.28
N THR A 895 -9.53 -27.29 32.36
CA THR A 895 -10.11 -28.62 32.31
C THR A 895 -11.32 -28.60 31.40
N PRO A 896 -11.65 -29.72 30.76
CA PRO A 896 -12.87 -29.77 29.94
C PRO A 896 -14.11 -29.58 30.79
N TRP A 897 -15.12 -28.94 30.20
CA TRP A 897 -16.37 -28.69 30.89
C TRP A 897 -17.53 -29.00 29.95
N SER A 898 -18.47 -29.83 30.42
CA SER A 898 -19.67 -30.19 29.67
C SER A 898 -19.33 -30.62 28.26
N GLU A 899 -20.19 -30.25 27.30
CA GLU A 899 -19.93 -30.49 25.89
C GLU A 899 -19.48 -29.18 25.25
N ARG A 900 -18.30 -29.20 24.63
CA ARG A 900 -17.75 -28.05 23.92
C ARG A 900 -17.57 -26.85 24.84
N SER A 901 -16.85 -27.05 25.94
CA SER A 901 -16.50 -25.95 26.83
C SER A 901 -15.30 -26.35 27.66
N VAL A 902 -14.65 -25.35 28.25
CA VAL A 902 -13.54 -25.56 29.17
C VAL A 902 -13.75 -24.69 30.40
N MET A 903 -13.12 -25.10 31.50
CA MET A 903 -13.14 -24.34 32.74
C MET A 903 -11.72 -23.90 33.05
N CYS A 904 -11.54 -22.59 33.24
CA CYS A 904 -10.23 -22.00 33.43
C CYS A 904 -10.14 -21.33 34.79
N VAL A 905 -9.00 -21.49 35.46
CA VAL A 905 -8.73 -20.86 36.74
C VAL A 905 -7.51 -19.97 36.58
N ASP A 906 -7.64 -18.71 37.00
CA ASP A 906 -6.56 -17.74 36.87
C ASP A 906 -5.69 -17.77 38.11
N ASP A 907 -4.79 -16.78 38.23
CA ASP A 907 -3.87 -16.73 39.35
C ASP A 907 -4.50 -16.20 40.62
N ILE A 908 -5.69 -15.59 40.55
CA ILE A 908 -6.37 -15.07 41.72
C ILE A 908 -7.51 -16.00 42.15
N LYS A 909 -7.43 -17.28 41.80
CA LYS A 909 -8.38 -18.31 42.23
C LYS A 909 -9.81 -17.99 41.77
N ASN A 910 -9.94 -17.52 40.54
CA ASN A 910 -11.24 -17.30 39.91
C ASN A 910 -11.42 -18.31 38.78
N ALA A 911 -12.53 -19.04 38.82
CA ALA A 911 -12.83 -20.05 37.83
C ALA A 911 -13.89 -19.53 36.86
N ARG A 912 -13.63 -19.68 35.57
CA ARG A 912 -14.57 -19.25 34.54
C ARG A 912 -14.73 -20.38 33.52
N VAL A 913 -15.95 -20.55 33.03
CA VAL A 913 -16.25 -21.51 31.98
C VAL A 913 -16.26 -20.75 30.65
N TYR A 914 -15.45 -21.22 29.71
CA TYR A 914 -15.26 -20.54 28.44
C TYR A 914 -15.80 -21.37 27.29
N THR A 915 -16.30 -20.68 26.27
CA THR A 915 -16.67 -21.29 25.00
C THR A 915 -16.07 -20.47 23.87
N LEU A 916 -15.66 -21.15 22.82
CA LEU A 916 -15.11 -20.46 21.66
C LEU A 916 -16.23 -19.76 20.89
N THR A 917 -16.03 -18.48 20.62
CA THR A 917 -17.02 -17.69 19.88
C THR A 917 -16.81 -17.92 18.39
N THR A 918 -17.75 -18.60 17.75
CA THR A 918 -17.72 -18.82 16.30
C THR A 918 -19.08 -18.41 15.74
N ASP A 919 -19.24 -17.11 15.53
CA ASP A 919 -20.42 -16.58 14.82
C ASP A 919 -20.03 -15.60 13.73
N ASN A 920 -19.03 -14.75 13.98
CA ASN A 920 -18.48 -13.84 12.99
C ASN A 920 -16.97 -13.78 13.11
N MET A 921 -16.37 -14.83 13.64
CA MET A 921 -14.96 -14.85 13.98
C MET A 921 -14.20 -15.77 13.04
N TYR A 922 -13.01 -15.35 12.64
CA TYR A 922 -12.12 -16.15 11.80
C TYR A 922 -10.81 -16.32 12.55
N TYR A 923 -10.50 -17.56 12.93
CA TYR A 923 -9.30 -17.84 13.71
C TYR A 923 -8.14 -18.24 12.81
N GLY A 924 -7.88 -17.38 11.83
CA GLY A 924 -6.69 -17.48 11.00
C GLY A 924 -6.05 -16.11 10.89
N ASN A 925 -5.04 -15.98 10.02
CA ASN A 925 -4.46 -14.69 9.67
C ASN A 925 -3.78 -14.02 10.87
N LYS A 926 -3.04 -14.81 11.64
CA LYS A 926 -2.07 -14.32 12.62
C LYS A 926 -2.72 -13.65 13.83
N LEU A 927 -4.03 -13.42 13.77
CA LEU A 927 -4.75 -12.71 14.83
C LEU A 927 -6.22 -12.98 14.66
N PRO A 928 -6.97 -13.23 15.73
CA PRO A 928 -8.41 -13.46 15.58
C PRO A 928 -9.10 -12.24 15.00
N LEU A 929 -9.96 -12.47 14.01
CA LEU A 929 -10.66 -11.41 13.29
C LEU A 929 -12.14 -11.52 13.59
N LYS A 930 -12.72 -10.43 14.08
CA LYS A 930 -14.15 -10.34 14.36
C LYS A 930 -14.80 -9.46 13.31
N GLN A 931 -15.80 -10.00 12.62
CA GLN A 931 -16.53 -9.25 11.61
C GLN A 931 -17.73 -8.58 12.26
N ILE A 932 -17.75 -7.25 12.24
CA ILE A 932 -18.84 -6.47 12.81
C ILE A 932 -19.64 -5.89 11.66
N LYS A 933 -20.88 -6.35 11.51
CA LYS A 933 -21.75 -5.89 10.43
C LYS A 933 -22.56 -4.70 10.93
N ILE A 934 -22.24 -3.51 10.42
CA ILE A 934 -22.96 -2.31 10.80
C ILE A 934 -24.23 -2.15 9.99
N SER A 935 -24.17 -2.43 8.69
CA SER A 935 -25.33 -2.35 7.83
C SER A 935 -26.18 -3.61 7.98
N ASN A 936 -27.46 -3.42 8.28
CA ASN A 936 -28.41 -4.52 8.39
C ASN A 936 -29.38 -4.48 7.22
N VAL A 937 -30.37 -5.39 7.26
CA VAL A 937 -31.35 -5.47 6.18
C VAL A 937 -32.25 -4.24 6.15
N LEU A 938 -32.35 -3.51 7.25
CA LEU A 938 -33.21 -2.33 7.28
C LEU A 938 -32.50 -1.13 6.68
N ASP A 939 -31.37 -0.73 7.27
CA ASP A 939 -30.60 0.44 6.82
C ASP A 939 -29.26 -0.05 6.30
N ASP A 940 -29.10 -0.04 4.98
CA ASP A 940 -27.87 -0.53 4.34
C ASP A 940 -26.98 0.66 4.05
N TYR A 941 -26.05 0.95 4.95
CA TYR A 941 -25.01 1.91 4.66
C TYR A 941 -24.01 1.29 3.70
N LYS A 942 -23.48 2.10 2.79
CA LYS A 942 -22.50 1.63 1.83
C LYS A 942 -21.13 1.57 2.49
N THR A 943 -20.07 1.53 1.68
CA THR A 943 -18.70 1.44 2.19
C THR A 943 -18.45 2.38 3.35
N LEU A 944 -17.92 1.81 4.44
CA LEU A 944 -17.61 2.56 5.65
C LEU A 944 -16.13 2.93 5.64
N GLN A 945 -15.82 4.13 6.12
CA GLN A 945 -14.44 4.61 6.11
C GLN A 945 -14.25 5.64 7.20
N LYS A 946 -12.98 5.92 7.50
CA LYS A 946 -12.58 6.93 8.47
C LYS A 946 -13.17 6.61 9.85
N LEU A 947 -12.78 5.46 10.37
CA LEU A 947 -13.25 5.02 11.69
C LEU A 947 -12.40 5.64 12.78
N VAL A 948 -13.06 6.21 13.79
CA VAL A 948 -12.38 6.80 14.94
C VAL A 948 -13.02 6.27 16.20
N TYR A 949 -12.31 6.44 17.32
CA TYR A 949 -12.78 6.02 18.63
C TYR A 949 -12.75 7.22 19.57
N HIS A 950 -13.86 7.44 20.28
CA HIS A 950 -13.97 8.53 21.23
C HIS A 950 -13.64 7.97 22.62
N GLU A 951 -12.48 8.35 23.15
CA GLU A 951 -12.00 7.76 24.40
C GLU A 951 -12.92 8.09 25.58
N ARG A 952 -13.39 9.33 25.65
CA ARG A 952 -14.18 9.73 26.82
C ARG A 952 -15.53 9.01 26.85
N ALA A 953 -16.22 8.97 25.71
CA ALA A 953 -17.54 8.35 25.65
C ALA A 953 -17.48 6.86 25.34
N GLN A 954 -16.30 6.33 25.00
CA GLN A 954 -16.13 4.92 24.68
C GLN A 954 -17.06 4.49 23.54
N LEU A 955 -17.00 5.22 22.43
CA LEU A 955 -17.83 4.96 21.27
C LEU A 955 -17.00 5.03 20.01
N PHE A 956 -17.49 4.37 18.98
CA PHE A 956 -16.86 4.37 17.66
C PHE A 956 -17.67 5.22 16.70
N LEU A 957 -16.97 6.05 15.92
CA LEU A 957 -17.59 6.85 14.87
C LEU A 957 -17.00 6.45 13.54
N VAL A 958 -17.88 6.17 12.58
CA VAL A 958 -17.48 5.80 11.23
C VAL A 958 -18.29 6.63 10.25
N SER A 959 -17.77 6.80 9.05
CA SER A 959 -18.44 7.53 8.00
C SER A 959 -18.81 6.59 6.87
N TYR A 960 -20.07 6.58 6.50
CA TYR A 960 -20.52 5.84 5.34
C TYR A 960 -20.36 6.69 4.08
N CYS A 961 -20.32 6.04 2.93
CA CYS A 961 -20.12 6.74 1.67
C CYS A 961 -20.92 6.01 0.60
N LYS A 962 -22.10 6.55 0.27
CA LYS A 962 -22.95 5.96 -0.74
C LYS A 962 -22.62 6.52 -2.11
N ARG A 963 -22.55 5.64 -3.11
CA ARG A 963 -22.22 6.03 -4.47
C ARG A 963 -23.52 6.32 -5.21
N VAL A 964 -23.95 7.58 -5.16
CA VAL A 964 -25.14 8.04 -5.86
C VAL A 964 -24.74 8.47 -7.26
N PRO A 965 -25.64 8.45 -8.24
CA PRO A 965 -25.29 8.97 -9.57
C PRO A 965 -24.94 10.45 -9.50
N TYR A 966 -23.95 10.85 -10.30
CA TYR A 966 -23.42 12.21 -10.26
C TYR A 966 -24.11 13.06 -11.32
N GLU A 967 -24.62 14.21 -10.91
CA GLU A 967 -25.23 15.18 -11.81
C GLU A 967 -24.35 16.42 -11.83
N ALA A 968 -23.63 16.62 -12.92
CA ALA A 968 -22.73 17.75 -13.02
C ALA A 968 -23.51 19.06 -13.10
N LEU A 969 -23.12 20.02 -12.27
CA LEU A 969 -23.77 21.32 -12.23
C LEU A 969 -22.69 22.40 -12.31
N GLY A 970 -23.09 23.56 -12.83
CA GLY A 970 -22.20 24.69 -12.93
C GLY A 970 -22.08 25.42 -11.61
N GLU A 971 -21.50 26.63 -11.69
CA GLU A 971 -21.40 27.47 -10.50
C GLU A 971 -22.79 27.81 -9.95
N ASP A 972 -23.72 28.13 -10.85
CA ASP A 972 -25.12 28.26 -10.48
C ASP A 972 -25.79 26.90 -10.54
N GLY A 973 -27.07 26.85 -10.20
CA GLY A 973 -27.80 25.60 -10.21
C GLY A 973 -28.26 25.18 -11.59
N GLU A 974 -27.32 25.07 -12.54
CA GLU A 974 -27.63 24.72 -13.91
C GLU A 974 -26.80 23.52 -14.32
N LYS A 975 -27.46 22.54 -14.95
CA LYS A 975 -26.75 21.36 -15.43
C LYS A 975 -25.77 21.74 -16.54
N VAL A 976 -24.62 21.06 -16.54
CA VAL A 976 -23.63 21.29 -17.58
C VAL A 976 -24.16 20.73 -18.90
N ILE A 977 -23.78 21.38 -20.01
CA ILE A 977 -24.41 21.24 -21.31
C ILE A 977 -24.61 19.79 -21.75
N GLY A 978 -23.53 19.02 -21.81
CA GLY A 978 -23.61 17.71 -22.44
C GLY A 978 -24.17 16.59 -21.59
N TYR A 979 -25.27 16.84 -20.90
CA TYR A 979 -25.90 15.81 -20.08
C TYR A 979 -26.87 14.98 -20.90
N ASP A 980 -27.14 13.77 -20.42
CA ASP A 980 -28.10 12.87 -21.06
C ASP A 980 -28.84 12.10 -19.97
N GLU A 981 -30.14 12.35 -19.85
CA GLU A 981 -30.92 11.77 -18.76
C GLU A 981 -31.21 10.29 -18.98
N ASN A 982 -31.37 9.85 -20.24
CA ASN A 982 -31.73 8.47 -20.54
C ASN A 982 -30.52 7.57 -20.70
N VAL A 983 -29.40 7.91 -20.07
CA VAL A 983 -28.18 7.11 -20.18
C VAL A 983 -27.60 6.90 -18.79
N PRO A 984 -26.92 5.77 -18.58
CA PRO A 984 -26.26 5.55 -17.29
C PRO A 984 -25.22 6.63 -17.02
N HIS A 985 -25.16 7.06 -15.76
CA HIS A 985 -24.28 8.15 -15.34
C HIS A 985 -23.17 7.62 -14.45
N ALA A 986 -22.13 8.45 -14.31
CA ALA A 986 -21.05 8.15 -13.38
C ALA A 986 -21.53 8.34 -11.94
N GLU A 987 -20.85 7.65 -11.02
CA GLU A 987 -21.26 7.64 -9.63
C GLU A 987 -20.60 8.79 -8.87
N GLY A 988 -21.40 9.53 -8.13
CA GLY A 988 -20.93 10.57 -7.24
C GLY A 988 -20.68 10.05 -5.85
N PHE A 989 -20.87 10.92 -4.86
CA PHE A 989 -20.65 10.56 -3.47
C PHE A 989 -21.74 11.15 -2.60
N GLN A 990 -21.98 10.50 -1.47
CA GLN A 990 -22.88 11.03 -0.44
C GLN A 990 -22.49 10.37 0.87
N SER A 991 -22.13 11.17 1.87
CA SER A 991 -21.52 10.66 3.08
C SER A 991 -22.26 11.19 4.30
N GLY A 992 -21.91 10.62 5.46
CA GLY A 992 -22.48 11.02 6.72
C GLY A 992 -21.66 10.42 7.84
N ILE A 993 -22.13 10.65 9.07
CA ILE A 993 -21.43 10.18 10.27
C ILE A 993 -22.34 9.23 11.01
N LEU A 994 -21.79 8.07 11.41
CA LEU A 994 -22.50 7.09 12.21
C LEU A 994 -21.87 7.01 13.58
N LEU A 995 -22.69 7.11 14.62
CA LEU A 995 -22.25 6.92 16.00
C LEU A 995 -22.58 5.49 16.41
N ILE A 996 -21.55 4.72 16.75
CA ILE A 996 -21.67 3.29 17.01
C ILE A 996 -21.30 3.03 18.46
N ASN A 997 -22.16 2.31 19.17
CA ASN A 997 -21.89 1.91 20.54
C ASN A 997 -21.27 0.53 20.53
N PRO A 998 -20.01 0.36 20.96
CA PRO A 998 -19.38 -0.97 20.92
C PRO A 998 -20.03 -1.98 21.84
N LYS A 999 -20.86 -1.55 22.80
CA LYS A 999 -21.54 -2.50 23.68
C LYS A 999 -22.45 -3.42 22.88
N SER A 1000 -23.21 -2.87 21.94
CA SER A 1000 -24.09 -3.66 21.10
C SER A 1000 -23.75 -3.59 19.61
N TRP A 1001 -22.77 -2.77 19.22
CA TRP A 1001 -22.39 -2.60 17.82
C TRP A 1001 -23.58 -2.18 16.97
N LYS A 1002 -24.38 -1.26 17.49
CA LYS A 1002 -25.53 -0.71 16.79
C LYS A 1002 -25.34 0.78 16.59
N VAL A 1003 -25.87 1.28 15.47
CA VAL A 1003 -25.78 2.71 15.19
C VAL A 1003 -26.71 3.45 16.14
N ILE A 1004 -26.14 4.33 16.95
CA ILE A 1004 -26.90 5.09 17.94
C ILE A 1004 -27.37 6.42 17.38
N ASP A 1005 -26.48 7.15 16.73
CA ASP A 1005 -26.82 8.43 16.10
C ASP A 1005 -26.26 8.46 14.70
N LYS A 1006 -27.05 8.99 13.77
CA LYS A 1006 -26.64 9.12 12.38
C LYS A 1006 -26.99 10.52 11.89
N ILE A 1007 -26.02 11.19 11.27
CA ILE A 1007 -26.22 12.48 10.64
C ILE A 1007 -25.78 12.37 9.19
N ASP A 1008 -26.47 13.08 8.30
CA ASP A 1008 -26.23 12.99 6.87
C ASP A 1008 -25.69 14.31 6.33
N PHE A 1009 -24.76 14.21 5.39
CA PHE A 1009 -24.21 15.34 4.67
C PHE A 1009 -24.82 15.42 3.27
N PRO A 1010 -24.84 16.62 2.67
CA PRO A 1010 -25.56 16.78 1.39
C PRO A 1010 -24.90 16.05 0.22
N LYS A 1011 -25.48 16.25 -0.96
CA LYS A 1011 -25.02 15.59 -2.17
C LYS A 1011 -23.57 15.97 -2.48
N ASN A 1012 -22.85 15.02 -3.10
CA ASN A 1012 -21.46 15.15 -3.55
C ASN A 1012 -20.46 15.18 -2.39
N SER A 1013 -20.92 15.11 -1.15
CA SER A 1013 -20.02 15.22 0.00
C SER A 1013 -19.38 13.88 0.31
N VAL A 1014 -18.07 13.90 0.55
CA VAL A 1014 -17.33 12.74 1.02
C VAL A 1014 -16.49 13.17 2.22
N VAL A 1015 -16.57 12.40 3.30
CA VAL A 1015 -15.79 12.69 4.50
C VAL A 1015 -14.38 12.16 4.29
N ASN A 1016 -13.49 13.03 3.78
CA ASN A 1016 -12.14 12.60 3.44
C ASN A 1016 -11.26 12.39 4.66
N GLU A 1017 -11.66 12.89 5.82
CA GLU A 1017 -10.88 12.68 7.04
C GLU A 1017 -11.75 13.01 8.24
N MET A 1018 -11.81 12.08 9.20
CA MET A 1018 -12.44 12.30 10.48
C MET A 1018 -11.46 11.89 11.58
N ARG A 1019 -11.37 12.71 12.62
CA ARG A 1019 -10.43 12.46 13.70
C ARG A 1019 -11.06 12.79 15.05
N SER A 1020 -10.83 11.92 16.02
CA SER A 1020 -11.15 12.21 17.41
C SER A 1020 -9.92 12.84 18.05
N SER A 1021 -10.06 14.08 18.50
CA SER A 1021 -8.90 14.87 18.91
C SER A 1021 -9.19 15.59 20.21
N MET A 1022 -8.12 15.80 20.99
CA MET A 1022 -8.19 16.58 22.22
C MET A 1022 -7.94 18.04 21.86
N ILE A 1023 -8.98 18.86 21.97
CA ILE A 1023 -8.92 20.27 21.56
C ILE A 1023 -8.87 21.13 22.81
N GLN A 1024 -7.90 22.04 22.85
CA GLN A 1024 -7.77 22.98 23.96
C GLN A 1024 -8.80 24.09 23.78
N ILE A 1025 -9.79 24.14 24.69
CA ILE A 1025 -10.84 25.14 24.61
C ILE A 1025 -10.55 26.34 25.51
N ASN A 1026 -9.42 26.36 26.20
CA ASN A 1026 -9.05 27.51 27.02
C ASN A 1026 -7.53 27.46 27.19
N SER A 1027 -6.84 28.44 26.59
CA SER A 1027 -5.39 28.44 26.66
C SER A 1027 -4.90 28.81 28.06
N LYS A 1028 -5.62 29.68 28.75
CA LYS A 1028 -5.20 30.11 30.08
C LYS A 1028 -5.24 28.95 31.08
N THR A 1029 -6.35 28.22 31.11
CA THR A 1029 -6.52 27.10 32.03
C THR A 1029 -6.06 25.77 31.44
N LYS A 1030 -5.66 25.74 30.18
CA LYS A 1030 -5.15 24.53 29.52
C LYS A 1030 -6.20 23.41 29.50
N ARG A 1031 -7.48 23.78 29.51
CA ARG A 1031 -8.53 22.77 29.49
C ARG A 1031 -8.64 22.16 28.11
N LYS A 1032 -8.77 20.83 28.06
CA LYS A 1032 -8.87 20.09 26.82
C LYS A 1032 -10.16 19.26 26.81
N ARG A 1033 -10.83 19.25 25.66
CA ARG A 1033 -12.04 18.46 25.48
C ARG A 1033 -11.90 17.62 24.22
N GLU A 1034 -12.38 16.39 24.27
CA GLU A 1034 -12.30 15.47 23.14
C GLU A 1034 -13.45 15.75 22.18
N TYR A 1035 -13.13 16.33 21.03
CA TYR A 1035 -14.11 16.64 20.01
C TYR A 1035 -13.91 15.75 18.80
N ILE A 1036 -14.99 15.57 18.05
CA ILE A 1036 -14.95 14.85 16.78
C ILE A 1036 -14.97 15.86 15.66
N ILE A 1037 -13.93 15.86 14.83
CA ILE A 1037 -13.79 16.80 13.73
C ILE A 1037 -13.80 16.01 12.44
N ALA A 1038 -14.73 16.35 11.54
CA ALA A 1038 -14.90 15.67 10.27
C ALA A 1038 -14.58 16.62 9.13
N GLY A 1039 -13.66 16.22 8.26
CA GLY A 1039 -13.33 17.00 7.09
C GLY A 1039 -14.12 16.54 5.88
N VAL A 1040 -15.04 17.38 5.42
CA VAL A 1040 -15.94 17.05 4.32
C VAL A 1040 -15.46 17.77 3.07
N ALA A 1041 -15.22 17.02 2.01
CA ALA A 1041 -14.85 17.57 0.71
C ALA A 1041 -15.96 17.28 -0.28
N ASN A 1042 -16.34 18.30 -1.05
CA ASN A 1042 -17.37 18.15 -2.07
C ASN A 1042 -16.72 17.56 -3.32
N ALA A 1043 -16.88 16.25 -3.50
CA ALA A 1043 -16.28 15.54 -4.63
C ALA A 1043 -17.06 15.88 -5.89
N THR A 1044 -16.55 16.85 -6.65
CA THR A 1044 -17.20 17.30 -7.88
C THR A 1044 -16.23 17.25 -9.04
N THR A 1045 -16.61 17.85 -10.17
CA THR A 1045 -15.75 17.84 -11.34
C THR A 1045 -14.61 18.84 -11.17
N GLU A 1046 -13.65 18.79 -12.10
CA GLU A 1046 -12.51 19.69 -12.07
C GLU A 1046 -12.91 21.12 -12.38
N ASP A 1047 -13.88 21.32 -13.26
CA ASP A 1047 -14.23 22.65 -13.75
C ASP A 1047 -15.06 23.45 -12.77
N THR A 1048 -15.51 22.87 -11.68
CA THR A 1048 -16.26 23.69 -10.74
C THR A 1048 -15.35 24.11 -9.59
N PRO A 1049 -15.59 25.29 -9.00
CA PRO A 1049 -14.77 25.73 -7.88
C PRO A 1049 -14.84 24.75 -6.72
N PRO A 1050 -13.70 24.35 -6.17
CA PRO A 1050 -13.70 23.36 -5.09
C PRO A 1050 -14.27 23.95 -3.81
N THR A 1051 -15.09 23.14 -3.13
CA THR A 1051 -15.70 23.55 -1.87
C THR A 1051 -15.60 22.41 -0.87
N GLY A 1052 -15.81 22.74 0.39
CA GLY A 1052 -15.76 21.74 1.44
C GLY A 1052 -16.30 22.31 2.72
N ALA A 1053 -16.28 21.48 3.76
CA ALA A 1053 -16.76 21.92 5.06
C ALA A 1053 -16.08 21.07 6.13
N PHE A 1054 -16.03 21.63 7.35
CA PHE A 1054 -15.56 20.90 8.52
C PHE A 1054 -16.59 21.05 9.63
N HIS A 1055 -16.77 19.98 10.39
CA HIS A 1055 -17.77 19.94 11.45
C HIS A 1055 -17.11 19.52 12.75
N ILE A 1056 -17.43 20.22 13.82
CA ILE A 1056 -16.95 19.89 15.16
C ILE A 1056 -18.11 19.24 15.92
N TYR A 1057 -17.89 18.01 16.39
CA TYR A 1057 -18.92 17.25 17.07
C TYR A 1057 -18.47 16.90 18.48
N ASP A 1058 -19.35 17.14 19.44
CA ASP A 1058 -19.13 16.76 20.83
C ASP A 1058 -20.12 15.67 21.21
N VAL A 1059 -19.61 14.56 21.73
CA VAL A 1059 -20.45 13.45 22.15
C VAL A 1059 -21.00 13.78 23.54
N ILE A 1060 -22.31 14.00 23.62
CA ILE A 1060 -22.95 14.39 24.86
C ILE A 1060 -23.78 13.22 25.38
N GLU A 1061 -23.89 13.13 26.69
CA GLU A 1061 -24.66 12.07 27.34
C GLU A 1061 -26.10 12.53 27.49
N VAL A 1062 -27.01 11.87 26.80
CA VAL A 1062 -28.42 12.17 26.87
C VAL A 1062 -29.13 11.04 27.61
N VAL A 1063 -30.38 11.29 27.98
CA VAL A 1063 -31.18 10.23 28.61
C VAL A 1063 -31.54 9.19 27.55
N PRO A 1064 -31.21 7.92 27.74
CA PRO A 1064 -31.55 6.91 26.73
C PRO A 1064 -33.06 6.80 26.57
N GLU A 1065 -33.49 6.67 25.33
CA GLU A 1065 -34.92 6.56 25.07
C GLU A 1065 -35.43 5.23 25.62
N PRO A 1066 -36.62 5.22 26.23
CA PRO A 1066 -37.13 3.97 26.82
C PRO A 1066 -37.31 2.89 25.76
N GLY A 1067 -36.98 1.67 26.14
CA GLY A 1067 -37.14 0.52 25.25
C GLY A 1067 -35.87 -0.26 25.00
N LYS A 1068 -34.74 0.43 24.85
CA LYS A 1068 -33.46 -0.24 24.71
C LYS A 1068 -32.37 0.62 25.35
N PRO A 1069 -31.34 -0.01 25.93
CA PRO A 1069 -30.25 0.76 26.55
C PRO A 1069 -29.21 1.21 25.54
N ASP A 1070 -28.04 1.68 26.01
CA ASP A 1070 -26.91 2.01 25.09
C ASP A 1070 -27.28 3.09 24.06
N THR A 1071 -28.37 3.82 24.24
CA THR A 1071 -28.70 4.93 23.36
C THR A 1071 -28.61 6.26 24.09
N ASN A 1072 -27.73 6.34 25.08
CA ASN A 1072 -27.61 7.49 25.96
C ASN A 1072 -26.64 8.54 25.45
N TYR A 1073 -26.10 8.37 24.25
CA TYR A 1073 -25.16 9.31 23.68
C TYR A 1073 -25.68 9.82 22.35
N LYS A 1074 -25.51 11.12 22.11
CA LYS A 1074 -25.91 11.75 20.85
C LYS A 1074 -24.80 12.68 20.39
N LEU A 1075 -24.73 12.89 19.09
CA LEU A 1075 -23.76 13.81 18.52
C LEU A 1075 -24.31 15.23 18.56
N LYS A 1076 -23.55 16.14 19.14
CA LYS A 1076 -23.90 17.56 19.19
C LYS A 1076 -22.91 18.33 18.34
N GLU A 1077 -23.42 19.10 17.38
CA GLU A 1077 -22.56 19.84 16.45
C GLU A 1077 -22.08 21.11 17.14
N ILE A 1078 -20.80 21.12 17.53
CA ILE A 1078 -20.24 22.29 18.18
C ILE A 1078 -20.12 23.45 17.21
N PHE A 1079 -19.58 23.19 16.02
CA PHE A 1079 -19.34 24.23 15.03
C PHE A 1079 -19.41 23.65 13.64
N GLN A 1080 -19.94 24.43 12.71
CA GLN A 1080 -20.05 24.04 11.31
C GLN A 1080 -19.69 25.22 10.44
N GLU A 1081 -18.94 24.97 9.37
CA GLU A 1081 -18.56 26.03 8.45
C GLU A 1081 -18.24 25.43 7.09
N GLU A 1082 -18.80 26.03 6.04
CA GLU A 1082 -18.44 25.70 4.67
C GLU A 1082 -17.30 26.59 4.22
N VAL A 1083 -16.29 26.00 3.60
CA VAL A 1083 -15.08 26.72 3.22
C VAL A 1083 -14.84 26.55 1.73
N SER A 1084 -14.06 27.48 1.18
CA SER A 1084 -13.67 27.41 -0.23
C SER A 1084 -12.44 26.52 -0.36
N GLY A 1085 -12.61 25.39 -1.03
CA GLY A 1085 -11.53 24.42 -1.16
C GLY A 1085 -11.87 23.10 -0.51
N THR A 1086 -11.47 22.01 -1.14
CA THR A 1086 -11.79 20.68 -0.63
C THR A 1086 -11.04 20.42 0.67
N VAL A 1087 -11.75 19.96 1.69
CA VAL A 1087 -11.15 19.62 2.97
C VAL A 1087 -10.68 18.17 2.87
N SER A 1088 -9.42 17.97 2.53
CA SER A 1088 -8.88 16.64 2.32
C SER A 1088 -8.32 16.00 3.58
N THR A 1089 -8.04 16.78 4.62
CA THR A 1089 -7.46 16.22 5.83
C THR A 1089 -7.87 17.05 7.03
N VAL A 1090 -7.78 16.42 8.20
CA VAL A 1090 -8.01 17.07 9.49
C VAL A 1090 -6.96 16.56 10.46
N CYS A 1091 -6.32 17.47 11.19
CA CYS A 1091 -5.29 17.10 12.14
C CYS A 1091 -5.30 18.07 13.31
N GLU A 1092 -5.05 17.56 14.50
CA GLU A 1092 -4.99 18.37 15.71
C GLU A 1092 -3.53 18.58 16.11
N VAL A 1093 -3.18 19.84 16.36
CA VAL A 1093 -1.83 20.20 16.77
C VAL A 1093 -1.91 21.08 18.01
N SER A 1094 -1.35 20.60 19.12
CA SER A 1094 -1.24 21.35 20.37
C SER A 1094 -2.60 21.88 20.82
N GLY A 1095 -3.61 21.04 20.76
CA GLY A 1095 -4.95 21.42 21.18
C GLY A 1095 -5.71 22.25 20.18
N ARG A 1096 -5.13 22.53 19.01
CA ARG A 1096 -5.81 23.23 17.93
C ARG A 1096 -5.80 22.35 16.70
N PHE A 1097 -6.86 22.43 15.91
CA PHE A 1097 -7.02 21.54 14.77
C PHE A 1097 -6.66 22.26 13.48
N MET A 1098 -5.97 21.54 12.60
CA MET A 1098 -5.56 22.06 11.30
C MET A 1098 -6.27 21.27 10.20
N ILE A 1099 -6.95 21.99 9.31
CA ILE A 1099 -7.59 21.38 8.16
C ILE A 1099 -6.97 21.98 6.90
N SER A 1100 -7.14 21.27 5.80
CA SER A 1100 -6.55 21.66 4.52
C SER A 1100 -7.65 22.11 3.57
N GLN A 1101 -7.46 23.28 2.97
CA GLN A 1101 -8.29 23.71 1.86
C GLN A 1101 -7.58 23.36 0.55
N SER A 1102 -8.11 23.84 -0.56
CA SER A 1102 -7.46 23.62 -1.84
C SER A 1102 -6.15 24.41 -1.88
N GLN A 1103 -5.03 23.70 -1.90
CA GLN A 1103 -3.71 24.31 -1.91
C GLN A 1103 -3.51 25.25 -0.73
N LYS A 1104 -3.98 24.83 0.44
CA LYS A 1104 -3.97 25.68 1.62
C LYS A 1104 -4.21 24.83 2.84
N VAL A 1105 -3.58 25.21 3.96
CA VAL A 1105 -3.85 24.59 5.26
C VAL A 1105 -4.06 25.70 6.28
N LEU A 1106 -5.11 25.57 7.07
CA LEU A 1106 -5.48 26.55 8.09
C LEU A 1106 -5.53 25.89 9.45
N VAL A 1107 -5.03 26.59 10.46
CA VAL A 1107 -5.11 26.15 11.85
C VAL A 1107 -6.10 27.05 12.58
N ARG A 1108 -7.07 26.43 13.23
CA ARG A 1108 -8.07 27.16 13.99
C ARG A 1108 -8.04 26.69 15.44
N ASP A 1109 -8.52 27.55 16.34
CA ASP A 1109 -8.63 27.23 17.75
C ASP A 1109 -10.06 27.43 18.20
N ILE A 1110 -10.50 26.60 19.14
CA ILE A 1110 -11.85 26.63 19.68
C ILE A 1110 -11.79 27.15 21.10
N GLN A 1111 -12.73 28.02 21.44
CA GLN A 1111 -12.84 28.57 22.78
C GLN A 1111 -14.02 27.95 23.51
N GLU A 1112 -14.25 28.40 24.75
CA GLU A 1112 -15.33 27.85 25.56
C GLU A 1112 -16.69 28.17 24.96
N ASP A 1113 -16.82 29.35 24.34
CA ASP A 1113 -18.08 29.78 23.74
C ASP A 1113 -18.35 29.14 22.39
N ASN A 1114 -17.62 28.07 22.05
CA ASN A 1114 -17.80 27.35 20.79
C ASN A 1114 -17.58 28.27 19.59
N SER A 1115 -16.64 29.18 19.71
CA SER A 1115 -16.25 30.07 18.63
C SER A 1115 -14.94 29.57 18.02
N VAL A 1116 -14.93 29.33 16.71
CA VAL A 1116 -13.78 28.81 16.01
C VAL A 1116 -13.26 29.88 15.07
N ILE A 1117 -12.00 30.24 15.23
CA ILE A 1117 -11.37 31.28 14.41
C ILE A 1117 -10.01 30.78 13.94
N PRO A 1118 -9.66 30.95 12.66
CA PRO A 1118 -8.33 30.56 12.20
C PRO A 1118 -7.25 31.42 12.85
N VAL A 1119 -6.10 30.80 13.11
CA VAL A 1119 -4.98 31.51 13.71
C VAL A 1119 -3.69 31.38 12.94
N ALA A 1120 -3.52 30.36 12.11
CA ALA A 1120 -2.29 30.15 11.34
C ALA A 1120 -2.65 29.90 9.88
N PHE A 1121 -1.62 29.78 9.05
CA PHE A 1121 -1.78 29.78 7.60
C PHE A 1121 -0.50 29.31 6.93
N LEU A 1122 -0.62 28.35 6.02
CA LEU A 1122 0.53 27.88 5.25
C LEU A 1122 0.03 27.43 3.88
N ASP A 1123 0.93 27.49 2.89
CA ASP A 1123 0.62 27.13 1.51
C ASP A 1123 1.27 25.80 1.18
N ILE A 1124 0.47 24.88 0.63
CA ILE A 1124 0.94 23.55 0.24
C ILE A 1124 1.12 23.53 -1.27
N PRO A 1125 1.97 22.63 -1.81
CA PRO A 1125 2.21 22.64 -3.26
C PRO A 1125 0.99 22.30 -4.11
N VAL A 1126 0.42 21.11 -3.94
CA VAL A 1126 -0.60 20.63 -4.86
C VAL A 1126 -1.88 20.23 -4.14
N PHE A 1127 -1.79 19.22 -3.27
CA PHE A 1127 -2.97 18.62 -2.67
C PHE A 1127 -2.54 17.83 -1.43
N VAL A 1128 -3.19 18.07 -0.31
CA VAL A 1128 -2.86 17.39 0.93
C VAL A 1128 -3.47 15.99 0.90
N THR A 1129 -2.62 14.97 1.01
CA THR A 1129 -3.08 13.59 1.07
C THR A 1129 -3.26 13.12 2.51
N ASP A 1130 -2.29 13.42 3.37
CA ASP A 1130 -2.36 13.03 4.77
C ASP A 1130 -1.63 14.06 5.61
N SER A 1131 -1.99 14.13 6.88
CA SER A 1131 -1.34 15.03 7.81
C SER A 1131 -1.32 14.41 9.20
N LYS A 1132 -0.18 14.52 9.87
CA LYS A 1132 -0.01 14.01 11.22
C LYS A 1132 0.70 15.05 12.07
N SER A 1133 0.46 15.01 13.37
CA SER A 1133 1.07 15.96 14.29
C SER A 1133 1.72 15.22 15.45
N PHE A 1134 2.90 15.67 15.84
CA PHE A 1134 3.63 15.16 17.00
C PHE A 1134 3.93 16.35 17.90
N GLY A 1135 3.09 16.56 18.90
CA GLY A 1135 3.18 17.77 19.69
C GLY A 1135 2.80 18.98 18.87
N ASN A 1136 3.71 19.96 18.77
CA ASN A 1136 3.49 21.13 17.94
C ASN A 1136 4.19 21.02 16.59
N LEU A 1137 4.64 19.82 16.22
CA LEU A 1137 5.25 19.58 14.93
C LEU A 1137 4.25 18.90 14.01
N LEU A 1138 4.30 19.24 12.73
CA LEU A 1138 3.35 18.75 11.75
C LEU A 1138 4.07 18.25 10.51
N ILE A 1139 3.50 17.23 9.88
CA ILE A 1139 3.94 16.75 8.57
C ILE A 1139 2.73 16.72 7.66
N ILE A 1140 2.85 17.32 6.48
CA ILE A 1140 1.76 17.43 5.52
C ILE A 1140 2.21 16.77 4.23
N GLY A 1141 1.46 15.75 3.81
CA GLY A 1141 1.81 15.04 2.59
C GLY A 1141 1.20 15.70 1.37
N ASP A 1142 1.95 15.69 0.27
CA ASP A 1142 1.53 16.32 -0.98
C ASP A 1142 1.32 15.26 -2.05
N ALA A 1143 0.31 15.48 -2.89
CA ALA A 1143 -0.03 14.52 -3.94
C ALA A 1143 1.02 14.45 -5.03
N MET A 1144 1.98 15.37 -5.07
CA MET A 1144 3.00 15.33 -6.11
C MET A 1144 4.42 15.57 -5.62
N GLN A 1145 4.63 16.21 -4.46
CA GLN A 1145 5.95 16.64 -4.04
C GLN A 1145 6.27 16.12 -2.63
N GLY A 1146 6.02 14.84 -2.42
CA GLY A 1146 6.39 14.22 -1.15
C GLY A 1146 5.63 14.84 0.02
N PHE A 1147 6.38 15.26 1.03
CA PHE A 1147 5.79 15.86 2.22
C PHE A 1147 6.76 16.87 2.80
N GLN A 1148 6.25 17.72 3.69
CA GLN A 1148 7.05 18.77 4.31
C GLN A 1148 6.86 18.72 5.83
N PHE A 1149 7.88 19.20 6.53
CA PHE A 1149 7.90 19.23 7.99
C PHE A 1149 7.64 20.65 8.46
N ILE A 1150 6.63 20.81 9.31
CA ILE A 1150 6.16 22.12 9.73
C ILE A 1150 6.07 22.15 11.25
N GLY A 1151 6.58 23.21 11.86
CA GLY A 1151 6.44 23.44 13.28
C GLY A 1151 5.41 24.54 13.55
N PHE A 1152 4.62 24.34 14.59
CA PHE A 1152 3.52 25.24 14.93
C PHE A 1152 3.82 25.95 16.24
N ASP A 1153 3.66 27.26 16.24
CA ASP A 1153 3.86 28.09 17.42
C ASP A 1153 2.59 28.87 17.73
N ALA A 1154 2.42 29.24 18.99
CA ALA A 1154 1.21 29.89 19.45
C ALA A 1154 1.48 31.33 19.87
N GLU A 1155 0.45 32.02 20.37
CA GLU A 1155 0.43 33.43 20.75
C GLU A 1155 0.88 34.29 19.56
N PRO A 1156 2.19 34.52 19.25
CA PRO A 1156 2.50 34.85 17.86
C PRO A 1156 2.45 33.63 16.98
N TYR A 1157 1.24 33.29 16.51
CA TYR A 1157 1.03 32.04 15.78
C TYR A 1157 1.90 31.99 14.53
N ARG A 1158 2.59 30.87 14.35
CA ARG A 1158 3.51 30.71 13.24
C ARG A 1158 3.37 29.32 12.66
N MET A 1159 3.71 29.20 11.38
CA MET A 1159 3.86 27.92 10.67
C MET A 1159 5.26 27.91 10.09
N ILE A 1160 6.23 27.45 10.87
CA ILE A 1160 7.63 27.43 10.45
C ILE A 1160 7.84 26.24 9.52
N SER A 1161 8.38 26.51 8.34
CA SER A 1161 8.72 25.45 7.38
C SER A 1161 10.05 24.85 7.79
N LEU A 1162 9.99 23.80 8.60
CA LEU A 1162 11.21 23.22 9.14
C LEU A 1162 12.00 22.46 8.07
N GLY A 1163 11.31 21.75 7.19
CA GLY A 1163 12.01 21.01 6.16
C GLY A 1163 11.03 20.41 5.17
N ARG A 1164 11.60 19.95 4.05
CA ARG A 1164 10.83 19.32 2.99
C ARG A 1164 11.56 18.06 2.53
N SER A 1165 10.81 17.12 1.99
CA SER A 1165 11.40 15.92 1.42
C SER A 1165 11.99 16.25 0.06
N MET A 1166 13.28 16.01 -0.12
CA MET A 1166 13.92 16.28 -1.40
C MET A 1166 13.37 15.37 -2.50
N SER A 1167 13.12 14.11 -2.18
CA SER A 1167 12.50 13.21 -3.13
C SER A 1167 11.05 13.61 -3.34
N LYS A 1168 10.62 13.59 -4.61
CA LYS A 1168 9.25 13.93 -4.97
C LYS A 1168 8.49 12.65 -5.27
N PHE A 1169 7.41 12.42 -4.53
CA PHE A 1169 6.58 11.25 -4.74
C PHE A 1169 5.14 11.59 -4.35
N GLN A 1170 4.20 10.86 -4.93
CA GLN A 1170 2.79 11.02 -4.58
C GLN A 1170 2.52 10.20 -3.33
N THR A 1171 2.65 10.85 -2.18
CA THR A 1171 2.52 10.16 -0.91
C THR A 1171 1.07 9.77 -0.63
N MET A 1172 0.91 8.68 0.11
CA MET A 1172 -0.41 8.18 0.49
C MET A 1172 -0.72 8.45 1.96
N SER A 1173 0.16 8.05 2.87
CA SER A 1173 -0.05 8.27 4.30
C SER A 1173 1.27 8.68 4.94
N LEU A 1174 1.16 9.36 6.07
CA LEU A 1174 2.30 9.86 6.81
C LEU A 1174 2.22 9.39 8.25
N GLU A 1175 3.39 9.28 8.89
CA GLU A 1175 3.44 9.03 10.33
C GLU A 1175 4.86 9.32 10.82
N PHE A 1176 4.96 9.57 12.12
CA PHE A 1176 6.24 9.84 12.76
C PHE A 1176 6.88 8.56 13.23
N LEU A 1177 8.19 8.43 12.98
CA LEU A 1177 9.01 7.31 13.45
C LEU A 1177 10.11 7.93 14.31
N VAL A 1178 9.82 8.13 15.59
CA VAL A 1178 10.67 8.99 16.41
C VAL A 1178 12.02 8.32 16.64
N ASN A 1179 12.03 7.14 17.25
CA ASN A 1179 13.25 6.37 17.53
C ASN A 1179 14.22 7.18 18.40
N GLY A 1180 13.79 7.43 19.64
CA GLY A 1180 14.65 8.06 20.61
C GLY A 1180 14.74 9.57 20.46
N GLY A 1181 15.95 10.11 20.65
CA GLY A 1181 16.12 11.55 20.55
C GLY A 1181 15.89 12.09 19.15
N ASP A 1182 16.27 11.31 18.14
CA ASP A 1182 16.14 11.75 16.75
C ASP A 1182 14.66 11.78 16.35
N MET A 1183 14.42 12.20 15.11
CA MET A 1183 13.07 12.24 14.57
C MET A 1183 13.12 11.76 13.13
N TYR A 1184 12.29 10.76 12.81
CA TYR A 1184 12.14 10.25 11.47
C TYR A 1184 10.68 10.24 11.08
N PHE A 1185 10.42 10.27 9.77
CA PHE A 1185 9.07 10.23 9.23
C PHE A 1185 8.92 9.04 8.31
N ALA A 1186 7.75 8.41 8.36
CA ALA A 1186 7.40 7.30 7.47
C ALA A 1186 6.38 7.79 6.47
N ALA A 1187 6.70 7.71 5.18
CA ALA A 1187 5.83 8.18 4.11
C ALA A 1187 5.59 7.04 3.13
N THR A 1188 4.32 6.70 2.93
CA THR A 1188 3.94 5.68 1.96
C THR A 1188 3.67 6.32 0.61
N ASP A 1189 4.19 5.69 -0.44
CA ASP A 1189 4.11 6.21 -1.80
C ASP A 1189 3.02 5.46 -2.57
N ALA A 1190 2.55 6.09 -3.64
CA ALA A 1190 1.57 5.45 -4.52
C ALA A 1190 2.16 4.27 -5.28
N ASP A 1191 3.49 4.11 -5.30
CA ASP A 1191 4.15 2.98 -5.92
C ASP A 1191 4.43 1.85 -4.93
N ARG A 1192 3.61 1.74 -3.88
CA ARG A 1192 3.78 0.71 -2.84
C ARG A 1192 5.15 0.81 -2.17
N ASN A 1193 5.63 2.03 -2.01
CA ASN A 1193 6.89 2.29 -1.32
C ASN A 1193 6.63 3.05 -0.03
N VAL A 1194 7.32 2.66 1.03
CA VAL A 1194 7.32 3.42 2.28
C VAL A 1194 8.73 3.97 2.48
N HIS A 1195 8.82 5.27 2.69
CA HIS A 1195 10.10 5.97 2.80
C HIS A 1195 10.30 6.43 4.23
N VAL A 1196 11.55 6.38 4.68
CA VAL A 1196 11.94 6.91 5.99
C VAL A 1196 12.82 8.12 5.74
N LEU A 1197 12.43 9.25 6.30
CA LEU A 1197 13.19 10.49 6.20
C LEU A 1197 13.34 11.08 7.60
N LYS A 1198 14.47 11.74 7.83
CA LYS A 1198 14.78 12.26 9.15
C LYS A 1198 15.04 13.77 9.07
N TYR A 1199 14.74 14.45 10.16
CA TYR A 1199 15.07 15.85 10.33
C TYR A 1199 16.46 15.94 10.94
N ALA A 1200 17.43 16.40 10.15
CA ALA A 1200 18.83 16.44 10.57
C ALA A 1200 19.38 17.84 10.35
N PRO A 1201 19.03 18.79 11.21
CA PRO A 1201 19.61 20.14 11.09
C PRO A 1201 21.11 20.17 11.28
N ASP A 1202 21.66 19.20 12.01
CA ASP A 1202 23.10 19.17 12.25
C ASP A 1202 23.89 18.56 11.10
N GLU A 1203 23.23 17.90 10.16
CA GLU A 1203 23.94 17.35 9.02
C GLU A 1203 24.42 18.48 8.10
N PRO A 1204 25.57 18.31 7.45
CA PRO A 1204 26.16 19.40 6.67
C PRO A 1204 25.28 19.89 5.52
N ASN A 1205 24.93 19.00 4.59
CA ASN A 1205 24.20 19.38 3.39
C ASN A 1205 22.69 19.18 3.57
N SER A 1206 22.15 19.85 4.58
CA SER A 1206 20.71 19.80 4.86
C SER A 1206 20.09 21.18 4.90
N LEU A 1207 20.87 22.24 4.68
CA LEU A 1207 20.39 23.62 4.72
C LEU A 1207 19.67 23.88 6.05
N SER A 1208 20.39 23.64 7.14
CA SER A 1208 19.87 23.79 8.50
C SER A 1208 18.59 22.98 8.68
N GLY A 1209 18.57 21.77 8.12
CA GLY A 1209 17.44 20.88 8.25
C GLY A 1209 16.33 21.08 7.24
N GLN A 1210 16.42 22.08 6.36
CA GLN A 1210 15.38 22.31 5.38
C GLN A 1210 15.26 21.17 4.38
N ARG A 1211 16.32 20.39 4.19
CA ARG A 1211 16.32 19.22 3.32
C ARG A 1211 16.26 17.97 4.18
N LEU A 1212 15.12 17.29 4.18
CA LEU A 1212 14.98 16.07 4.94
C LEU A 1212 15.86 14.98 4.35
N VAL A 1213 16.61 14.30 5.20
CA VAL A 1213 17.56 13.29 4.76
C VAL A 1213 16.80 12.00 4.46
N HIS A 1214 16.96 11.49 3.25
CA HIS A 1214 16.30 10.24 2.86
C HIS A 1214 17.09 9.07 3.44
N CYS A 1215 16.47 8.34 4.36
CA CYS A 1215 17.15 7.24 5.04
C CYS A 1215 17.03 5.93 4.26
N SER A 1216 15.81 5.48 3.99
CA SER A 1216 15.62 4.21 3.30
C SER A 1216 14.28 4.22 2.59
N SER A 1217 14.16 3.34 1.59
CA SER A 1217 12.92 3.10 0.88
C SER A 1217 12.63 1.60 0.90
N PHE A 1218 11.38 1.25 1.16
CA PHE A 1218 10.97 -0.14 1.37
C PHE A 1218 9.73 -0.39 0.53
N THR A 1219 9.85 -1.29 -0.46
CA THR A 1219 8.73 -1.57 -1.35
C THR A 1219 7.75 -2.52 -0.68
N LEU A 1220 6.50 -2.12 -0.59
CA LEU A 1220 5.45 -2.94 -0.02
C LEU A 1220 4.76 -3.75 -1.12
N HIS A 1221 3.98 -4.74 -0.70
CA HIS A 1221 3.30 -5.63 -1.63
C HIS A 1221 1.91 -5.13 -2.01
N SER A 1222 1.44 -4.05 -1.40
CA SER A 1222 0.15 -3.47 -1.77
C SER A 1222 0.15 -2.00 -1.35
N THR A 1223 -0.77 -1.25 -1.93
CA THR A 1223 -0.88 0.17 -1.60
C THR A 1223 -1.37 0.35 -0.17
N ASN A 1224 -0.86 1.38 0.49
CA ASN A 1224 -1.19 1.67 1.87
C ASN A 1224 -2.31 2.70 1.93
N SER A 1225 -3.36 2.39 2.68
CA SER A 1225 -4.54 3.29 2.73
C SER A 1225 -4.52 4.13 4.00
N CYS A 1226 -3.85 3.65 5.05
CA CYS A 1226 -3.91 4.39 6.34
C CYS A 1226 -2.70 4.07 7.23
N MET A 1227 -2.27 5.05 8.03
CA MET A 1227 -1.19 4.84 8.98
C MET A 1227 -1.59 5.47 10.31
N MET A 1228 -1.08 4.90 11.40
CA MET A 1228 -1.43 5.40 12.72
C MET A 1228 -0.23 5.23 13.64
N LEU A 1229 -0.17 6.08 14.67
CA LEU A 1229 0.87 6.01 15.68
C LEU A 1229 0.38 5.18 16.85
N LEU A 1230 1.20 4.22 17.28
CA LEU A 1230 0.84 3.33 18.37
C LEU A 1230 1.98 3.31 19.38
N PRO A 1231 1.69 3.44 20.67
CA PRO A 1231 2.73 3.26 21.69
C PRO A 1231 3.33 1.86 21.60
N ARG A 1232 4.64 1.79 21.79
CA ARG A 1232 5.37 0.54 21.65
C ARG A 1232 5.59 -0.12 23.00
N ASN A 1233 5.42 -1.44 23.03
CA ASN A 1233 5.59 -2.21 24.26
C ASN A 1233 7.06 -2.63 24.39
N GLU A 1234 7.61 -2.43 25.58
CA GLU A 1234 8.99 -2.82 25.88
C GLU A 1234 8.98 -3.95 26.88
N GLU A 1235 9.68 -5.04 26.56
CA GLU A 1235 9.68 -6.23 27.41
C GLU A 1235 10.78 -6.21 28.45
N PHE A 1236 11.98 -5.76 28.08
CA PHE A 1236 13.13 -5.81 28.98
C PHE A 1236 13.60 -4.42 29.39
N GLY A 1237 13.90 -3.55 28.43
CA GLY A 1237 14.36 -2.21 28.72
C GLY A 1237 13.24 -1.20 28.51
N SER A 1238 12.82 -0.57 29.60
CA SER A 1238 11.75 0.42 29.59
C SER A 1238 12.36 1.78 29.91
N PRO A 1239 12.79 2.53 28.90
CA PRO A 1239 13.36 3.85 29.15
C PRO A 1239 12.30 4.84 29.62
N GLN A 1240 12.77 5.92 30.22
CA GLN A 1240 11.86 6.95 30.71
C GLN A 1240 11.05 7.56 29.58
N VAL A 1241 11.67 7.83 28.44
CA VAL A 1241 10.95 8.42 27.31
C VAL A 1241 9.99 7.38 26.73
N PRO A 1242 8.83 7.79 26.23
CA PRO A 1242 7.94 6.82 25.58
C PRO A 1242 8.46 6.40 24.21
N SER A 1243 8.03 5.22 23.79
CA SER A 1243 8.38 4.69 22.47
C SER A 1243 7.12 4.49 21.65
N PHE A 1244 7.27 4.60 20.33
CA PHE A 1244 6.14 4.55 19.43
C PHE A 1244 6.47 3.67 18.23
N GLN A 1245 5.40 3.20 17.58
CA GLN A 1245 5.52 2.42 16.35
C GLN A 1245 4.40 2.83 15.41
N ASN A 1246 4.60 2.55 14.13
CA ASN A 1246 3.63 2.88 13.09
C ASN A 1246 2.89 1.63 12.67
N VAL A 1247 1.57 1.72 12.59
CA VAL A 1247 0.72 0.61 12.13
C VAL A 1247 -0.02 1.09 10.89
N GLY A 1248 0.09 0.32 9.82
CA GLY A 1248 -0.51 0.69 8.55
C GLY A 1248 -1.42 -0.37 7.99
N GLY A 1249 -2.56 0.06 7.44
CA GLY A 1249 -3.51 -0.89 6.83
C GLY A 1249 -3.33 -0.94 5.33
N GLN A 1250 -3.36 -2.13 4.73
CA GLN A 1250 -3.10 -2.26 3.28
C GLN A 1250 -4.41 -2.51 2.54
N VAL A 1251 -4.42 -2.30 1.21
CA VAL A 1251 -5.66 -2.51 0.40
C VAL A 1251 -5.89 -4.02 0.24
N ASP A 1252 -4.81 -4.82 0.20
CA ASP A 1252 -4.98 -6.26 0.03
C ASP A 1252 -5.48 -6.95 1.30
N GLY A 1253 -5.76 -6.18 2.34
CA GLY A 1253 -6.33 -6.77 3.58
C GLY A 1253 -5.27 -7.08 4.62
N SER A 1254 -4.02 -6.69 4.35
CA SER A 1254 -2.91 -6.99 5.28
C SER A 1254 -2.66 -5.79 6.19
N VAL A 1255 -2.11 -6.04 7.39
CA VAL A 1255 -1.73 -4.92 8.30
C VAL A 1255 -0.24 -5.05 8.59
N PHE A 1256 0.50 -3.94 8.53
CA PHE A 1256 1.92 -3.95 8.77
C PHE A 1256 2.28 -2.95 9.86
N LYS A 1257 3.42 -3.18 10.49
CA LYS A 1257 3.94 -2.28 11.51
C LYS A 1257 5.42 -2.02 11.26
N ILE A 1258 5.85 -0.82 11.59
CA ILE A 1258 7.26 -0.44 11.56
C ILE A 1258 7.69 -0.18 13.00
N VAL A 1259 8.71 -0.91 13.44
CA VAL A 1259 9.21 -0.82 14.81
C VAL A 1259 10.61 -0.19 14.74
N PRO A 1260 10.80 1.02 15.28
CA PRO A 1260 12.14 1.60 15.33
C PRO A 1260 13.05 0.80 16.26
N LEU A 1261 14.34 0.82 15.95
CA LEU A 1261 15.34 0.07 16.69
C LEU A 1261 16.49 0.96 17.10
N SER A 1262 17.17 0.55 18.17
CA SER A 1262 18.39 1.21 18.58
C SER A 1262 19.56 0.77 17.70
N GLU A 1263 20.72 1.37 17.92
CA GLU A 1263 21.86 1.13 17.03
C GLU A 1263 22.36 -0.30 17.13
N GLU A 1264 22.58 -0.80 18.35
CA GLU A 1264 23.12 -2.16 18.50
C GLU A 1264 22.08 -3.21 18.09
N LYS A 1265 20.82 -2.98 18.44
CA LYS A 1265 19.77 -3.90 18.01
C LYS A 1265 19.68 -3.93 16.49
N TYR A 1266 19.75 -2.76 15.85
CA TYR A 1266 19.71 -2.71 14.39
C TYR A 1266 20.91 -3.44 13.79
N ARG A 1267 22.10 -3.25 14.36
CA ARG A 1267 23.28 -3.92 13.83
C ARG A 1267 23.13 -5.44 13.91
N ARG A 1268 22.68 -5.93 15.07
CA ARG A 1268 22.50 -7.38 15.24
C ARG A 1268 21.48 -7.91 14.25
N LEU A 1269 20.31 -7.27 14.16
CA LEU A 1269 19.27 -7.77 13.27
C LEU A 1269 19.69 -7.64 11.81
N TYR A 1270 20.45 -6.60 11.46
CA TYR A 1270 20.90 -6.42 10.09
C TYR A 1270 21.88 -7.51 9.68
N VAL A 1271 22.86 -7.81 10.54
CA VAL A 1271 23.80 -8.87 10.19
C VAL A 1271 23.10 -10.22 10.13
N ILE A 1272 22.12 -10.44 11.02
CA ILE A 1272 21.38 -11.70 10.99
C ILE A 1272 20.56 -11.81 9.70
N GLN A 1273 19.90 -10.73 9.29
CA GLN A 1273 19.13 -10.75 8.06
C GLN A 1273 20.03 -10.98 6.85
N GLN A 1274 21.19 -10.34 6.83
CA GLN A 1274 22.13 -10.55 5.72
C GLN A 1274 22.59 -11.99 5.68
N GLN A 1275 22.91 -12.58 6.83
CA GLN A 1275 23.31 -13.99 6.87
C GLN A 1275 22.20 -14.89 6.37
N ILE A 1276 20.96 -14.61 6.79
CA ILE A 1276 19.83 -15.44 6.36
C ILE A 1276 19.64 -15.35 4.86
N ILE A 1277 19.69 -14.13 4.32
CA ILE A 1277 19.48 -13.96 2.88
C ILE A 1277 20.58 -14.65 2.09
N ASP A 1278 21.84 -14.50 2.52
CA ASP A 1278 22.94 -15.03 1.74
C ASP A 1278 23.10 -16.55 1.88
N ARG A 1279 22.78 -17.12 3.03
CA ARG A 1279 23.08 -18.52 3.29
C ARG A 1279 21.86 -19.44 3.23
N GLU A 1280 20.67 -18.94 3.55
CA GLU A 1280 19.49 -19.78 3.50
C GLU A 1280 18.89 -19.79 2.09
N LEU A 1281 18.03 -20.78 1.85
CA LEU A 1281 17.40 -20.96 0.55
C LEU A 1281 16.07 -20.22 0.52
N GLN A 1282 15.97 -19.22 -0.37
CA GLN A 1282 14.73 -18.49 -0.53
C GLN A 1282 13.71 -19.34 -1.29
N LEU A 1283 12.43 -19.08 -1.05
CA LEU A 1283 11.37 -19.96 -1.52
C LEU A 1283 11.35 -20.02 -3.04
N GLY A 1284 11.04 -18.91 -3.70
CA GLY A 1284 10.94 -18.90 -5.14
C GLY A 1284 12.17 -18.35 -5.82
N GLY A 1285 13.29 -18.33 -5.11
CA GLY A 1285 14.47 -17.65 -5.59
C GLY A 1285 14.39 -16.15 -5.47
N LEU A 1286 13.38 -15.63 -4.80
CA LEU A 1286 13.22 -14.19 -4.66
C LEU A 1286 14.26 -13.63 -3.69
N ASN A 1287 14.94 -12.58 -4.11
CA ASN A 1287 15.88 -11.89 -3.23
C ASN A 1287 15.14 -10.84 -2.44
N PRO A 1288 15.08 -10.93 -1.11
CA PRO A 1288 14.38 -9.89 -0.34
C PRO A 1288 14.95 -8.51 -0.56
N ARG A 1289 16.26 -8.39 -0.75
CA ARG A 1289 16.85 -7.11 -1.11
C ARG A 1289 16.28 -6.59 -2.42
N MET A 1290 16.17 -7.47 -3.43
CA MET A 1290 15.57 -7.07 -4.69
C MET A 1290 14.09 -6.74 -4.51
N GLU A 1291 13.37 -7.52 -3.70
CA GLU A 1291 11.94 -7.28 -3.53
C GLU A 1291 11.67 -5.94 -2.87
N ARG A 1292 12.48 -5.56 -1.90
CA ARG A 1292 12.19 -4.39 -1.09
C ARG A 1292 12.92 -3.12 -1.52
N LEU A 1293 14.13 -3.23 -2.08
CA LEU A 1293 14.95 -2.07 -2.35
C LEU A 1293 15.08 -1.72 -3.83
N ALA A 1294 14.64 -2.59 -4.74
CA ALA A 1294 14.74 -2.32 -6.17
C ALA A 1294 13.58 -1.41 -6.59
N ASN A 1295 13.68 -0.14 -6.17
CA ASN A 1295 12.72 0.89 -6.53
C ASN A 1295 13.48 2.12 -7.02
N ASP A 1296 12.73 3.18 -7.31
CA ASP A 1296 13.32 4.39 -7.88
C ASP A 1296 14.15 5.18 -6.88
N PHE A 1297 14.08 4.84 -5.59
CA PHE A 1297 14.74 5.61 -4.54
C PHE A 1297 15.93 4.85 -3.94
N TYR A 1298 16.41 3.81 -4.62
CA TYR A 1298 17.52 3.03 -4.06
C TYR A 1298 18.80 3.85 -4.00
N GLN A 1299 19.07 4.65 -5.03
CA GLN A 1299 20.34 5.37 -5.09
C GLN A 1299 20.44 6.44 -4.02
N MET A 1300 19.34 7.13 -3.73
CA MET A 1300 19.38 8.27 -2.82
C MET A 1300 19.33 7.88 -1.35
N GLY A 1301 19.13 6.60 -1.04
CA GLY A 1301 19.08 6.17 0.34
C GLY A 1301 20.42 5.71 0.86
N HIS A 1302 20.46 5.45 2.18
CA HIS A 1302 21.66 4.94 2.83
C HIS A 1302 21.76 3.44 2.58
N SER A 1303 22.72 3.04 1.75
CA SER A 1303 22.85 1.63 1.38
C SER A 1303 23.24 0.74 2.55
N MET A 1304 23.84 1.31 3.59
CA MET A 1304 24.27 0.53 4.75
C MET A 1304 23.19 0.41 5.82
N ARG A 1305 22.12 1.18 5.74
CA ARG A 1305 21.03 1.14 6.72
C ARG A 1305 19.69 1.06 6.02
N PRO A 1306 19.35 -0.09 5.45
CA PRO A 1306 18.01 -0.27 4.87
C PRO A 1306 17.01 -0.64 5.97
N MET A 1307 15.73 -0.57 5.60
CA MET A 1307 14.69 -1.06 6.49
C MET A 1307 14.72 -2.57 6.55
N LEU A 1308 14.70 -3.13 7.76
CA LEU A 1308 14.77 -4.56 7.94
C LEU A 1308 13.39 -5.19 7.77
N ASP A 1309 13.37 -6.34 7.10
CA ASP A 1309 12.14 -7.10 6.91
C ASP A 1309 12.09 -8.19 7.99
N PHE A 1310 11.14 -8.05 8.92
CA PHE A 1310 11.03 -9.03 9.99
C PHE A 1310 10.66 -10.41 9.48
N ASN A 1311 10.04 -10.51 8.30
CA ASN A 1311 9.77 -11.82 7.73
C ASN A 1311 11.05 -12.59 7.46
N VAL A 1312 12.10 -11.90 7.04
CA VAL A 1312 13.40 -12.55 6.86
C VAL A 1312 14.00 -12.92 8.21
N ILE A 1313 13.84 -12.05 9.21
CA ILE A 1313 14.47 -12.28 10.51
C ILE A 1313 13.82 -13.46 11.22
N ARG A 1314 12.51 -13.62 11.09
CA ARG A 1314 11.83 -14.74 11.74
C ARG A 1314 12.33 -16.10 11.27
N ARG A 1315 12.94 -16.17 10.08
CA ARG A 1315 13.52 -17.43 9.66
C ARG A 1315 14.68 -17.84 10.57
N PHE A 1316 15.31 -16.87 11.22
CA PHE A 1316 16.32 -17.19 12.23
C PHE A 1316 15.72 -18.04 13.35
N CYS A 1317 14.51 -17.68 13.80
CA CYS A 1317 13.85 -18.45 14.83
C CYS A 1317 13.51 -19.86 14.36
N GLY A 1318 13.29 -20.04 13.05
CA GLY A 1318 12.93 -21.33 12.50
C GLY A 1318 14.10 -22.20 12.08
N LEU A 1319 15.33 -21.77 12.30
CA LEU A 1319 16.48 -22.57 11.94
C LEU A 1319 16.77 -23.62 13.01
N ALA A 1320 17.70 -24.52 12.69
CA ALA A 1320 18.16 -25.48 13.67
C ALA A 1320 19.00 -24.78 14.74
N ILE A 1321 19.16 -25.46 15.88
CA ILE A 1321 19.87 -24.86 17.02
C ILE A 1321 21.30 -24.52 16.63
N ASP A 1322 22.02 -25.49 16.06
CA ASP A 1322 23.40 -25.25 15.66
C ASP A 1322 23.46 -24.19 14.56
N ARG A 1323 22.53 -24.25 13.61
CA ARG A 1323 22.47 -23.23 12.57
C ARG A 1323 22.16 -21.86 13.17
N ARG A 1324 21.28 -21.82 14.18
CA ARG A 1324 20.98 -20.56 14.85
C ARG A 1324 22.23 -19.98 15.50
N LYS A 1325 22.99 -20.81 16.21
CA LYS A 1325 24.21 -20.33 16.84
C LYS A 1325 25.22 -19.85 15.80
N SER A 1326 25.36 -20.60 14.70
CA SER A 1326 26.31 -20.23 13.66
C SER A 1326 25.93 -18.89 13.03
N ILE A 1327 24.64 -18.68 12.76
CA ILE A 1327 24.20 -17.41 12.19
C ILE A 1327 24.42 -16.28 13.18
N ALA A 1328 24.08 -16.50 14.46
CA ALA A 1328 24.19 -15.43 15.44
C ALA A 1328 25.63 -15.02 15.69
N GLN A 1329 26.55 -15.99 15.75
CA GLN A 1329 27.93 -15.68 16.13
C GLN A 1329 28.67 -14.87 15.09
N LYS A 1330 28.10 -14.70 13.88
CA LYS A 1330 28.80 -13.97 12.83
C LYS A 1330 29.07 -12.52 13.20
N ALA A 1331 28.31 -11.95 14.14
CA ALA A 1331 28.58 -10.60 14.62
C ALA A 1331 28.03 -10.48 16.03
N GLY A 1332 28.92 -10.58 17.02
CA GLY A 1332 28.53 -10.46 18.41
C GLY A 1332 28.77 -11.73 19.21
N ARG A 1333 29.48 -11.61 20.33
CA ARG A 1333 29.73 -12.78 21.18
C ARG A 1333 28.44 -13.26 21.83
N HIS A 1334 27.67 -12.34 22.40
CA HIS A 1334 26.36 -12.64 22.97
C HIS A 1334 25.23 -12.30 22.00
N ALA A 1335 25.47 -12.44 20.69
CA ALA A 1335 24.50 -12.03 19.71
C ALA A 1335 23.26 -12.92 19.72
N HIS A 1336 23.41 -14.19 20.10
CA HIS A 1336 22.25 -15.09 20.16
C HIS A 1336 21.26 -14.63 21.21
N PHE A 1337 21.74 -14.38 22.43
CA PHE A 1337 20.86 -13.98 23.53
C PHE A 1337 20.18 -12.65 23.22
N GLU A 1338 20.95 -11.63 22.86
CA GLU A 1338 20.36 -10.32 22.61
C GLU A 1338 19.50 -10.33 21.35
N ALA A 1339 19.85 -11.13 20.36
CA ALA A 1339 19.03 -11.25 19.16
C ALA A 1339 17.68 -11.86 19.49
N TRP A 1340 17.66 -12.90 20.32
CA TRP A 1340 16.38 -13.46 20.75
C TRP A 1340 15.60 -12.43 21.55
N ARG A 1341 16.29 -11.65 22.39
CA ARG A 1341 15.60 -10.65 23.20
C ARG A 1341 14.91 -9.60 22.33
N ASP A 1342 15.64 -9.03 21.35
CA ASP A 1342 15.00 -8.00 20.54
C ASP A 1342 14.04 -8.57 19.51
N ILE A 1343 14.19 -9.84 19.12
CA ILE A 1343 13.17 -10.48 18.31
C ILE A 1343 11.87 -10.61 19.11
N ILE A 1344 11.98 -11.01 20.38
CA ILE A 1344 10.81 -11.05 21.25
C ILE A 1344 10.21 -9.66 21.40
N ASN A 1345 11.07 -8.65 21.54
CA ASN A 1345 10.60 -7.27 21.69
C ASN A 1345 9.82 -6.82 20.46
N ILE A 1346 10.32 -7.13 19.27
CA ILE A 1346 9.61 -6.78 18.04
C ILE A 1346 8.28 -7.54 17.95
N GLU A 1347 8.31 -8.85 18.25
CA GLU A 1347 7.11 -9.65 18.15
C GLU A 1347 6.04 -9.17 19.13
N PHE A 1348 6.44 -8.76 20.32
CA PHE A 1348 5.52 -8.29 21.34
C PHE A 1348 5.39 -6.76 21.35
N SER A 1349 5.87 -6.10 20.29
CA SER A 1349 5.86 -4.64 20.27
C SER A 1349 4.44 -4.09 20.32
N MET A 1350 3.47 -4.82 19.78
CA MET A 1350 2.09 -4.37 19.76
C MET A 1350 1.30 -4.81 20.98
N ARG A 1351 1.95 -5.47 21.94
CA ARG A 1351 1.28 -5.87 23.18
C ARG A 1351 1.06 -4.71 24.13
N SER A 1352 1.41 -3.48 23.73
CA SER A 1352 1.04 -2.32 24.52
C SER A 1352 -0.46 -2.13 24.55
N LEU A 1353 -1.19 -2.72 23.60
CA LEU A 1353 -2.65 -2.71 23.64
C LEU A 1353 -3.20 -3.59 24.75
N CYS A 1354 -2.40 -4.53 25.26
CA CYS A 1354 -2.87 -5.42 26.31
C CYS A 1354 -3.07 -4.72 27.64
N GLN A 1355 -2.36 -3.63 27.89
CA GLN A 1355 -2.54 -2.81 29.09
C GLN A 1355 -2.97 -1.42 28.69
N GLY A 1356 -4.00 -0.90 29.34
CA GLY A 1356 -4.52 0.41 29.00
C GLY A 1356 -5.16 1.06 30.21
N LYS A 1357 -5.18 2.39 30.20
CA LYS A 1357 -5.75 3.18 31.29
C LYS A 1357 -5.11 2.84 32.63
N MET B 1 0.47 5.61 29.31
CA MET B 1 -0.46 6.72 29.16
C MET B 1 -1.77 6.31 28.49
N SER B 2 -2.20 7.07 27.51
CA SER B 2 -3.42 6.79 26.76
C SER B 2 -3.05 6.24 25.38
N LEU B 3 -3.62 5.09 25.05
CA LEU B 3 -3.37 4.50 23.73
C LEU B 3 -4.10 5.27 22.64
N ILE B 4 -5.26 5.83 22.95
CA ILE B 4 -6.03 6.56 21.94
C ILE B 4 -5.34 7.85 21.57
N HIS B 5 -4.86 8.60 22.56
CA HIS B 5 -4.20 9.88 22.35
C HIS B 5 -2.86 9.85 23.07
N PRO B 6 -1.84 9.27 22.45
CA PRO B 6 -0.52 9.21 23.09
C PRO B 6 0.03 10.60 23.37
N ASP B 7 0.73 10.73 24.50
CA ASP B 7 1.29 12.02 24.92
C ASP B 7 2.57 12.25 24.12
N THR B 8 2.49 13.11 23.12
CA THR B 8 3.64 13.46 22.28
C THR B 8 4.03 14.92 22.43
N ALA B 9 3.49 15.63 23.42
CA ALA B 9 3.75 17.06 23.55
C ALA B 9 5.17 17.32 24.01
N LYS B 10 5.51 16.83 25.20
CA LYS B 10 6.82 17.08 25.79
C LYS B 10 7.71 15.87 25.49
N TYR B 11 8.35 15.90 24.32
CA TYR B 11 9.25 14.83 23.94
C TYR B 11 10.68 15.36 23.87
N PRO B 12 11.64 14.64 24.45
CA PRO B 12 13.04 15.13 24.46
C PRO B 12 13.75 14.97 23.13
N PHE B 13 13.38 15.81 22.16
CA PHE B 13 14.09 15.85 20.90
C PHE B 13 15.43 16.56 21.07
N LYS B 14 16.46 16.06 20.40
CA LYS B 14 17.80 16.59 20.55
C LYS B 14 18.08 17.79 19.65
N PHE B 15 17.13 18.17 18.79
CA PHE B 15 17.26 19.39 17.99
C PHE B 15 16.54 20.56 18.63
N GLU B 16 16.09 20.43 19.87
CA GLU B 16 15.47 21.54 20.57
C GLU B 16 16.38 22.76 20.68
N PRO B 17 17.66 22.64 21.05
CA PRO B 17 18.52 23.84 21.04
C PRO B 17 18.61 24.50 19.67
N PHE B 18 18.63 23.70 18.60
CA PHE B 18 18.63 24.29 17.26
C PHE B 18 17.34 25.06 17.00
N LEU B 19 16.20 24.47 17.37
CA LEU B 19 14.92 25.16 17.18
C LEU B 19 14.83 26.40 18.03
N ARG B 20 15.55 26.47 19.15
CA ARG B 20 15.60 27.71 19.92
C ARG B 20 16.52 28.72 19.27
N GLN B 21 17.63 28.27 18.68
CA GLN B 21 18.54 29.17 17.99
C GLN B 21 17.90 29.76 16.74
N GLU B 22 17.53 28.90 15.79
CA GLU B 22 16.85 29.32 14.58
C GLU B 22 15.34 29.25 14.78
N TYR B 23 14.64 30.23 14.22
CA TYR B 23 13.18 30.35 14.29
C TYR B 23 12.69 30.74 15.68
N SER B 24 13.59 30.77 16.67
CA SER B 24 13.24 30.98 18.07
C SER B 24 12.01 30.17 18.45
N PHE B 25 12.12 28.86 18.24
CA PHE B 25 11.00 27.94 18.32
C PHE B 25 11.26 26.91 19.43
N SER B 26 10.18 26.31 19.91
CA SER B 26 10.28 25.27 20.94
C SER B 26 9.11 24.32 20.78
N LEU B 27 9.16 23.22 21.52
CA LEU B 27 8.13 22.20 21.49
C LEU B 27 6.97 22.50 22.43
N ASP B 28 7.00 23.64 23.11
CA ASP B 28 5.90 24.09 23.96
C ASP B 28 5.37 25.39 23.37
N PRO B 29 4.35 25.32 22.50
CA PRO B 29 3.85 26.55 21.86
C PRO B 29 3.27 27.56 22.84
N ASP B 30 2.79 27.12 24.00
CA ASP B 30 2.19 28.01 24.98
C ASP B 30 3.17 28.38 26.10
N ARG B 31 4.47 28.43 25.78
CA ARG B 31 5.45 28.85 26.77
C ARG B 31 5.28 30.32 27.10
N PRO B 32 5.59 30.73 28.33
CA PRO B 32 5.43 32.13 28.70
C PRO B 32 6.38 33.04 27.95
N ILE B 33 5.97 34.29 27.79
CA ILE B 33 6.81 35.28 27.13
C ILE B 33 7.92 35.71 28.09
N CYS B 34 9.14 35.79 27.57
CA CYS B 34 10.27 36.18 28.40
C CYS B 34 10.12 37.64 28.84
N GLU B 35 10.42 37.89 30.10
CA GLU B 35 10.33 39.24 30.67
C GLU B 35 11.62 40.03 30.48
N PHE B 36 12.66 39.42 29.92
CA PHE B 36 13.92 40.11 29.67
C PHE B 36 14.09 40.52 28.22
N TYR B 37 13.61 39.72 27.28
CA TYR B 37 13.79 40.01 25.87
C TYR B 37 13.00 41.25 25.47
N ASN B 38 13.64 42.11 24.67
CA ASN B 38 12.99 43.28 24.10
C ASN B 38 13.21 43.27 22.59
N SER B 39 12.12 43.37 21.83
CA SER B 39 12.23 43.30 20.37
C SER B 39 13.06 44.45 19.82
N ARG B 40 12.84 45.66 20.32
CA ARG B 40 13.60 46.81 19.84
C ARG B 40 15.06 46.74 20.26
N GLU B 41 15.34 46.26 21.47
CA GLU B 41 16.70 46.20 21.96
C GLU B 41 17.52 45.11 21.30
N GLY B 42 16.88 44.10 20.71
CA GLY B 42 17.58 43.07 19.98
C GLY B 42 17.79 41.79 20.77
N PRO B 43 18.42 40.80 20.13
CA PRO B 43 18.64 39.52 20.81
C PRO B 43 19.60 39.59 21.99
N LYS B 44 20.37 40.66 22.12
CA LYS B 44 21.35 40.80 23.19
C LYS B 44 20.72 41.22 24.52
N SER B 45 19.41 41.47 24.55
CA SER B 45 18.75 41.93 25.76
C SER B 45 18.34 40.81 26.69
N CYS B 46 18.58 39.55 26.32
CA CYS B 46 18.19 38.41 27.15
C CYS B 46 19.42 37.79 27.78
N PRO B 47 19.53 37.76 29.10
CA PRO B 47 20.71 37.12 29.73
C PRO B 47 20.85 35.65 29.38
N ARG B 48 19.74 34.93 29.23
CA ARG B 48 19.81 33.50 28.92
C ARG B 48 20.21 33.23 27.47
N GLY B 49 20.27 34.26 26.64
CA GLY B 49 20.67 34.09 25.26
C GLY B 49 19.55 33.51 24.41
N PRO B 50 19.89 33.10 23.18
CA PRO B 50 18.87 32.52 22.29
C PRO B 50 18.26 31.23 22.80
N LEU B 51 18.94 30.53 23.71
CA LEU B 51 18.43 29.28 24.27
C LEU B 51 17.48 29.50 25.44
N CYS B 52 16.89 30.68 25.56
CA CYS B 52 15.97 30.96 26.65
C CYS B 52 14.76 30.04 26.55
N PRO B 53 14.36 29.38 27.64
CA PRO B 53 13.17 28.51 27.57
C PRO B 53 11.88 29.26 27.31
N LYS B 54 11.84 30.57 27.54
CA LYS B 54 10.65 31.36 27.34
C LYS B 54 10.55 31.80 25.88
N LYS B 55 9.62 32.70 25.59
CA LYS B 55 9.32 33.11 24.22
C LYS B 55 9.94 34.47 23.93
N HIS B 56 10.62 34.56 22.78
CA HIS B 56 11.22 35.82 22.32
C HIS B 56 10.47 36.23 21.05
N VAL B 57 9.51 37.14 21.21
CA VAL B 57 8.68 37.55 20.08
C VAL B 57 9.49 38.48 19.18
N LEU B 58 9.56 38.14 17.90
CA LEU B 58 10.25 38.99 16.94
C LEU B 58 9.47 40.28 16.72
N PRO B 59 10.14 41.36 16.33
CA PRO B 59 9.42 42.63 16.11
C PRO B 59 8.42 42.57 14.97
N ILE B 60 8.53 41.59 14.07
CA ILE B 60 7.59 41.48 12.97
C ILE B 60 6.17 41.24 13.49
N PHE B 61 6.05 40.59 14.64
CA PHE B 61 4.75 40.27 15.21
C PHE B 61 4.21 41.36 16.14
N GLN B 62 4.94 42.47 16.28
CA GLN B 62 4.43 43.63 17.00
C GLN B 62 3.67 44.60 16.11
N ASN B 63 3.62 44.33 14.79
CA ASN B 63 2.92 45.21 13.87
C ASN B 63 1.42 45.11 14.07
N LYS B 64 0.71 46.13 13.61
CA LYS B 64 -0.72 46.27 13.89
C LYS B 64 -1.61 45.80 12.75
N ILE B 65 -1.16 45.88 11.50
CA ILE B 65 -1.97 45.53 10.34
C ILE B 65 -1.34 44.35 9.62
N VAL B 66 -2.17 43.36 9.28
CA VAL B 66 -1.67 42.17 8.58
C VAL B 66 -1.18 42.57 7.20
N CYS B 67 -0.02 42.05 6.83
CA CYS B 67 0.57 42.35 5.53
C CYS B 67 -0.27 41.71 4.41
N ARG B 68 -0.68 42.53 3.44
CA ARG B 68 -1.49 42.01 2.34
C ARG B 68 -0.65 41.19 1.37
N HIS B 69 0.64 41.49 1.24
CA HIS B 69 1.50 40.70 0.36
C HIS B 69 1.86 39.37 0.99
N TRP B 70 1.99 39.33 2.31
CA TRP B 70 2.31 38.07 3.00
C TRP B 70 1.17 37.07 2.85
N LEU B 71 -0.08 37.55 2.88
CA LEU B 71 -1.21 36.64 2.71
C LEU B 71 -1.18 35.96 1.35
N ARG B 72 -0.72 36.65 0.33
CA ARG B 72 -0.55 36.08 -1.00
C ARG B 72 0.79 35.38 -1.16
N GLY B 73 1.62 35.36 -0.13
CA GLY B 73 2.95 34.80 -0.23
C GLY B 73 3.86 35.58 -1.15
N LEU B 74 3.77 36.91 -1.14
CA LEU B 74 4.53 37.75 -2.03
C LEU B 74 5.09 38.96 -1.28
N CYS B 75 5.53 38.76 -0.05
CA CYS B 75 6.11 39.84 0.74
C CYS B 75 7.63 39.84 0.53
N LYS B 76 8.13 40.93 -0.06
CA LYS B 76 9.56 41.03 -0.33
C LYS B 76 10.37 41.50 0.87
N LYS B 77 9.72 41.87 1.97
CA LYS B 77 10.43 42.36 3.14
C LYS B 77 10.72 41.28 4.18
N ASN B 78 10.02 40.15 4.12
CA ASN B 78 10.25 38.99 5.01
C ASN B 78 10.09 39.48 6.45
N ASP B 79 11.02 39.17 7.36
CA ASP B 79 10.87 39.53 8.76
C ASP B 79 11.06 41.02 9.02
N GLN B 80 11.51 41.79 8.04
CA GLN B 80 11.72 43.21 8.20
C GLN B 80 10.52 44.03 7.79
N CYS B 81 9.41 43.39 7.43
CA CYS B 81 8.21 44.11 7.04
C CYS B 81 7.63 44.88 8.21
N GLU B 82 7.04 46.03 7.90
CA GLU B 82 6.39 46.87 8.90
C GLU B 82 4.95 46.47 9.16
N TYR B 83 4.46 45.41 8.50
CA TYR B 83 3.12 44.93 8.66
C TYR B 83 3.14 43.52 9.23
N LEU B 84 2.05 43.14 9.88
CA LEU B 84 2.01 41.90 10.66
C LEU B 84 1.98 40.69 9.74
N HIS B 85 2.95 39.80 9.91
CA HIS B 85 2.99 38.53 9.19
C HIS B 85 2.35 37.41 10.00
N GLU B 86 1.12 37.64 10.44
CA GLU B 86 0.39 36.69 11.25
C GLU B 86 -1.07 36.68 10.81
N TYR B 87 -1.66 35.50 10.74
CA TYR B 87 -3.06 35.34 10.32
C TYR B 87 -3.98 35.79 11.46
N ASN B 88 -4.07 37.11 11.62
CA ASN B 88 -4.91 37.73 12.64
C ASN B 88 -6.08 38.40 11.94
N LEU B 89 -7.27 37.81 12.09
CA LEU B 89 -8.44 38.32 11.38
C LEU B 89 -8.86 39.69 11.91
N ARG B 90 -8.78 39.92 13.21
CA ARG B 90 -9.18 41.21 13.76
C ARG B 90 -8.22 42.31 13.35
N LYS B 91 -7.00 41.95 12.95
CA LYS B 91 -6.00 42.92 12.50
C LYS B 91 -5.92 43.00 10.99
N MET B 92 -6.84 42.36 10.28
CA MET B 92 -6.85 42.44 8.83
C MET B 92 -7.18 43.85 8.36
N PRO B 93 -6.65 44.27 7.20
CA PRO B 93 -7.00 45.58 6.65
C PRO B 93 -8.36 45.57 5.96
N GLU B 94 -9.41 45.28 6.74
CA GLU B 94 -10.78 45.20 6.25
C GLU B 94 -10.91 44.21 5.08
N SER C 532 24.64 -25.24 -4.77
CA SER C 532 25.14 -25.21 -3.41
C SER C 532 24.97 -23.82 -2.80
N LYS C 533 24.98 -22.80 -3.65
CA LYS C 533 24.81 -21.43 -3.21
C LYS C 533 23.35 -20.99 -3.20
N HIS C 534 22.42 -21.88 -3.58
CA HIS C 534 20.99 -21.63 -3.61
C HIS C 534 20.62 -20.66 -4.72
N LYS C 535 19.65 -21.04 -5.55
CA LYS C 535 19.21 -20.16 -6.63
C LYS C 535 18.51 -18.94 -6.04
N MET C 536 18.92 -17.76 -6.51
CA MET C 536 18.32 -16.51 -6.05
C MET C 536 18.59 -15.44 -7.09
N PHE C 537 17.64 -14.54 -7.26
CA PHE C 537 17.79 -13.43 -8.18
C PHE C 537 18.93 -12.53 -7.70
N PRO C 538 19.94 -12.26 -8.53
CA PRO C 538 21.04 -11.40 -8.09
C PRO C 538 20.55 -9.97 -7.89
N PHE C 539 21.13 -9.30 -6.89
CA PHE C 539 20.81 -7.90 -6.64
C PHE C 539 22.02 -7.27 -5.96
N ASN C 540 22.82 -6.56 -6.75
CA ASN C 540 23.96 -5.81 -6.23
C ASN C 540 24.20 -4.61 -7.14
N PRO C 541 23.30 -3.63 -7.13
CA PRO C 541 23.47 -2.46 -8.00
C PRO C 541 24.67 -1.64 -7.58
N ALA C 542 25.32 -1.03 -8.56
CA ALA C 542 26.48 -0.20 -8.30
C ALA C 542 26.04 1.20 -7.90
N LYS C 543 26.56 1.68 -6.78
CA LYS C 543 26.26 3.03 -6.33
C LYS C 543 26.89 4.05 -7.28
N ILE C 544 26.15 5.12 -7.56
CA ILE C 544 26.63 6.18 -8.44
C ILE C 544 27.26 7.26 -7.58
N LYS C 545 28.27 7.93 -8.15
CA LYS C 545 29.04 8.90 -7.36
C LYS C 545 28.17 10.05 -6.89
N LYS C 546 27.44 10.70 -7.80
CA LYS C 546 26.44 11.72 -7.47
C LYS C 546 27.09 12.87 -6.70
N ASP C 547 27.92 13.61 -7.42
CA ASP C 547 28.52 14.83 -6.88
C ASP C 547 27.53 16.00 -7.01
N ASP C 548 28.03 17.22 -6.79
CA ASP C 548 27.16 18.39 -6.83
C ASP C 548 26.66 18.69 -8.24
N TYR C 549 27.45 18.38 -9.27
CA TYR C 549 27.05 18.65 -10.64
C TYR C 549 26.07 17.61 -11.19
N GLY C 550 25.82 16.54 -10.45
CA GLY C 550 24.96 15.45 -10.87
C GLY C 550 25.67 14.14 -10.63
N THR C 551 25.24 13.12 -11.36
CA THR C 551 25.86 11.81 -11.27
C THR C 551 27.01 11.71 -12.26
N VAL C 552 28.17 11.26 -11.78
CA VAL C 552 29.33 11.08 -12.64
C VAL C 552 29.12 9.82 -13.49
N VAL C 553 29.17 9.98 -14.81
CA VAL C 553 28.93 8.88 -15.73
C VAL C 553 30.04 8.84 -16.76
N ASP C 554 30.17 7.69 -17.41
CA ASP C 554 31.16 7.51 -18.45
C ASP C 554 30.74 8.34 -19.66
N PHE C 555 31.57 9.31 -20.03
CA PHE C 555 31.23 10.24 -21.10
C PHE C 555 31.54 9.72 -22.49
N THR C 556 32.08 8.51 -22.60
CA THR C 556 32.37 7.94 -23.91
C THR C 556 31.17 7.21 -24.51
N MET C 557 30.02 7.26 -23.87
CA MET C 557 28.80 6.68 -24.42
C MET C 557 27.97 7.68 -25.20
N PHE C 558 28.44 8.92 -25.36
CA PHE C 558 27.67 9.97 -25.99
C PHE C 558 28.13 10.31 -27.41
N LEU C 559 29.18 9.68 -27.90
CA LEU C 559 29.59 9.91 -29.28
C LEU C 559 28.54 9.32 -30.22
N PRO C 560 28.04 10.09 -31.19
CA PRO C 560 27.00 9.56 -32.08
C PRO C 560 27.44 8.35 -32.89
N ASP C 561 28.73 8.22 -33.18
CA ASP C 561 29.26 7.10 -33.95
C ASP C 561 28.58 6.98 -35.31
N THR D 28 -18.79 37.16 -7.74
CA THR D 28 -19.07 36.86 -9.13
C THR D 28 -18.36 35.58 -9.57
N GLN D 29 -19.14 34.59 -9.99
CA GLN D 29 -18.58 33.31 -10.42
C GLN D 29 -17.82 33.48 -11.74
N ARG D 30 -16.79 32.65 -11.90
CA ARG D 30 -15.95 32.69 -13.09
C ARG D 30 -15.34 31.33 -13.29
N ARG D 31 -14.76 31.12 -14.48
CA ARG D 31 -14.16 29.84 -14.81
C ARG D 31 -13.02 29.52 -13.85
N SER D 32 -13.02 28.30 -13.33
CA SER D 32 -12.00 27.83 -12.40
C SER D 32 -11.54 26.45 -12.81
N VAL D 33 -10.24 26.23 -12.82
CA VAL D 33 -9.65 24.94 -13.14
C VAL D 33 -8.83 24.52 -11.93
N ASP D 34 -9.44 23.75 -11.03
CA ASP D 34 -8.79 23.27 -9.83
C ASP D 34 -8.79 21.75 -9.83
N VAL D 35 -7.68 21.16 -9.41
CA VAL D 35 -7.48 19.72 -9.47
C VAL D 35 -7.73 19.06 -8.11
N SER D 36 -8.27 19.80 -7.14
CA SER D 36 -8.46 19.26 -5.80
C SER D 36 -9.49 18.13 -5.78
N SER D 37 -10.67 18.37 -6.36
CA SER D 37 -11.69 17.33 -6.40
C SER D 37 -11.28 16.10 -7.20
N PRO D 38 -10.66 16.22 -8.39
CA PRO D 38 -10.13 15.02 -9.04
C PRO D 38 -9.14 14.26 -8.18
N TYR D 39 -8.31 14.97 -7.40
CA TYR D 39 -7.38 14.28 -6.50
C TYR D 39 -8.12 13.59 -5.36
N ILE D 40 -9.20 14.19 -4.87
CA ILE D 40 -10.02 13.53 -3.86
C ILE D 40 -10.57 12.22 -4.41
N ASN D 41 -11.11 12.26 -5.62
CA ASN D 41 -11.65 11.06 -6.24
C ASN D 41 -10.55 10.03 -6.48
N LEU D 42 -9.39 10.47 -6.97
CA LEU D 42 -8.29 9.56 -7.24
C LEU D 42 -7.81 8.86 -5.98
N TYR D 43 -7.66 9.61 -4.89
CA TYR D 43 -7.17 9.01 -3.66
C TYR D 43 -8.23 8.16 -2.99
N TYR D 44 -9.51 8.48 -3.20
CA TYR D 44 -10.56 7.57 -2.76
C TYR D 44 -10.46 6.25 -3.50
N ASN D 45 -10.24 6.29 -4.81
CA ASN D 45 -10.09 5.06 -5.58
C ASN D 45 -8.85 4.28 -5.13
N ARG D 46 -7.74 4.98 -4.90
CA ARG D 46 -6.50 4.30 -4.56
C ARG D 46 -6.55 3.69 -3.17
N ARG D 47 -7.13 4.40 -2.21
CA ARG D 47 -7.19 3.90 -0.84
C ARG D 47 -8.24 2.83 -0.63
N HIS D 48 -9.14 2.64 -1.59
CA HIS D 48 -10.14 1.59 -1.52
C HIS D 48 -9.89 0.45 -2.51
N GLY D 49 -8.79 0.51 -3.26
CA GLY D 49 -8.48 -0.52 -4.22
C GLY D 49 -9.31 -0.50 -5.48
N LEU D 50 -10.14 0.52 -5.66
CA LEU D 50 -10.99 0.60 -6.84
C LEU D 50 -10.17 1.04 -8.06
N PRO D 51 -10.45 0.49 -9.23
CA PRO D 51 -9.77 0.94 -10.44
C PRO D 51 -10.31 2.27 -10.91
N ASN D 52 -9.53 2.92 -11.78
CA ASN D 52 -9.96 4.16 -12.41
C ASN D 52 -10.90 3.80 -13.56
N LEU D 53 -12.19 4.05 -13.36
CA LEU D 53 -13.20 3.63 -14.32
C LEU D 53 -13.08 4.42 -15.62
N VAL D 54 -13.38 3.74 -16.74
CA VAL D 54 -13.28 4.36 -18.05
C VAL D 54 -14.32 5.45 -18.18
N VAL D 55 -13.88 6.63 -18.63
CA VAL D 55 -14.77 7.76 -18.83
C VAL D 55 -15.58 7.53 -20.10
N GLU D 56 -16.89 7.78 -20.02
CA GLU D 56 -17.79 7.64 -21.16
C GLU D 56 -18.13 9.00 -21.74
N PRO D 57 -18.45 9.07 -23.03
CA PRO D 57 -18.71 10.38 -23.65
C PRO D 57 -20.00 11.01 -23.16
N GLU D 58 -19.98 11.46 -21.90
CA GLU D 58 -21.12 12.13 -21.30
C GLU D 58 -20.61 12.99 -20.15
N THR D 59 -21.31 14.08 -19.87
CA THR D 59 -20.79 15.09 -18.94
C THR D 59 -20.66 14.52 -17.52
N SER D 60 -21.62 13.71 -17.08
CA SER D 60 -21.56 13.18 -15.73
C SER D 60 -20.30 12.35 -15.48
N TYR D 61 -19.66 11.86 -16.55
CA TYR D 61 -18.43 11.09 -16.41
C TYR D 61 -17.20 11.97 -16.30
N THR D 62 -17.36 13.29 -16.29
CA THR D 62 -16.22 14.18 -16.06
C THR D 62 -15.65 14.00 -14.67
N ILE D 63 -16.49 13.57 -13.70
CA ILE D 63 -16.00 13.31 -12.36
C ILE D 63 -14.99 12.17 -12.33
N ASP D 64 -15.00 11.32 -13.34
CA ASP D 64 -14.06 10.20 -13.42
C ASP D 64 -12.77 10.56 -14.14
N ILE D 65 -12.61 11.82 -14.56
CA ILE D 65 -11.37 12.28 -15.17
C ILE D 65 -10.37 12.57 -14.04
N MET D 66 -9.37 11.72 -13.91
CA MET D 66 -8.39 11.79 -12.85
C MET D 66 -7.40 12.92 -13.09
N PRO D 67 -6.69 13.36 -12.07
CA PRO D 67 -5.65 14.36 -12.28
C PRO D 67 -4.57 13.83 -13.21
N PRO D 68 -3.88 14.72 -13.92
CA PRO D 68 -2.94 14.27 -14.97
C PRO D 68 -1.84 13.35 -14.47
N ASN D 69 -1.43 13.48 -13.21
CA ASN D 69 -0.37 12.62 -12.68
C ASN D 69 -0.80 11.17 -12.56
N ALA D 70 -2.09 10.88 -12.65
CA ALA D 70 -2.61 9.52 -12.46
C ALA D 70 -2.66 8.72 -13.74
N TYR D 71 -2.38 9.32 -14.90
CA TYR D 71 -2.54 8.68 -16.19
C TYR D 71 -1.18 8.31 -16.76
N ARG D 72 -0.98 7.01 -17.01
CA ARG D 72 0.22 6.51 -17.66
C ARG D 72 -0.18 5.50 -18.72
N GLY D 73 0.77 5.18 -19.60
CA GLY D 73 0.50 4.21 -20.64
C GLY D 73 -0.51 4.76 -21.64
N ARG D 74 -1.50 3.94 -21.98
CA ARG D 74 -2.51 4.33 -22.95
C ARG D 74 -3.42 5.45 -22.46
N ASP D 75 -3.42 5.73 -21.15
CA ASP D 75 -4.25 6.79 -20.60
C ASP D 75 -3.63 8.17 -20.77
N ARG D 76 -2.41 8.25 -21.29
CA ARG D 76 -1.76 9.55 -21.48
C ARG D 76 -2.47 10.42 -22.49
N VAL D 77 -3.31 9.83 -23.35
CA VAL D 77 -4.05 10.61 -24.34
C VAL D 77 -5.02 11.56 -23.66
N ILE D 78 -5.49 11.22 -22.46
CA ILE D 78 -6.39 12.09 -21.71
C ILE D 78 -5.68 13.39 -21.31
N ASN D 79 -4.35 13.37 -21.22
CA ASN D 79 -3.60 14.52 -20.75
C ASN D 79 -3.33 15.56 -21.83
N LEU D 80 -3.80 15.33 -23.04
CA LEU D 80 -3.58 16.29 -24.12
C LEU D 80 -4.31 17.59 -23.81
N PRO D 81 -3.62 18.73 -23.80
CA PRO D 81 -4.29 20.03 -23.58
C PRO D 81 -4.90 20.58 -24.85
N SER D 82 -5.95 19.92 -25.32
CA SER D 82 -6.56 20.23 -26.60
C SER D 82 -7.66 21.28 -26.52
N LYS D 83 -8.05 21.70 -25.32
CA LYS D 83 -9.19 22.59 -25.14
C LYS D 83 -8.70 23.98 -24.76
N PHE D 84 -9.05 24.97 -25.58
CA PHE D 84 -8.75 26.36 -25.27
C PHE D 84 -9.71 26.85 -24.19
N THR D 85 -9.17 27.21 -23.03
CA THR D 85 -10.00 27.55 -21.88
C THR D 85 -9.97 29.02 -21.49
N HIS D 86 -8.92 29.75 -21.83
CA HIS D 86 -8.82 31.14 -21.42
C HIS D 86 -7.79 31.87 -22.26
N LEU D 87 -8.09 33.13 -22.57
CA LEU D 87 -7.16 34.05 -23.19
C LEU D 87 -6.87 35.18 -22.22
N SER D 88 -5.58 35.45 -22.00
CA SER D 88 -5.17 36.42 -21.00
C SER D 88 -4.23 37.45 -21.64
N SER D 89 -4.27 38.66 -21.08
CA SER D 89 -3.41 39.73 -21.55
C SER D 89 -3.22 40.75 -20.44
N ASN D 90 -2.14 41.51 -20.53
CA ASN D 90 -1.82 42.52 -19.56
C ASN D 90 -2.35 43.89 -20.02
N LYS D 91 -2.38 44.84 -19.08
CA LYS D 91 -2.93 46.16 -19.37
C LYS D 91 -2.14 46.85 -20.48
N VAL D 92 -0.82 46.77 -20.42
CA VAL D 92 0.06 47.32 -21.46
C VAL D 92 0.54 46.12 -22.28
N LYS D 93 0.15 46.08 -23.55
CA LYS D 93 0.45 44.95 -24.40
C LYS D 93 1.90 44.96 -24.84
N HIS D 94 2.77 44.30 -24.08
CA HIS D 94 4.18 44.17 -24.41
C HIS D 94 4.47 42.76 -24.93
N VAL D 95 5.57 42.64 -25.68
CA VAL D 95 6.01 41.34 -26.15
C VAL D 95 6.37 40.48 -24.95
N ILE D 96 5.97 39.21 -25.00
CA ILE D 96 6.26 38.28 -23.92
C ILE D 96 7.36 37.32 -24.36
N PRO D 97 8.59 37.51 -23.91
CA PRO D 97 9.68 36.64 -24.35
C PRO D 97 9.67 35.28 -23.67
N ALA D 98 9.16 35.22 -22.43
CA ALA D 98 9.20 33.98 -21.67
C ALA D 98 8.06 33.95 -20.66
N ILE D 99 7.52 32.76 -20.45
CA ILE D 99 6.56 32.49 -19.38
C ILE D 99 7.05 31.29 -18.60
N GLN D 100 6.69 31.25 -17.32
CA GLN D 100 7.16 30.18 -16.44
C GLN D 100 6.16 29.97 -15.32
N TRP D 101 5.68 28.75 -15.17
CA TRP D 101 4.83 28.42 -14.04
C TRP D 101 5.65 28.36 -12.76
N THR D 102 5.01 28.68 -11.65
CA THR D 102 5.64 28.48 -10.36
C THR D 102 5.88 26.99 -10.12
N PRO D 103 6.87 26.64 -9.32
CA PRO D 103 7.25 25.21 -9.20
C PRO D 103 6.12 24.32 -8.73
N GLU D 104 5.21 24.82 -7.91
CA GLU D 104 4.03 24.06 -7.52
C GLU D 104 2.84 24.29 -8.45
N GLY D 105 3.00 25.16 -9.44
CA GLY D 105 1.92 25.43 -10.38
C GLY D 105 0.87 26.40 -9.88
N ARG D 106 1.11 27.08 -8.76
CA ARG D 106 0.12 28.01 -8.24
C ARG D 106 -0.07 29.21 -9.16
N ARG D 107 1.02 29.74 -9.70
CA ARG D 107 0.97 30.96 -10.49
C ARG D 107 1.84 30.80 -11.73
N LEU D 108 1.53 31.61 -12.74
CA LEU D 108 2.31 31.69 -13.96
C LEU D 108 3.01 33.03 -14.00
N VAL D 109 4.33 33.02 -14.14
CA VAL D 109 5.12 34.24 -14.20
C VAL D 109 5.29 34.62 -15.67
N VAL D 110 4.84 35.80 -16.03
CA VAL D 110 4.91 36.30 -17.40
C VAL D 110 5.90 37.44 -17.44
N ALA D 111 7.00 37.24 -18.17
CA ALA D 111 8.00 38.28 -18.35
C ALA D 111 7.64 39.14 -19.56
N THR D 112 7.83 40.44 -19.42
CA THR D 112 7.52 41.39 -20.47
C THR D 112 8.78 41.94 -21.10
N TYR D 113 8.63 42.54 -22.28
CA TYR D 113 9.75 43.16 -22.97
C TYR D 113 10.26 44.39 -22.23
N SER D 114 9.48 44.93 -21.30
CA SER D 114 9.88 46.08 -20.52
C SER D 114 10.59 45.69 -19.22
N GLY D 115 10.85 44.40 -19.02
CA GLY D 115 11.55 43.96 -17.83
C GLY D 115 10.68 43.80 -16.60
N GLU D 116 9.39 43.58 -16.78
CA GLU D 116 8.47 43.41 -15.66
C GLU D 116 8.06 41.94 -15.54
N PHE D 117 7.61 41.57 -14.35
CA PHE D 117 7.07 40.24 -14.08
C PHE D 117 5.57 40.36 -13.88
N SER D 118 4.81 39.60 -14.66
CA SER D 118 3.36 39.52 -14.51
C SER D 118 3.02 38.18 -13.86
N LEU D 119 2.30 38.24 -12.76
CA LEU D 119 1.82 37.04 -12.08
C LEU D 119 0.39 36.75 -12.50
N TRP D 120 0.05 35.47 -12.57
CA TRP D 120 -1.29 35.04 -12.95
C TRP D 120 -1.64 33.78 -12.17
N ASN D 121 -2.68 33.86 -11.35
CA ASN D 121 -3.10 32.71 -10.57
C ASN D 121 -3.63 31.61 -11.49
N ALA D 122 -3.24 30.37 -11.23
CA ALA D 122 -3.64 29.26 -12.07
C ALA D 122 -5.12 28.94 -11.92
N SER D 123 -5.67 29.13 -10.72
CA SER D 123 -7.04 28.70 -10.46
C SER D 123 -8.04 29.49 -11.30
N SER D 124 -7.86 30.80 -11.42
CA SER D 124 -8.84 31.66 -12.07
C SER D 124 -8.27 32.48 -13.22
N PHE D 125 -6.98 32.35 -13.52
CA PHE D 125 -6.34 33.12 -14.59
C PHE D 125 -6.52 34.62 -14.38
N THR D 126 -6.41 35.09 -13.13
CA THR D 126 -6.69 36.47 -12.79
C THR D 126 -5.59 37.02 -11.90
N PHE D 127 -4.92 38.07 -12.38
CA PHE D 127 -4.03 38.92 -11.58
C PHE D 127 -3.56 40.06 -12.47
N GLU D 128 -3.20 41.18 -11.84
CA GLU D 128 -2.83 42.36 -12.62
C GLU D 128 -1.50 42.98 -12.22
N THR D 129 -1.16 42.99 -10.93
CA THR D 129 -0.06 43.81 -10.46
C THR D 129 1.28 43.36 -11.03
N LEU D 130 2.07 44.33 -11.49
CA LEU D 130 3.37 44.09 -12.09
C LEU D 130 4.45 44.05 -11.02
N MET D 131 5.69 43.88 -11.45
CA MET D 131 6.81 43.82 -10.52
C MET D 131 7.98 44.72 -10.92
N GLN D 132 8.18 44.92 -12.22
CA GLN D 132 9.33 45.65 -12.75
C GLN D 132 10.64 45.01 -12.29
N ALA D 133 10.85 43.78 -12.79
CA ALA D 133 11.98 42.99 -12.33
C ALA D 133 13.31 43.53 -12.84
N HIS D 134 13.49 43.56 -14.15
CA HIS D 134 14.77 43.93 -14.76
C HIS D 134 14.66 45.30 -15.42
N ASP D 135 15.83 45.85 -15.77
CA ASP D 135 15.89 47.11 -16.50
C ASP D 135 15.77 46.92 -18.01
N SER D 136 16.05 45.73 -18.52
CA SER D 136 15.91 45.42 -19.93
C SER D 136 14.97 44.23 -20.07
N ALA D 137 14.75 43.80 -21.31
CA ALA D 137 13.78 42.74 -21.59
C ALA D 137 14.23 41.43 -20.95
N VAL D 138 13.38 40.89 -20.07
CA VAL D 138 13.65 39.59 -19.47
C VAL D 138 13.53 38.52 -20.55
N THR D 139 14.58 37.73 -20.72
CA THR D 139 14.62 36.76 -21.82
C THR D 139 14.40 35.32 -21.37
N THR D 140 14.67 35.00 -20.11
CA THR D 140 14.49 33.64 -19.63
C THR D 140 14.38 33.64 -18.12
N MET D 141 13.52 32.77 -17.60
CA MET D 141 13.40 32.52 -16.17
C MET D 141 13.39 31.02 -15.94
N LYS D 142 13.97 30.60 -14.82
CA LYS D 142 14.04 29.18 -14.47
C LYS D 142 13.96 29.05 -12.95
N TYR D 143 13.16 28.10 -12.50
CA TYR D 143 12.99 27.84 -11.08
C TYR D 143 13.89 26.70 -10.63
N SER D 144 14.33 26.79 -9.39
CA SER D 144 15.15 25.74 -8.80
C SER D 144 14.35 24.46 -8.63
N HIS D 145 15.04 23.32 -8.69
CA HIS D 145 14.36 22.03 -8.55
C HIS D 145 13.74 21.87 -7.18
N ASP D 146 14.30 22.51 -6.15
CA ASP D 146 13.77 22.44 -4.80
C ASP D 146 12.73 23.51 -4.53
N SER D 147 12.33 24.28 -5.54
CA SER D 147 11.29 25.30 -5.41
C SER D 147 11.69 26.41 -4.46
N ASP D 148 13.00 26.67 -4.35
CA ASP D 148 13.50 27.64 -3.39
C ASP D 148 14.10 28.89 -4.04
N TRP D 149 14.36 28.88 -5.35
CA TRP D 149 14.99 30.01 -6.00
C TRP D 149 14.51 30.11 -7.44
N MET D 150 14.58 31.32 -7.98
CA MET D 150 14.41 31.56 -9.40
C MET D 150 15.54 32.45 -9.90
N ILE D 151 16.08 32.13 -11.07
CA ILE D 151 17.11 32.93 -11.72
C ILE D 151 16.53 33.44 -13.03
N SER D 152 16.73 34.73 -13.30
CA SER D 152 16.21 35.35 -14.51
C SER D 152 17.30 36.17 -15.18
N GLY D 153 17.43 35.99 -16.49
CA GLY D 153 18.31 36.81 -17.30
C GLY D 153 17.54 37.93 -17.98
N ASP D 154 18.28 38.73 -18.73
CA ASP D 154 17.68 39.84 -19.46
C ASP D 154 18.48 40.10 -20.72
N ALA D 155 18.19 41.22 -21.40
CA ALA D 155 18.85 41.55 -22.64
C ALA D 155 20.23 42.17 -22.46
N ASP D 156 20.59 42.55 -21.23
CA ASP D 156 21.87 43.18 -20.94
C ASP D 156 22.87 42.21 -20.33
N GLY D 157 22.58 40.91 -20.34
CA GLY D 157 23.47 39.95 -19.73
C GLY D 157 23.44 39.94 -18.23
N MET D 158 22.36 40.40 -17.62
CA MET D 158 22.27 40.57 -16.17
C MET D 158 21.40 39.45 -15.61
N ILE D 159 21.92 38.74 -14.61
CA ILE D 159 21.29 37.52 -14.10
C ILE D 159 20.90 37.76 -12.65
N LYS D 160 19.61 37.99 -12.41
CA LYS D 160 19.11 38.21 -11.06
C LYS D 160 18.66 36.89 -10.44
N ILE D 161 18.75 36.83 -9.12
CA ILE D 161 18.34 35.65 -8.36
C ILE D 161 17.20 36.05 -7.44
N TRP D 162 16.12 35.28 -7.47
CA TRP D 162 14.90 35.63 -6.75
C TRP D 162 14.52 34.51 -5.79
N GLN D 163 13.95 34.92 -4.66
CA GLN D 163 13.30 34.00 -3.75
C GLN D 163 11.88 33.72 -4.24
N PRO D 164 11.23 32.66 -3.72
CA PRO D 164 9.86 32.36 -4.18
C PRO D 164 8.88 33.49 -3.95
N ASN D 165 9.13 34.35 -2.97
CA ASN D 165 8.31 35.54 -2.77
C ASN D 165 8.78 36.71 -3.62
N PHE D 166 9.66 36.46 -4.59
CA PHE D 166 10.15 37.47 -5.54
C PHE D 166 10.90 38.58 -4.83
N SER D 167 11.85 38.18 -3.99
CA SER D 167 12.78 39.10 -3.35
C SER D 167 14.12 39.02 -4.08
N MET D 168 14.61 40.16 -4.54
CA MET D 168 15.87 40.22 -5.28
C MET D 168 17.02 40.11 -4.29
N VAL D 169 17.75 39.00 -4.36
CA VAL D 169 18.79 38.72 -3.37
C VAL D 169 20.20 38.78 -3.97
N LYS D 170 20.36 38.58 -5.27
CA LYS D 170 21.67 38.61 -5.90
C LYS D 170 21.57 39.30 -7.25
N GLU D 171 22.53 40.17 -7.55
CA GLU D 171 22.46 41.01 -8.74
C GLU D 171 23.15 40.36 -9.94
N ILE D 172 24.44 40.06 -9.80
CA ILE D 172 25.28 39.52 -10.87
C ILE D 172 25.17 40.41 -12.11
N ASP D 173 26.03 41.43 -12.18
CA ASP D 173 25.88 42.45 -13.21
C ASP D 173 26.39 41.98 -14.57
N ALA D 174 27.70 41.73 -14.68
CA ALA D 174 28.31 41.37 -15.95
C ALA D 174 28.41 39.85 -16.09
N ALA D 175 27.26 39.18 -16.00
CA ALA D 175 27.23 37.74 -16.18
C ALA D 175 27.62 37.35 -17.60
N HIS D 176 27.14 38.08 -18.59
CA HIS D 176 27.48 37.85 -19.99
C HIS D 176 27.60 39.19 -20.69
N THR D 177 28.44 39.23 -21.72
CA THR D 177 28.60 40.46 -22.49
C THR D 177 27.36 40.78 -23.31
N GLU D 178 26.60 39.76 -23.70
CA GLU D 178 25.42 39.93 -24.53
C GLU D 178 24.18 39.42 -23.78
N SER D 179 23.05 39.41 -24.48
CA SER D 179 21.77 39.07 -23.87
C SER D 179 21.72 37.61 -23.47
N ILE D 180 21.30 37.35 -22.22
CA ILE D 180 21.14 35.98 -21.76
C ILE D 180 20.04 35.30 -22.56
N ARG D 181 20.27 34.05 -22.94
CA ARG D 181 19.33 33.29 -23.75
C ARG D 181 18.65 32.17 -22.96
N ASP D 182 19.40 31.43 -22.15
CA ASP D 182 18.84 30.31 -21.42
C ASP D 182 19.62 30.11 -20.13
N MET D 183 18.98 29.44 -19.18
CA MET D 183 19.61 29.10 -17.92
C MET D 183 18.95 27.84 -17.37
N ALA D 184 19.78 26.90 -16.92
CA ALA D 184 19.29 25.63 -16.38
C ALA D 184 20.01 25.30 -15.09
N PHE D 185 19.25 24.78 -14.13
CA PHE D 185 19.80 24.39 -12.84
C PHE D 185 20.32 22.97 -12.89
N SER D 186 21.32 22.69 -12.05
CA SER D 186 21.79 21.33 -11.89
C SER D 186 20.76 20.52 -11.09
N SER D 187 20.95 19.21 -11.06
CA SER D 187 20.03 18.34 -10.33
C SER D 187 20.00 18.69 -8.85
N ASN D 188 21.16 18.91 -8.25
CA ASN D 188 21.23 19.21 -6.83
C ASN D 188 20.92 20.68 -6.53
N ASP D 189 20.93 21.54 -7.55
CA ASP D 189 20.60 22.97 -7.56
C ASP D 189 21.73 23.86 -7.04
N SER D 190 22.90 23.31 -6.71
CA SER D 190 24.01 24.16 -6.28
C SER D 190 24.75 24.80 -7.45
N LYS D 191 24.50 24.33 -8.68
CA LYS D 191 25.14 24.89 -9.86
C LYS D 191 24.07 25.16 -10.91
N PHE D 192 24.35 26.14 -11.78
CA PHE D 192 23.48 26.40 -12.91
C PHE D 192 24.31 26.93 -14.07
N VAL D 193 23.91 26.55 -15.28
CA VAL D 193 24.59 26.94 -16.50
C VAL D 193 23.77 27.99 -17.21
N THR D 194 24.45 29.01 -17.76
CA THR D 194 23.79 30.07 -18.49
C THR D 194 24.44 30.25 -19.85
N CYS D 195 23.64 30.55 -20.86
CA CYS D 195 24.11 30.84 -22.20
C CYS D 195 23.53 32.16 -22.66
N SER D 196 24.23 32.81 -23.58
CA SER D 196 23.84 34.13 -24.04
C SER D 196 24.11 34.25 -25.53
N ASP D 197 23.85 35.45 -26.07
CA ASP D 197 24.19 35.70 -27.47
C ASP D 197 25.70 35.60 -27.70
N ASP D 198 26.49 35.93 -26.69
CA ASP D 198 27.91 35.61 -26.72
C ASP D 198 28.08 34.10 -26.77
N ASN D 199 29.05 33.63 -27.56
CA ASN D 199 29.20 32.20 -27.81
C ASN D 199 29.91 31.50 -26.66
N ILE D 200 29.41 31.70 -25.44
CA ILE D 200 30.05 31.17 -24.24
C ILE D 200 28.98 30.67 -23.29
N LEU D 201 29.21 29.50 -22.71
CA LEU D 201 28.39 28.97 -21.62
C LEU D 201 29.19 29.01 -20.34
N LYS D 202 28.58 29.53 -19.28
CA LYS D 202 29.25 29.68 -17.99
C LYS D 202 28.54 28.86 -16.93
N ILE D 203 29.29 28.03 -16.22
CA ILE D 203 28.79 27.32 -15.05
C ILE D 203 28.97 28.22 -13.84
N TRP D 204 27.94 28.31 -13.00
CA TRP D 204 27.96 29.19 -11.85
C TRP D 204 27.72 28.38 -10.57
N ASN D 205 28.45 28.74 -9.52
CA ASN D 205 28.21 28.19 -8.20
C ASN D 205 27.11 29.00 -7.53
N PHE D 206 25.96 28.38 -7.29
CA PHE D 206 24.81 29.11 -6.75
C PHE D 206 25.04 29.59 -5.32
N SER D 207 25.93 28.93 -4.58
CA SER D 207 26.12 29.28 -3.17
C SER D 207 26.57 30.73 -3.01
N ASN D 208 27.53 31.17 -3.83
CA ASN D 208 28.06 32.52 -3.74
C ASN D 208 27.87 33.32 -5.02
N GLY D 209 27.29 32.74 -6.05
CA GLY D 209 27.13 33.44 -7.31
C GLY D 209 28.39 33.58 -8.12
N LYS D 210 29.47 32.91 -7.71
CA LYS D 210 30.73 33.01 -8.44
C LYS D 210 30.65 32.23 -9.74
N GLN D 211 31.47 32.64 -10.70
CA GLN D 211 31.51 32.02 -12.02
C GLN D 211 32.57 30.91 -12.03
N GLU D 212 32.14 29.70 -12.33
CA GLU D 212 33.04 28.56 -12.46
C GLU D 212 33.56 28.52 -13.91
N ARG D 213 34.12 27.39 -14.33
CA ARG D 213 34.75 27.26 -15.63
C ARG D 213 33.87 27.72 -16.78
N VAL D 214 34.50 28.08 -17.90
CA VAL D 214 33.81 28.57 -19.09
C VAL D 214 33.76 27.46 -20.13
N LEU D 215 32.57 27.20 -20.66
CA LEU D 215 32.37 26.16 -21.67
C LEU D 215 32.69 26.79 -23.03
N SER D 216 33.90 26.56 -23.51
CA SER D 216 34.40 27.23 -24.71
C SER D 216 34.18 26.38 -25.94
N GLY D 217 33.77 27.03 -27.03
CA GLY D 217 33.44 26.41 -28.28
C GLY D 217 32.27 27.13 -28.91
N HIS D 218 31.50 26.41 -29.73
CA HIS D 218 30.23 26.91 -30.25
C HIS D 218 30.42 28.22 -31.03
N HIS D 219 31.09 28.10 -32.18
CA HIS D 219 31.15 29.21 -33.12
C HIS D 219 29.76 29.83 -33.31
N TRP D 220 29.73 31.16 -33.34
CA TRP D 220 28.48 31.94 -33.42
C TRP D 220 27.62 31.77 -32.18
N ASP D 221 26.52 32.52 -32.12
CA ASP D 221 25.75 32.63 -30.88
C ASP D 221 25.17 31.29 -30.45
N VAL D 222 25.11 31.08 -29.14
CA VAL D 222 24.48 29.91 -28.54
C VAL D 222 23.09 30.31 -28.07
N LYS D 223 22.07 29.59 -28.53
CA LYS D 223 20.69 30.00 -28.32
C LYS D 223 20.01 29.35 -27.14
N SER D 224 20.38 28.12 -26.78
CA SER D 224 19.70 27.42 -25.70
C SER D 224 20.68 26.51 -24.97
N CYS D 225 20.36 26.22 -23.71
CA CYS D 225 21.16 25.32 -22.90
C CYS D 225 20.23 24.59 -21.94
N ASP D 226 20.68 23.41 -21.50
CA ASP D 226 19.88 22.61 -20.58
C ASP D 226 20.80 21.69 -19.79
N TRP D 227 20.43 21.45 -18.53
CA TRP D 227 21.13 20.53 -17.66
C TRP D 227 20.34 19.23 -17.56
N HIS D 228 21.04 18.11 -17.56
CA HIS D 228 20.38 16.81 -17.44
C HIS D 228 19.66 16.71 -16.10
N PRO D 229 18.47 16.13 -16.06
CA PRO D 229 17.69 16.11 -14.80
C PRO D 229 18.39 15.42 -13.65
N GLU D 230 19.20 14.39 -13.92
CA GLU D 230 19.94 13.70 -12.87
C GLU D 230 21.42 13.63 -13.13
N MET D 231 21.84 13.54 -14.38
CA MET D 231 23.25 13.38 -14.73
C MET D 231 23.94 14.74 -14.76
N GLY D 232 25.27 14.70 -14.68
CA GLY D 232 26.04 15.90 -14.89
C GLY D 232 26.35 16.06 -16.36
N LEU D 233 25.54 16.85 -17.05
CA LEU D 233 25.63 16.95 -18.50
C LEU D 233 24.93 18.23 -18.94
N ILE D 234 25.53 18.89 -19.93
CA ILE D 234 24.99 20.13 -20.49
C ILE D 234 24.75 19.92 -21.98
N ALA D 235 23.55 20.29 -22.43
CA ALA D 235 23.21 20.27 -23.84
C ALA D 235 23.02 21.71 -24.30
N SER D 236 23.66 22.06 -25.42
CA SER D 236 23.67 23.43 -25.91
C SER D 236 23.20 23.46 -27.36
N ALA D 237 22.63 24.60 -27.75
CA ALA D 237 22.18 24.84 -29.11
C ALA D 237 22.70 26.19 -29.56
N SER D 238 23.30 26.23 -30.75
CA SER D 238 23.96 27.44 -31.22
C SER D 238 23.67 27.65 -32.70
N LYS D 239 24.14 28.79 -33.22
CA LYS D 239 23.95 29.16 -34.61
C LYS D 239 24.86 28.39 -35.56
N ASP D 240 25.84 27.64 -35.05
CA ASP D 240 26.74 26.88 -35.89
C ASP D 240 26.15 25.55 -36.34
N ASN D 241 24.83 25.41 -36.25
CA ASN D 241 24.11 24.18 -36.62
C ASN D 241 24.56 22.99 -35.79
N LEU D 242 24.97 23.23 -34.55
CA LEU D 242 25.52 22.18 -33.69
C LEU D 242 24.78 22.12 -32.37
N VAL D 243 24.61 20.90 -31.88
CA VAL D 243 24.18 20.63 -30.52
C VAL D 243 25.31 19.89 -29.83
N LYS D 244 25.80 20.45 -28.72
CA LYS D 244 26.98 19.93 -28.05
C LYS D 244 26.61 19.41 -26.67
N LEU D 245 27.40 18.44 -26.20
CA LEU D 245 27.30 17.92 -24.85
C LEU D 245 28.56 18.30 -24.09
N TRP D 246 28.39 18.78 -22.87
CA TRP D 246 29.49 19.33 -22.08
C TRP D 246 29.68 18.56 -20.79
N ASP D 247 30.91 18.57 -20.29
CA ASP D 247 31.21 18.05 -18.97
C ASP D 247 31.17 19.22 -17.99
N PRO D 248 30.19 19.28 -17.09
CA PRO D 248 30.14 20.40 -16.14
C PRO D 248 31.35 20.48 -15.24
N ARG D 249 31.97 19.34 -14.90
CA ARG D 249 33.09 19.34 -13.98
C ARG D 249 34.36 19.86 -14.66
N SER D 250 34.59 19.49 -15.92
CA SER D 250 35.81 19.87 -16.62
C SER D 250 35.60 21.00 -17.63
N GLY D 251 34.39 21.17 -18.14
CA GLY D 251 34.13 22.18 -19.15
C GLY D 251 34.47 21.77 -20.56
N ASN D 252 34.91 20.52 -20.78
CA ASN D 252 35.28 20.06 -22.09
C ASN D 252 34.06 19.53 -22.84
N CYS D 253 33.91 19.91 -24.09
CA CYS D 253 32.85 19.36 -24.93
C CYS D 253 33.14 17.89 -25.20
N ILE D 254 32.15 17.04 -25.00
CA ILE D 254 32.33 15.61 -25.11
C ILE D 254 31.64 15.00 -26.33
N SER D 255 30.68 15.69 -26.93
CA SER D 255 29.99 15.16 -28.10
C SER D 255 29.32 16.31 -28.84
N SER D 256 29.28 16.19 -30.16
CA SER D 256 28.63 17.16 -31.02
C SER D 256 27.69 16.44 -31.97
N ILE D 257 26.52 17.03 -32.21
CA ILE D 257 25.51 16.44 -33.08
C ILE D 257 25.56 17.18 -34.42
N LEU D 258 26.08 16.51 -35.45
CA LEU D 258 26.24 17.11 -36.77
C LEU D 258 25.06 16.75 -37.67
N LYS D 259 23.86 17.12 -37.24
CA LYS D 259 22.65 16.75 -37.96
C LYS D 259 21.82 17.94 -38.42
N PHE D 260 21.71 18.97 -37.57
CA PHE D 260 20.91 20.16 -37.92
C PHE D 260 21.62 20.96 -39.02
N LYS D 261 20.88 21.40 -40.04
CA LYS D 261 21.46 22.14 -41.16
C LYS D 261 21.33 23.65 -40.99
N HIS D 262 20.76 24.09 -39.87
CA HIS D 262 20.63 25.54 -39.60
C HIS D 262 20.75 25.77 -38.10
N THR D 263 20.55 27.00 -37.63
CA THR D 263 20.73 27.31 -36.19
C THR D 263 19.77 26.48 -35.34
N VAL D 264 20.29 25.77 -34.33
CA VAL D 264 19.39 25.04 -33.40
C VAL D 264 18.86 26.07 -32.41
N LEU D 265 17.55 26.30 -32.38
CA LEU D 265 16.99 27.38 -31.54
C LEU D 265 16.85 26.92 -30.09
N LYS D 266 16.27 25.74 -29.86
CA LYS D 266 16.04 25.26 -28.51
C LYS D 266 16.50 23.82 -28.38
N THR D 267 16.86 23.44 -27.16
CA THR D 267 17.20 22.07 -26.83
C THR D 267 16.82 21.81 -25.39
N ARG D 268 16.18 20.67 -25.14
CA ARG D 268 15.70 20.34 -23.81
C ARG D 268 15.81 18.84 -23.58
N PHE D 269 16.16 18.48 -22.34
CA PHE D 269 16.09 17.10 -21.92
C PHE D 269 14.68 16.76 -21.47
N GLN D 270 14.39 15.47 -21.40
CA GLN D 270 13.12 15.03 -20.84
C GLN D 270 13.13 15.30 -19.34
N PRO D 271 12.20 16.09 -18.82
CA PRO D 271 12.33 16.57 -17.43
C PRO D 271 12.35 15.46 -16.38
N THR D 272 11.62 14.37 -16.60
CA THR D 272 11.48 13.36 -15.55
C THR D 272 12.66 12.40 -15.54
N LYS D 273 12.92 11.73 -16.67
CA LYS D 273 13.97 10.72 -16.75
C LYS D 273 15.21 11.19 -17.49
N GLY D 274 15.07 12.09 -18.46
CA GLY D 274 16.22 12.60 -19.17
C GLY D 274 16.82 11.67 -20.19
N ASN D 275 16.14 10.55 -20.51
CA ASN D 275 16.68 9.62 -21.49
C ASN D 275 16.60 10.17 -22.92
N LEU D 276 15.76 11.17 -23.15
CA LEU D 276 15.54 11.72 -24.48
C LEU D 276 15.95 13.19 -24.50
N LEU D 277 16.71 13.57 -25.51
CA LEU D 277 17.07 14.95 -25.76
C LEU D 277 16.50 15.39 -27.09
N MET D 278 15.74 16.48 -27.08
CA MET D 278 15.10 16.99 -28.29
C MET D 278 15.54 18.42 -28.55
N ALA D 279 15.80 18.73 -29.81
CA ALA D 279 16.22 20.11 -30.18
C ALA D 279 15.52 20.51 -31.49
N ILE D 280 15.09 21.78 -31.59
CA ILE D 280 14.44 22.28 -32.84
C ILE D 280 15.42 23.19 -33.57
N SER D 281 15.40 23.20 -34.90
CA SER D 281 16.35 24.01 -35.69
C SER D 281 15.60 24.92 -36.66
N LYS D 282 16.24 25.99 -37.13
CA LYS D 282 15.60 26.92 -38.09
C LYS D 282 15.54 26.23 -39.46
N ASP D 283 16.09 25.01 -39.56
CA ASP D 283 15.99 24.24 -40.83
C ASP D 283 14.60 23.61 -40.89
N LYS D 284 13.70 24.03 -40.00
CA LYS D 284 12.31 23.48 -39.97
C LYS D 284 12.35 21.97 -39.72
N SER D 285 13.12 21.54 -38.72
CA SER D 285 13.18 20.10 -38.38
C SER D 285 13.30 19.91 -36.86
N CYS D 286 12.52 18.98 -36.30
CA CYS D 286 12.63 18.67 -34.88
C CYS D 286 13.17 17.26 -34.75
N ARG D 287 14.23 17.11 -33.95
CA ARG D 287 14.90 15.82 -33.79
C ARG D 287 14.95 15.45 -32.32
N VAL D 288 14.59 14.21 -32.02
CA VAL D 288 14.65 13.67 -30.65
C VAL D 288 15.73 12.61 -30.62
N PHE D 289 16.66 12.75 -29.68
CA PHE D 289 17.81 11.86 -29.57
C PHE D 289 17.70 11.03 -28.30
N ASP D 290 17.98 9.72 -28.43
CA ASP D 290 18.04 8.83 -27.28
C ASP D 290 19.47 8.82 -26.78
N ILE D 291 19.72 9.49 -25.66
CA ILE D 291 21.07 9.62 -25.15
C ILE D 291 21.60 8.30 -24.60
N ARG D 292 20.72 7.31 -24.38
CA ARG D 292 21.17 6.04 -23.84
C ARG D 292 22.02 5.26 -24.84
N TYR D 293 21.71 5.37 -26.14
CA TYR D 293 22.39 4.59 -27.17
C TYR D 293 22.97 5.52 -28.24
N SER D 294 24.16 6.06 -27.96
CA SER D 294 25.01 6.72 -28.95
C SER D 294 24.25 7.77 -29.77
N MET D 295 23.53 8.64 -29.07
CA MET D 295 22.82 9.76 -29.70
C MET D 295 21.89 9.29 -30.82
N LYS D 296 21.17 8.20 -30.56
CA LYS D 296 20.35 7.60 -31.61
C LYS D 296 19.22 8.54 -32.03
N GLU D 297 19.02 8.64 -33.34
CA GLU D 297 17.96 9.46 -33.91
C GLU D 297 16.64 8.71 -33.80
N LEU D 298 15.72 9.22 -32.99
CA LEU D 298 14.43 8.57 -32.80
C LEU D 298 13.38 9.14 -33.75
N MET D 299 13.12 10.44 -33.66
CA MET D 299 12.13 11.11 -34.47
C MET D 299 12.78 12.29 -35.19
N CYS D 300 12.43 12.46 -36.46
CA CYS D 300 12.87 13.62 -37.25
C CYS D 300 11.65 14.10 -38.04
N VAL D 301 10.90 15.02 -37.47
CA VAL D 301 9.72 15.58 -38.11
C VAL D 301 10.07 16.92 -38.72
N ARG D 302 9.45 17.21 -39.86
CA ARG D 302 9.67 18.46 -40.58
C ARG D 302 8.32 19.12 -40.84
N ASP D 303 8.34 20.45 -40.92
CA ASP D 303 7.13 21.22 -41.14
C ASP D 303 7.41 22.31 -42.16
N GLU D 304 6.34 22.74 -42.84
CA GLU D 304 6.46 23.83 -43.80
C GLU D 304 6.63 25.18 -43.12
N THR D 305 6.44 25.25 -41.81
CA THR D 305 6.60 26.47 -41.05
C THR D 305 7.67 26.28 -39.98
N ASP D 306 8.31 27.37 -39.59
CA ASP D 306 9.43 27.30 -38.68
C ASP D 306 8.97 26.91 -37.27
N TYR D 307 9.67 25.95 -36.67
CA TYR D 307 9.47 25.66 -35.26
C TYR D 307 10.13 26.75 -34.42
N MET D 308 9.39 27.28 -33.45
CA MET D 308 9.87 28.40 -32.65
C MET D 308 10.32 27.98 -31.26
N THR D 309 9.53 27.18 -30.55
CA THR D 309 9.90 26.72 -29.23
C THR D 309 9.25 25.37 -28.99
N LEU D 310 9.78 24.65 -28.00
CA LEU D 310 9.31 23.31 -27.66
C LEU D 310 9.05 23.23 -26.16
N GLU D 311 8.37 22.16 -25.76
CA GLU D 311 8.10 21.92 -24.34
C GLU D 311 7.74 20.46 -24.16
N TRP D 312 8.50 19.76 -23.32
CA TRP D 312 8.15 18.39 -22.96
C TRP D 312 6.95 18.38 -22.02
N HIS D 313 6.20 17.29 -22.05
CA HIS D 313 5.12 17.12 -21.09
C HIS D 313 5.73 16.84 -19.71
N PRO D 314 5.24 17.49 -18.65
CA PRO D 314 5.90 17.33 -17.34
C PRO D 314 5.64 16.00 -16.68
N ILE D 315 4.60 15.27 -17.10
CA ILE D 315 4.19 14.03 -16.47
C ILE D 315 4.41 12.84 -17.38
N ASN D 316 3.86 12.88 -18.59
CA ASN D 316 3.94 11.77 -19.53
C ASN D 316 5.19 11.95 -20.40
N GLU D 317 6.11 11.01 -20.30
CA GLU D 317 7.23 10.98 -21.22
C GLU D 317 6.71 10.67 -22.62
N SER D 318 7.58 10.88 -23.61
CA SER D 318 7.32 10.63 -25.03
C SER D 318 6.32 11.61 -25.62
N MET D 319 5.77 12.52 -24.83
CA MET D 319 4.81 13.51 -25.32
C MET D 319 5.42 14.91 -25.17
N PHE D 320 5.32 15.70 -26.23
CA PHE D 320 5.84 17.05 -26.22
C PHE D 320 5.04 17.91 -27.18
N THR D 321 5.19 19.22 -27.06
CA THR D 321 4.49 20.19 -27.87
C THR D 321 5.48 21.08 -28.61
N LEU D 322 5.22 21.32 -29.88
CA LEU D 322 6.01 22.23 -30.70
C LEU D 322 5.17 23.43 -31.09
N ALA D 323 5.78 24.61 -31.01
CA ALA D 323 5.14 25.86 -31.40
C ALA D 323 5.77 26.37 -32.68
N CYS D 324 4.94 26.81 -33.62
CA CYS D 324 5.38 27.20 -34.94
C CYS D 324 5.22 28.71 -35.14
N TYR D 325 5.76 29.18 -36.25
CA TYR D 325 5.79 30.62 -36.55
C TYR D 325 4.40 31.15 -36.89
N ASP D 326 3.46 30.30 -37.28
CA ASP D 326 2.10 30.71 -37.62
C ASP D 326 1.11 30.27 -36.55
N GLY D 327 1.52 30.32 -35.28
CA GLY D 327 0.73 29.68 -34.25
C GLY D 327 0.85 28.19 -34.40
N SER D 328 -0.30 27.50 -34.51
CA SER D 328 -0.36 26.09 -34.87
C SER D 328 0.45 25.24 -33.89
N LEU D 329 -0.06 25.18 -32.66
CA LEU D 329 0.48 24.25 -31.68
C LEU D 329 0.38 22.82 -32.20
N LYS D 330 1.48 22.08 -32.08
CA LYS D 330 1.53 20.70 -32.54
C LYS D 330 1.96 19.81 -31.39
N HIS D 331 1.12 18.84 -31.04
CA HIS D 331 1.42 17.91 -29.96
C HIS D 331 1.84 16.57 -30.56
N PHE D 332 2.95 16.04 -30.07
CA PHE D 332 3.53 14.81 -30.59
C PHE D 332 3.53 13.73 -29.52
N ASP D 333 3.75 12.50 -29.97
CA ASP D 333 3.85 11.36 -29.07
C ASP D 333 4.83 10.37 -29.68
N LEU D 334 5.94 10.11 -28.98
CA LEU D 334 6.94 9.18 -29.49
C LEU D 334 6.36 7.79 -29.71
N LEU D 335 5.41 7.38 -28.87
CA LEU D 335 4.85 6.04 -28.91
C LEU D 335 3.63 5.92 -29.83
N GLN D 336 3.19 7.02 -30.43
CA GLN D 336 2.04 7.01 -31.33
C GLN D 336 2.42 7.27 -32.77
N ASN D 337 3.12 8.36 -33.04
CA ASN D 337 3.49 8.72 -34.42
C ASN D 337 4.86 9.38 -34.39
N LEU D 338 5.79 8.82 -35.16
CA LEU D 338 7.14 9.36 -35.26
C LEU D 338 7.32 10.29 -36.45
N ASN D 339 6.27 10.56 -37.21
CA ASN D 339 6.36 11.40 -38.39
C ASN D 339 5.43 12.60 -38.38
N GLU D 340 4.27 12.49 -37.73
CA GLU D 340 3.30 13.56 -37.71
C GLU D 340 2.81 13.78 -36.29
N PRO D 341 2.38 15.00 -35.96
CA PRO D 341 1.79 15.23 -34.63
C PRO D 341 0.48 14.46 -34.48
N ILE D 342 0.21 14.05 -33.24
CA ILE D 342 -1.05 13.37 -32.94
C ILE D 342 -2.21 14.34 -32.81
N LEU D 343 -1.94 15.64 -32.67
CA LEU D 343 -2.99 16.64 -32.58
C LEU D 343 -2.41 17.98 -32.99
N THR D 344 -3.09 18.68 -33.89
CA THR D 344 -2.67 19.98 -34.37
C THR D 344 -3.76 21.00 -34.08
N ILE D 345 -3.37 22.13 -33.47
CA ILE D 345 -4.27 23.25 -33.26
C ILE D 345 -3.84 24.36 -34.22
N PRO D 346 -4.28 24.34 -35.48
CA PRO D 346 -3.62 25.15 -36.51
C PRO D 346 -3.63 26.64 -36.24
N TYR D 347 -4.60 27.16 -35.50
CA TYR D 347 -4.72 28.58 -35.24
C TYR D 347 -4.79 28.86 -33.75
N ALA D 348 -3.88 28.22 -33.01
CA ALA D 348 -3.83 28.42 -31.56
C ALA D 348 -3.53 29.87 -31.22
N HIS D 349 -2.61 30.50 -31.95
CA HIS D 349 -2.26 31.88 -31.76
C HIS D 349 -2.32 32.62 -33.09
N ASP D 350 -2.59 33.92 -33.03
CA ASP D 350 -2.71 34.73 -34.23
C ASP D 350 -1.36 35.06 -34.86
N LYS D 351 -0.26 34.92 -34.11
CA LYS D 351 1.06 35.26 -34.60
C LYS D 351 2.05 34.22 -34.10
N CYS D 352 3.34 34.52 -34.24
CA CYS D 352 4.39 33.59 -33.84
C CYS D 352 4.34 33.33 -32.35
N ILE D 353 4.38 32.06 -31.96
CA ILE D 353 4.36 31.68 -30.57
C ILE D 353 5.79 31.73 -30.02
N THR D 354 5.98 32.44 -28.92
CA THR D 354 7.30 32.68 -28.37
C THR D 354 7.69 31.71 -27.26
N SER D 355 6.74 31.33 -26.40
CA SER D 355 7.08 30.50 -25.25
C SER D 355 5.91 29.60 -24.88
N LEU D 356 6.24 28.40 -24.42
CA LEU D 356 5.28 27.44 -23.90
C LEU D 356 5.65 27.11 -22.46
N SER D 357 4.66 26.70 -21.68
CA SER D 357 4.91 26.32 -20.29
C SER D 357 3.80 25.40 -19.82
N TYR D 358 4.14 24.13 -19.58
CA TYR D 358 3.21 23.21 -18.96
C TYR D 358 3.16 23.44 -17.45
N ASN D 359 1.97 23.35 -16.89
CA ASN D 359 1.84 23.39 -15.44
C ASN D 359 2.48 22.15 -14.83
N PRO D 360 3.19 22.28 -13.70
CA PRO D 360 3.74 21.09 -13.05
C PRO D 360 2.68 20.06 -12.70
N VAL D 361 1.48 20.51 -12.33
CA VAL D 361 0.38 19.57 -12.09
C VAL D 361 -0.05 18.92 -13.40
N GLY D 362 0.21 19.57 -14.53
CA GLY D 362 -0.05 18.98 -15.83
C GLY D 362 -1.45 19.17 -16.37
N HIS D 363 -2.29 19.96 -15.72
CA HIS D 363 -3.66 20.14 -16.15
C HIS D 363 -3.91 21.44 -16.88
N ILE D 364 -2.95 22.36 -16.90
CA ILE D 364 -3.07 23.62 -17.61
C ILE D 364 -1.82 23.80 -18.48
N PHE D 365 -2.03 24.17 -19.73
CA PHE D 365 -0.95 24.48 -20.66
C PHE D 365 -1.04 25.94 -21.04
N ALA D 366 0.06 26.68 -20.84
CA ALA D 366 0.10 28.11 -21.09
C ALA D 366 0.99 28.39 -22.30
N THR D 367 0.50 29.21 -23.21
CA THR D 367 1.24 29.60 -24.40
C THR D 367 1.20 31.12 -24.55
N ALA D 368 2.34 31.69 -24.93
CA ALA D 368 2.45 33.12 -25.20
C ALA D 368 3.01 33.32 -26.61
N ALA D 369 2.49 34.31 -27.31
CA ALA D 369 2.86 34.56 -28.70
C ALA D 369 3.15 36.04 -28.89
N LYS D 370 3.49 36.39 -30.13
CA LYS D 370 3.78 37.78 -30.49
C LYS D 370 2.53 38.63 -30.58
N ASP D 371 1.34 38.03 -30.51
CA ASP D 371 0.09 38.78 -30.48
C ASP D 371 -0.20 39.38 -29.11
N ARG D 372 0.78 39.38 -28.20
CA ARG D 372 0.68 40.00 -26.89
C ARG D 372 -0.44 39.38 -26.05
N THR D 373 -0.69 38.09 -26.22
CA THR D 373 -1.73 37.40 -25.47
C THR D 373 -1.17 36.10 -24.90
N ILE D 374 -1.63 35.75 -23.71
CA ILE D 374 -1.33 34.48 -23.08
C ILE D 374 -2.59 33.63 -23.13
N ARG D 375 -2.49 32.43 -23.70
CA ARG D 375 -3.63 31.55 -23.87
C ARG D 375 -3.41 30.28 -23.07
N PHE D 376 -4.43 29.90 -22.29
CA PHE D 376 -4.36 28.72 -21.44
C PHE D 376 -5.14 27.58 -22.07
N TRP D 377 -4.60 26.38 -21.93
CA TRP D 377 -5.18 25.19 -22.53
C TRP D 377 -5.35 24.12 -21.46
N THR D 378 -6.49 23.42 -21.50
CA THR D 378 -6.81 22.38 -20.53
C THR D 378 -7.13 21.10 -21.28
N ARG D 379 -7.34 20.03 -20.52
CA ARG D 379 -7.63 18.73 -21.11
C ARG D 379 -9.05 18.69 -21.66
N ALA D 380 -9.25 17.79 -22.63
CA ALA D 380 -10.55 17.68 -23.29
C ALA D 380 -11.59 17.11 -22.33
N ARG D 381 -12.85 17.44 -22.59
CA ARG D 381 -13.98 16.97 -21.81
C ARG D 381 -14.59 15.74 -22.46
N PRO D 382 -15.31 14.92 -21.69
CA PRO D 382 -15.89 13.69 -22.27
C PRO D 382 -16.82 13.96 -23.44
N ILE D 383 -17.61 15.02 -23.37
CA ILE D 383 -18.47 15.44 -24.48
C ILE D 383 -18.37 16.95 -24.59
N ASP D 384 -18.26 17.45 -25.82
CA ASP D 384 -18.13 18.88 -26.05
C ASP D 384 -18.60 19.23 -27.46
N PRO D 385 -19.68 20.01 -27.58
CA PRO D 385 -20.13 20.40 -28.93
C PRO D 385 -19.09 21.20 -29.70
N ASN D 386 -18.26 21.98 -29.03
CA ASN D 386 -17.28 22.84 -29.67
C ASN D 386 -15.88 22.24 -29.64
N ALA D 387 -15.77 20.95 -29.36
CA ALA D 387 -14.46 20.30 -29.31
C ALA D 387 -13.84 20.26 -30.71
N TYR D 388 -12.60 20.72 -30.81
CA TYR D 388 -11.86 20.74 -32.06
C TYR D 388 -12.57 21.56 -33.14
N ASP D 389 -13.42 22.48 -32.71
CA ASP D 389 -14.06 23.44 -33.61
C ASP D 389 -13.89 24.88 -33.16
N ASP D 390 -13.30 25.12 -31.98
CA ASP D 390 -13.00 26.46 -31.49
C ASP D 390 -12.29 27.27 -32.58
N PRO D 391 -12.47 28.60 -32.58
CA PRO D 391 -11.69 29.44 -33.50
C PRO D 391 -10.18 29.24 -33.43
N THR D 392 -9.71 28.46 -32.46
CA THR D 392 -8.33 28.01 -32.46
C THR D 392 -8.08 26.87 -33.44
N TYR D 393 -9.14 26.16 -33.84
CA TYR D 393 -9.01 25.07 -34.81
C TYR D 393 -9.42 25.48 -36.22
N ASN D 394 -10.38 26.39 -36.34
CA ASN D 394 -10.74 27.00 -37.62
C ASN D 394 -10.48 28.50 -37.50
N ASN D 395 -10.00 29.11 -38.60
CA ASN D 395 -9.45 30.46 -38.51
C ASN D 395 -10.54 31.52 -38.44
N LYS D 396 -11.77 31.11 -38.11
CA LYS D 396 -12.90 32.04 -38.01
C LYS D 396 -12.84 32.83 -36.71
N LYS D 397 -11.79 33.66 -36.61
CA LYS D 397 -11.59 34.51 -35.43
C LYS D 397 -12.16 35.90 -35.73
N ILE D 398 -13.47 36.03 -35.55
CA ILE D 398 -14.15 37.30 -35.78
C ILE D 398 -14.27 38.07 -34.48
N ASN D 399 -13.80 39.32 -34.48
CA ASN D 399 -13.81 40.21 -33.33
C ASN D 399 -13.40 39.50 -32.04
N GLY D 400 -14.11 39.80 -30.96
CA GLY D 400 -13.82 39.16 -29.68
C GLY D 400 -14.41 37.78 -29.57
N TRP D 401 -13.91 36.84 -30.38
CA TRP D 401 -14.41 35.48 -30.37
C TRP D 401 -14.14 34.77 -29.06
N PHE D 402 -13.18 35.23 -28.27
CA PHE D 402 -12.82 34.61 -27.01
C PHE D 402 -13.52 35.21 -25.80
N PHE D 403 -14.39 36.20 -26.02
CA PHE D 403 -15.04 36.86 -24.89
C PHE D 403 -15.90 35.90 -24.09
N GLY D 404 -16.68 35.06 -24.78
CA GLY D 404 -17.52 34.09 -24.09
C GLY D 404 -16.76 32.90 -23.58
N ILE D 405 -15.67 32.52 -24.27
CA ILE D 405 -14.84 31.42 -23.78
C ILE D 405 -14.16 31.82 -22.47
N ASN D 406 -13.77 33.08 -22.34
CA ASN D 406 -13.13 33.56 -21.12
C ASN D 406 -14.11 33.92 -20.02
N ASN D 407 -15.35 34.27 -20.37
CA ASN D 407 -16.36 34.67 -19.40
C ASN D 407 -17.29 33.53 -19.01
N ASP D 408 -17.17 32.37 -19.63
CA ASP D 408 -18.06 31.26 -19.31
C ASP D 408 -17.70 30.66 -17.95
N ILE D 409 -18.71 30.49 -17.09
CA ILE D 409 -18.49 29.88 -15.80
C ILE D 409 -18.19 28.39 -15.96
N ASN D 410 -18.92 27.72 -16.85
CA ASN D 410 -18.73 26.31 -17.11
C ASN D 410 -17.63 26.12 -18.15
N ALA D 411 -17.46 24.90 -18.64
CA ALA D 411 -16.39 24.57 -19.58
C ALA D 411 -16.89 24.07 -20.92
N VAL D 412 -17.96 23.27 -20.94
CA VAL D 412 -18.37 22.61 -22.17
C VAL D 412 -18.98 23.61 -23.15
N ARG D 413 -20.00 24.34 -22.70
CA ARG D 413 -20.72 25.34 -23.50
C ARG D 413 -21.49 24.70 -24.65
N GLU D 414 -22.55 25.37 -25.10
CA GLU D 414 -23.38 24.86 -26.19
C GLU D 414 -22.72 25.17 -27.54
N LYS D 415 -23.16 24.43 -28.55
CA LYS D 415 -22.62 24.61 -29.90
C LYS D 415 -22.93 26.00 -30.43
N SER D 416 -21.92 26.63 -31.01
CA SER D 416 -22.06 27.93 -31.65
C SER D 416 -21.71 27.81 -33.12
N GLU D 417 -21.66 28.95 -33.81
CA GLU D 417 -21.28 28.96 -35.22
C GLU D 417 -19.90 28.34 -35.41
N PHE D 418 -18.93 28.81 -34.63
CA PHE D 418 -17.61 28.18 -34.59
C PHE D 418 -17.13 28.10 -33.15
N GLY D 419 -17.82 28.81 -32.25
CA GLY D 419 -17.34 28.99 -30.90
C GLY D 419 -17.10 30.45 -30.63
N ALA D 420 -17.88 31.30 -31.31
CA ALA D 420 -17.67 32.74 -31.30
C ALA D 420 -18.19 33.37 -30.02
N ALA D 421 -18.26 34.70 -30.01
CA ALA D 421 -18.61 35.46 -28.81
C ALA D 421 -18.86 36.92 -29.18
N PRO D 422 -19.42 37.74 -28.28
CA PRO D 422 -19.57 39.16 -28.55
C PRO D 422 -18.58 40.03 -27.78
N ARG F 207 11.60 54.32 -22.60
CA ARG F 207 13.01 53.92 -22.57
C ARG F 207 13.52 53.91 -21.14
N ILE F 208 12.79 54.54 -20.23
CA ILE F 208 13.12 54.59 -18.82
C ILE F 208 12.00 53.93 -18.03
N ARG F 209 12.36 53.01 -17.15
CA ARG F 209 11.38 52.20 -16.44
C ARG F 209 10.90 52.93 -15.19
N ARG F 210 9.81 52.41 -14.61
CA ARG F 210 9.21 52.97 -13.42
C ARG F 210 9.15 51.90 -12.33
N THR F 211 9.46 52.30 -11.10
CA THR F 211 9.40 51.37 -9.97
C THR F 211 7.95 50.94 -9.75
N THR F 212 7.67 49.66 -9.99
CA THR F 212 6.31 49.14 -9.89
C THR F 212 6.13 48.21 -8.71
N GLY F 213 6.92 47.15 -8.62
CA GLY F 213 6.75 46.18 -7.54
C GLY F 213 7.74 46.33 -6.41
N ILE F 214 8.76 47.17 -6.60
CA ILE F 214 9.82 47.29 -5.60
C ILE F 214 9.28 48.05 -4.38
N PRO F 215 9.44 47.52 -3.17
CA PRO F 215 8.84 48.14 -1.98
C PRO F 215 9.53 49.40 -1.48
N LYS F 216 10.43 49.98 -2.27
CA LYS F 216 11.07 51.26 -1.98
C LYS F 216 12.09 51.15 -0.86
N LYS F 217 12.09 50.01 -0.17
CA LYS F 217 13.16 49.74 0.80
C LYS F 217 14.45 49.38 0.08
N PHE F 218 14.35 48.72 -1.07
CA PHE F 218 15.50 48.35 -1.89
C PHE F 218 15.77 49.34 -3.00
N LEU F 219 15.23 50.56 -2.90
CA LEU F 219 15.49 51.62 -3.85
C LEU F 219 16.42 52.64 -3.22
N LYS F 220 17.50 52.97 -3.93
CA LYS F 220 18.47 53.94 -3.46
C LYS F 220 18.59 55.06 -4.49
N SER F 221 18.63 56.30 -3.98
CA SER F 221 18.72 57.47 -4.84
C SER F 221 20.06 57.48 -5.56
N ILE F 222 20.03 57.28 -6.89
CA ILE F 222 21.26 57.27 -7.67
C ILE F 222 21.89 58.65 -7.71
N GLU F 223 21.08 59.71 -7.64
CA GLU F 223 21.55 61.09 -7.67
C GLU F 223 22.41 61.38 -8.90
N MET F 240 17.84 55.66 -15.53
CA MET F 240 17.79 54.22 -15.35
C MET F 240 16.39 53.76 -15.00
N ILE F 241 15.91 54.18 -13.83
CA ILE F 241 14.56 53.83 -13.37
C ILE F 241 14.14 54.87 -12.34
N THR F 242 12.92 55.37 -12.47
CA THR F 242 12.43 56.47 -11.65
C THR F 242 11.08 56.12 -11.04
N ASP F 243 10.75 56.80 -9.95
CA ASP F 243 9.47 56.62 -9.29
C ASP F 243 8.60 57.87 -9.36
N GLU F 244 9.10 59.02 -8.87
CA GLU F 244 8.39 60.29 -8.98
C GLU F 244 9.44 61.39 -9.08
N GLY F 245 9.83 61.71 -10.32
CA GLY F 245 10.84 62.73 -10.54
C GLY F 245 12.24 62.26 -10.24
N LYS F 246 12.49 61.91 -8.97
CA LYS F 246 13.81 61.43 -8.58
C LYS F 246 14.10 60.07 -9.18
N PHE F 247 15.35 59.87 -9.60
CA PHE F 247 15.79 58.61 -10.17
C PHE F 247 16.44 57.76 -9.09
N VAL F 248 16.09 56.48 -9.07
CA VAL F 248 16.57 55.53 -8.07
C VAL F 248 17.15 54.31 -8.79
N VAL F 249 17.60 53.35 -7.99
CA VAL F 249 18.11 52.08 -8.52
C VAL F 249 17.80 51.00 -7.50
N GLN F 250 17.52 49.80 -7.99
CA GLN F 250 17.17 48.69 -7.12
C GLN F 250 18.43 48.02 -6.58
N VAL F 251 18.47 47.82 -5.27
CA VAL F 251 19.60 47.17 -4.63
C VAL F 251 19.21 45.76 -4.21
N GLU F 252 20.19 44.97 -3.79
CA GLU F 252 19.93 43.61 -3.37
C GLU F 252 19.16 43.59 -2.06
N ASP F 253 18.68 42.40 -1.70
CA ASP F 253 18.24 42.14 -0.33
C ASP F 253 19.41 41.47 0.37
N LYS F 254 20.27 42.32 0.97
CA LYS F 254 21.47 41.80 1.63
C LYS F 254 21.11 40.86 2.76
N GLN F 255 20.07 41.19 3.53
CA GLN F 255 19.70 40.35 4.66
C GLN F 255 19.32 38.94 4.21
N SER F 256 18.55 38.83 3.12
CA SER F 256 18.07 37.52 2.69
C SER F 256 19.20 36.65 2.18
N TRP F 257 20.09 37.20 1.35
CA TRP F 257 21.19 36.40 0.80
C TRP F 257 22.15 35.97 1.90
N GLU F 258 22.51 36.89 2.80
CA GLU F 258 23.37 36.53 3.92
C GLU F 258 22.69 35.55 4.86
N ASP F 259 21.36 35.67 5.02
CA ASP F 259 20.63 34.68 5.80
C ASP F 259 20.73 33.30 5.16
N TYR F 260 20.64 33.24 3.83
CA TYR F 260 20.79 31.98 3.13
C TYR F 260 22.18 31.40 3.35
N GLN F 261 23.21 32.23 3.22
CA GLN F 261 24.58 31.76 3.46
C GLN F 261 24.75 31.26 4.89
N ARG F 262 24.16 31.96 5.86
CA ARG F 262 24.21 31.49 7.24
C ARG F 262 23.53 30.14 7.39
N LYS F 263 22.40 29.96 6.71
CA LYS F 263 21.67 28.70 6.80
C LYS F 263 22.41 27.55 6.11
N ARG F 264 23.24 27.84 5.11
CA ARG F 264 24.03 26.79 4.48
C ARG F 264 25.11 26.21 5.39
N GLU F 265 25.51 26.94 6.43
CA GLU F 265 26.53 26.45 7.34
C GLU F 265 25.99 25.30 8.19
N ASN F 266 26.90 24.50 8.72
CA ASN F 266 26.52 23.36 9.54
C ASN F 266 25.91 23.84 10.86
N ARG F 267 25.10 22.95 11.46
CA ARG F 267 24.34 23.25 12.68
C ARG F 267 23.37 24.38 12.35
N GLN F 268 23.44 25.52 13.02
CA GLN F 268 22.52 26.63 12.74
C GLN F 268 22.85 27.31 11.41
ZN ZN G . 4.95 41.93 4.78
ZN ZN H . 14.53 35.15 27.36
#